data_2WLB
# 
_entry.id   2WLB 
# 
_audit_conform.dict_name       mmcif_pdbx.dic 
_audit_conform.dict_version    5.382 
_audit_conform.dict_location   http://mmcif.pdb.org/dictionaries/ascii/mmcif_pdbx.dic 
# 
loop_
_database_2.database_id 
_database_2.database_code 
_database_2.pdbx_database_accession 
_database_2.pdbx_DOI 
PDB   2WLB         pdb_00002wlb 10.2210/pdb2wlb/pdb 
PDBE  EBI-34632    ?            ?                   
WWPDB D_1290034632 ?            ?                   
# 
_pdbx_database_status.status_code                     REL 
_pdbx_database_status.entry_id                        2WLB 
_pdbx_database_status.deposit_site                    PDBE 
_pdbx_database_status.process_site                    PDBE 
_pdbx_database_status.SG_entry                        . 
_pdbx_database_status.recvd_initial_deposition_date   2009-06-23 
_pdbx_database_status.pdb_format_compatible           Y 
_pdbx_database_status.status_code_sf                  REL 
_pdbx_database_status.status_code_mr                  ? 
_pdbx_database_status.status_code_cs                  ? 
_pdbx_database_status.methods_development_category    ? 
_pdbx_database_status.status_code_nmr_data            ? 
# 
loop_
_audit_author.name 
_audit_author.pdbx_ordinal 
_audit_author.identifier_ORCID 
'Mueller, J.J.' 1 ? 
'Hannemann, F.' 2 ? 
'Schiffler, B.' 3 ? 
'Bernhardt, R.' 4 ? 
'Heinemann, U.' 5 ? 
# 
_citation.id                        primary 
_citation.title                     
;Structural and Thermodynamic Characterization of the Adrenodoxin-Like Domain of the Electron-Transfer Protein Etp1 from Schizosaccharomyces Pombe.
;
_citation.journal_abbrev            J.Inorg.Biochem. 
_citation.journal_volume            105 
_citation.page_first                957 
_citation.page_last                 ? 
_citation.year                      2011 
_citation.journal_id_ASTM           JIBIDJ 
_citation.country                   US 
_citation.journal_id_ISSN           0162-0134 
_citation.journal_id_CSD            0525 
_citation.book_publisher            ? 
_citation.pdbx_database_id_PubMed   21536008 
_citation.pdbx_database_id_DOI      10.1016/J.JINORGBIO.2011.04.001 
# 
loop_
_citation_author.citation_id 
_citation_author.name 
_citation_author.ordinal 
_citation_author.identifier_ORCID 
primary 'Mueller, J.J.' 1 ? 
primary 'Hannemann, F.' 2 ? 
primary 'Schiffler, B.' 3 ? 
primary 'Ewen, K.M.'    4 ? 
primary 'Kappl, R.'     5 ? 
primary 'Heinemann, U.' 6 ? 
primary 'Bernhardt, R.' 7 ? 
# 
_cell.entry_id           2WLB 
_cell.length_a           81.965 
_cell.length_b           81.965 
_cell.length_c           68.289 
_cell.angle_alpha        90.00 
_cell.angle_beta         90.00 
_cell.angle_gamma        120.00 
_cell.Z_PDB              12 
_cell.pdbx_unique_axis   ? 
# 
_symmetry.entry_id                         2WLB 
_symmetry.space_group_name_H-M             'P 32 2 1' 
_symmetry.pdbx_full_space_group_name_H-M   ? 
_symmetry.cell_setting                     ? 
_symmetry.Int_Tables_number                154 
# 
loop_
_entity.id 
_entity.type 
_entity.src_method 
_entity.pdbx_description 
_entity.formula_weight 
_entity.pdbx_number_of_molecules 
_entity.pdbx_ec 
_entity.pdbx_mutation 
_entity.pdbx_fragment 
_entity.details 
1 polymer     man 'ELECTRON TRANSFER PROTEIN 1, MITOCHONDRIAL' 11306.626 2 ? ? 'ADRENODOXIN-LIKE DOMAIN, RESIDUES 516-618' ? 
2 non-polymer syn 'FE2/S2 (INORGANIC) CLUSTER'                 175.820   2 ? ? ?                                           ? 
3 water       nat water                                        18.015    2 ? ? ?                                           ? 
# 
_entity_name_com.entity_id   1 
_entity_name_com.name        ETP1-FD 
# 
_entity_poly.entity_id                      1 
_entity_poly.type                           'polypeptide(L)' 
_entity_poly.nstd_linkage                   no 
_entity_poly.nstd_monomer                   no 
_entity_poly.pdbx_seq_one_letter_code       
;GTGIKVFFVTPEGREIMIEGNEGDSILDLAHANNIDLEGACEGSVACSTCHVIVDPEHYELLDPPEEDEEDMLDLAFGLE
ETSRLGCQVLLRKDLDGIRVRIP
;
_entity_poly.pdbx_seq_one_letter_code_can   
;GTGIKVFFVTPEGREIMIEGNEGDSILDLAHANNIDLEGACEGSVACSTCHVIVDPEHYELLDPPEEDEEDMLDLAFGLE
ETSRLGCQVLLRKDLDGIRVRIP
;
_entity_poly.pdbx_strand_id                 A,B 
_entity_poly.pdbx_target_identifier         ? 
# 
loop_
_entity_poly_seq.entity_id 
_entity_poly_seq.num 
_entity_poly_seq.mon_id 
_entity_poly_seq.hetero 
1 1   GLY n 
1 2   THR n 
1 3   GLY n 
1 4   ILE n 
1 5   LYS n 
1 6   VAL n 
1 7   PHE n 
1 8   PHE n 
1 9   VAL n 
1 10  THR n 
1 11  PRO n 
1 12  GLU n 
1 13  GLY n 
1 14  ARG n 
1 15  GLU n 
1 16  ILE n 
1 17  MET n 
1 18  ILE n 
1 19  GLU n 
1 20  GLY n 
1 21  ASN n 
1 22  GLU n 
1 23  GLY n 
1 24  ASP n 
1 25  SER n 
1 26  ILE n 
1 27  LEU n 
1 28  ASP n 
1 29  LEU n 
1 30  ALA n 
1 31  HIS n 
1 32  ALA n 
1 33  ASN n 
1 34  ASN n 
1 35  ILE n 
1 36  ASP n 
1 37  LEU n 
1 38  GLU n 
1 39  GLY n 
1 40  ALA n 
1 41  CYS n 
1 42  GLU n 
1 43  GLY n 
1 44  SER n 
1 45  VAL n 
1 46  ALA n 
1 47  CYS n 
1 48  SER n 
1 49  THR n 
1 50  CYS n 
1 51  HIS n 
1 52  VAL n 
1 53  ILE n 
1 54  VAL n 
1 55  ASP n 
1 56  PRO n 
1 57  GLU n 
1 58  HIS n 
1 59  TYR n 
1 60  GLU n 
1 61  LEU n 
1 62  LEU n 
1 63  ASP n 
1 64  PRO n 
1 65  PRO n 
1 66  GLU n 
1 67  GLU n 
1 68  ASP n 
1 69  GLU n 
1 70  GLU n 
1 71  ASP n 
1 72  MET n 
1 73  LEU n 
1 74  ASP n 
1 75  LEU n 
1 76  ALA n 
1 77  PHE n 
1 78  GLY n 
1 79  LEU n 
1 80  GLU n 
1 81  GLU n 
1 82  THR n 
1 83  SER n 
1 84  ARG n 
1 85  LEU n 
1 86  GLY n 
1 87  CYS n 
1 88  GLN n 
1 89  VAL n 
1 90  LEU n 
1 91  LEU n 
1 92  ARG n 
1 93  LYS n 
1 94  ASP n 
1 95  LEU n 
1 96  ASP n 
1 97  GLY n 
1 98  ILE n 
1 99  ARG n 
1 100 VAL n 
1 101 ARG n 
1 102 ILE n 
1 103 PRO n 
# 
_entity_src_gen.entity_id                          1 
_entity_src_gen.pdbx_src_id                        1 
_entity_src_gen.pdbx_alt_source_flag               sample 
_entity_src_gen.pdbx_seq_type                      ? 
_entity_src_gen.pdbx_beg_seq_num                   ? 
_entity_src_gen.pdbx_end_seq_num                   ? 
_entity_src_gen.gene_src_common_name               'FISSION YEAST' 
_entity_src_gen.gene_src_genus                     ? 
_entity_src_gen.pdbx_gene_src_gene                 ? 
_entity_src_gen.gene_src_species                   ? 
_entity_src_gen.gene_src_strain                    ? 
_entity_src_gen.gene_src_tissue                    ? 
_entity_src_gen.gene_src_tissue_fraction           ? 
_entity_src_gen.gene_src_details                   ? 
_entity_src_gen.pdbx_gene_src_fragment             ? 
_entity_src_gen.pdbx_gene_src_scientific_name      'SCHIZOSACCHAROMYCES POMBE' 
_entity_src_gen.pdbx_gene_src_ncbi_taxonomy_id     4896 
_entity_src_gen.pdbx_gene_src_variant              ? 
_entity_src_gen.pdbx_gene_src_cell_line            ? 
_entity_src_gen.pdbx_gene_src_atcc                 38366/972 
_entity_src_gen.pdbx_gene_src_organ                ? 
_entity_src_gen.pdbx_gene_src_organelle            ? 
_entity_src_gen.pdbx_gene_src_cell                 ? 
_entity_src_gen.pdbx_gene_src_cellular_location    ? 
_entity_src_gen.host_org_common_name               ? 
_entity_src_gen.pdbx_host_org_scientific_name      'ESCHERICHIA COLI' 
_entity_src_gen.pdbx_host_org_ncbi_taxonomy_id     511693 
_entity_src_gen.host_org_genus                     ? 
_entity_src_gen.pdbx_host_org_gene                 ? 
_entity_src_gen.pdbx_host_org_organ                ? 
_entity_src_gen.host_org_species                   ? 
_entity_src_gen.pdbx_host_org_tissue               ? 
_entity_src_gen.pdbx_host_org_tissue_fraction      ? 
_entity_src_gen.pdbx_host_org_strain               BL21 
_entity_src_gen.pdbx_host_org_variant              ? 
_entity_src_gen.pdbx_host_org_cell_line            ? 
_entity_src_gen.pdbx_host_org_atcc                 ? 
_entity_src_gen.pdbx_host_org_culture_collection   ? 
_entity_src_gen.pdbx_host_org_cell                 ? 
_entity_src_gen.pdbx_host_org_organelle            ? 
_entity_src_gen.pdbx_host_org_cellular_location    ? 
_entity_src_gen.pdbx_host_org_vector_type          ? 
_entity_src_gen.pdbx_host_org_vector               PTRC99A 
_entity_src_gen.host_org_details                   ? 
_entity_src_gen.expression_system_id               ? 
_entity_src_gen.plasmid_name                       ? 
_entity_src_gen.plasmid_details                    ? 
_entity_src_gen.pdbx_description                   ? 
# 
_struct_ref.id                         1 
_struct_ref.db_name                    UNP 
_struct_ref.db_code                    ETP1_SCHPO 
_struct_ref.entity_id                  1 
_struct_ref.pdbx_seq_one_letter_code   ? 
_struct_ref.pdbx_align_begin           ? 
_struct_ref.pdbx_db_accession          Q10361 
_struct_ref.pdbx_db_isoform            ? 
# 
loop_
_struct_ref_seq.align_id 
_struct_ref_seq.ref_id 
_struct_ref_seq.pdbx_PDB_id_code 
_struct_ref_seq.pdbx_strand_id 
_struct_ref_seq.seq_align_beg 
_struct_ref_seq.pdbx_seq_align_beg_ins_code 
_struct_ref_seq.seq_align_end 
_struct_ref_seq.pdbx_seq_align_end_ins_code 
_struct_ref_seq.pdbx_db_accession 
_struct_ref_seq.db_align_beg 
_struct_ref_seq.pdbx_db_align_beg_ins_code 
_struct_ref_seq.db_align_end 
_struct_ref_seq.pdbx_db_align_end_ins_code 
_struct_ref_seq.pdbx_auth_seq_align_beg 
_struct_ref_seq.pdbx_auth_seq_align_end 
1 1 2WLB A 1 ? 103 ? Q10361 516 ? 618 ? 516 618 
2 1 2WLB B 1 ? 103 ? Q10361 516 ? 618 ? 516 618 
# 
loop_
_chem_comp.id 
_chem_comp.type 
_chem_comp.mon_nstd_flag 
_chem_comp.name 
_chem_comp.pdbx_synonyms 
_chem_comp.formula 
_chem_comp.formula_weight 
ALA 'L-peptide linking' y ALANINE                      ? 'C3 H7 N O2'     89.093  
ARG 'L-peptide linking' y ARGININE                     ? 'C6 H15 N4 O2 1' 175.209 
ASN 'L-peptide linking' y ASPARAGINE                   ? 'C4 H8 N2 O3'    132.118 
ASP 'L-peptide linking' y 'ASPARTIC ACID'              ? 'C4 H7 N O4'     133.103 
CYS 'L-peptide linking' y CYSTEINE                     ? 'C3 H7 N O2 S'   121.158 
FES non-polymer         . 'FE2/S2 (INORGANIC) CLUSTER' ? 'Fe2 S2'         175.820 
GLN 'L-peptide linking' y GLUTAMINE                    ? 'C5 H10 N2 O3'   146.144 
GLU 'L-peptide linking' y 'GLUTAMIC ACID'              ? 'C5 H9 N O4'     147.129 
GLY 'peptide linking'   y GLYCINE                      ? 'C2 H5 N O2'     75.067  
HIS 'L-peptide linking' y HISTIDINE                    ? 'C6 H10 N3 O2 1' 156.162 
HOH non-polymer         . WATER                        ? 'H2 O'           18.015  
ILE 'L-peptide linking' y ISOLEUCINE                   ? 'C6 H13 N O2'    131.173 
LEU 'L-peptide linking' y LEUCINE                      ? 'C6 H13 N O2'    131.173 
LYS 'L-peptide linking' y LYSINE                       ? 'C6 H15 N2 O2 1' 147.195 
MET 'L-peptide linking' y METHIONINE                   ? 'C5 H11 N O2 S'  149.211 
PHE 'L-peptide linking' y PHENYLALANINE                ? 'C9 H11 N O2'    165.189 
PRO 'L-peptide linking' y PROLINE                      ? 'C5 H9 N O2'     115.130 
SER 'L-peptide linking' y SERINE                       ? 'C3 H7 N O3'     105.093 
THR 'L-peptide linking' y THREONINE                    ? 'C4 H9 N O3'     119.119 
TYR 'L-peptide linking' y TYROSINE                     ? 'C9 H11 N O3'    181.189 
VAL 'L-peptide linking' y VALINE                       ? 'C5 H11 N O2'    117.146 
# 
_exptl.entry_id          2WLB 
_exptl.method            'X-RAY DIFFRACTION' 
_exptl.crystals_number   2 
# 
_exptl_crystal.id                    1 
_exptl_crystal.density_meas          ? 
_exptl_crystal.density_Matthews      2.83 
_exptl_crystal.density_percent_sol   56.6 
_exptl_crystal.description           NONE 
_exptl_crystal.preparation           ? 
# 
_exptl_crystal_grow.crystal_id      1 
_exptl_crystal_grow.method          'VAPOR DIFFUSION, SITTING DROP' 
_exptl_crystal_grow.temp            277 
_exptl_crystal_grow.temp_details    ? 
_exptl_crystal_grow.pH              7.4 
_exptl_crystal_grow.pdbx_pH_range   ? 
_exptl_crystal_grow.pdbx_details    
;VAPOUR DIFFUSION, SITTING DROP, 4 DEGR. CENTIGRADE. RESERVOIR: 0.04M HEPES,1.8M NA-CITRATE, 3% GLYCEROL,PH7.0. PROTEIN SOLUTION: 18.4MG/ML PROTEIN, 20MM POTASSIUMPHOSPHATE,PH7.4. 0.3 PLUS 0.3 MICROLITER DROPLET.
;
# 
_diffrn.id                               1 
_diffrn.ambient_temp                     278 
_diffrn.ambient_temp_details             ? 
_diffrn.crystal_id                       1 
_diffrn.pdbx_serial_crystal_experiment   ? 
# 
_diffrn_detector.diffrn_id              1 
_diffrn_detector.detector               'IMAGE PLATE' 
_diffrn_detector.type                   'MAR scanner 345 mm plate' 
_diffrn_detector.pdbx_collection_date   2004-04-06 
_diffrn_detector.details                ? 
# 
_diffrn_radiation.diffrn_id                        1 
_diffrn_radiation.wavelength_id                    1 
_diffrn_radiation.pdbx_monochromatic_or_laue_m_l   M 
_diffrn_radiation.monochromator                    'OSMIC MIRROR' 
_diffrn_radiation.pdbx_diffrn_protocol             'SINGLE WAVELENGTH' 
_diffrn_radiation.pdbx_scattering_type             x-ray 
# 
_diffrn_radiation_wavelength.id           1 
_diffrn_radiation_wavelength.wavelength   1.5418 
_diffrn_radiation_wavelength.wt           1.0 
# 
_diffrn_source.diffrn_id                   1 
_diffrn_source.source                      'ROTATING ANODE' 
_diffrn_source.type                        'RIGAKU RU H2B' 
_diffrn_source.pdbx_synchrotron_site       ? 
_diffrn_source.pdbx_synchrotron_beamline   ? 
_diffrn_source.pdbx_wavelength             1.5418 
_diffrn_source.pdbx_wavelength_list        ? 
# 
_reflns.pdbx_diffrn_id               1 
_reflns.pdbx_ordinal                 1 
_reflns.entry_id                     2WLB 
_reflns.observed_criterion_sigma_I   . 
_reflns.observed_criterion_sigma_F   ? 
_reflns.d_resolution_low             20.00 
_reflns.d_resolution_high            2.60 
_reflns.number_obs                   8006 
_reflns.number_all                   ? 
_reflns.percent_possible_obs         99.5 
_reflns.pdbx_Rmerge_I_obs            0.11 
_reflns.pdbx_Rsym_value              ? 
_reflns.pdbx_netI_over_sigmaI        8.50 
_reflns.B_iso_Wilson_estimate        56.10 
_reflns.pdbx_redundancy              3.4 
_reflns.pdbx_CC_half                 ? 
_reflns.pdbx_Rpim_I_all              ? 
_reflns.pdbx_Rrim_I_all              ? 
# 
_reflns_shell.pdbx_diffrn_id         1 
_reflns_shell.pdbx_ordinal           1 
_reflns_shell.d_res_high             2.60 
_reflns_shell.d_res_low              2.78 
_reflns_shell.percent_possible_all   92.4 
_reflns_shell.Rmerge_I_obs           0.51 
_reflns_shell.pdbx_Rsym_value        ? 
_reflns_shell.meanI_over_sigI_obs    3.40 
_reflns_shell.pdbx_redundancy        3.5 
_reflns_shell.number_measured_obs    ? 
_reflns_shell.number_unique_all      ? 
_reflns_shell.number_unique_obs      ? 
_reflns_shell.pdbx_CC_half           ? 
_reflns_shell.pdbx_Rpim_I_all        ? 
_reflns_shell.pdbx_Rrim_I_all        ? 
# 
_refine.pdbx_refine_id                           'X-RAY DIFFRACTION' 
_refine.entry_id                                 2WLB 
_refine.pdbx_diffrn_id                           1 
_refine.pdbx_TLS_residual_ADP_flag               ? 
_refine.ls_number_reflns_obs                     8006 
_refine.ls_number_reflns_all                     ? 
_refine.pdbx_ls_sigma_I                          ? 
_refine.pdbx_ls_sigma_F                          ? 
_refine.pdbx_data_cutoff_high_absF               ? 
_refine.pdbx_data_cutoff_low_absF                ? 
_refine.pdbx_data_cutoff_high_rms_absF           ? 
_refine.ls_d_res_low                             20.00 
_refine.ls_d_res_high                            2.60 
_refine.ls_percent_reflns_obs                    99.5 
_refine.ls_R_factor_obs                          0.184 
_refine.ls_R_factor_all                          ? 
_refine.ls_R_factor_R_work                       0.182 
_refine.ls_R_factor_R_free                       0.235 
_refine.ls_R_factor_R_free_error                 ? 
_refine.ls_R_factor_R_free_error_details         ? 
_refine.ls_percent_reflns_R_free                 4.600 
_refine.ls_number_reflns_R_free                  390 
_refine.ls_number_parameters                     ? 
_refine.ls_number_restraints                     ? 
_refine.occupancy_min                            ? 
_refine.occupancy_max                            ? 
_refine.correlation_coeff_Fo_to_Fc               0.962 
_refine.correlation_coeff_Fo_to_Fc_free          0.935 
_refine.B_iso_mean                               45.15 
_refine.aniso_B[1][1]                            0.31000 
_refine.aniso_B[2][2]                            0.31000 
_refine.aniso_B[3][3]                            -0.47000 
_refine.aniso_B[1][2]                            0.16000 
_refine.aniso_B[1][3]                            0.00000 
_refine.aniso_B[2][3]                            0.00000 
_refine.solvent_model_details                    'BABINET MODEL WITH MASK' 
_refine.solvent_model_param_ksol                 ? 
_refine.solvent_model_param_bsol                 ? 
_refine.pdbx_solvent_vdw_probe_radii             1.20 
_refine.pdbx_solvent_ion_probe_radii             0.80 
_refine.pdbx_solvent_shrinkage_radii             0.80 
_refine.pdbx_ls_cross_valid_method               THROUGHOUT 
_refine.details                                  'HYDROGENS HAVE BEEN ADDED IN THE RIDING POSITIONS.' 
_refine.pdbx_starting_model                      'PDB ENTRIES 1E6E,1AYF,1L6V,2BT6' 
_refine.pdbx_method_to_determine_struct          'MOLECULAR REPLACEMENT' 
_refine.pdbx_isotropic_thermal_model             ? 
_refine.pdbx_stereochemistry_target_values       'MAXIMUM LIKELIHOOD' 
_refine.pdbx_stereochem_target_val_spec_case     ? 
_refine.pdbx_R_Free_selection_details            RANDOM 
_refine.pdbx_overall_ESU_R                       0.463 
_refine.pdbx_overall_ESU_R_Free                  0.276 
_refine.overall_SU_ML                            0.203 
_refine.pdbx_overall_phase_error                 ? 
_refine.overall_SU_B                             10.626 
_refine.overall_SU_R_Cruickshank_DPI             ? 
_refine.pdbx_overall_SU_R_free_Cruickshank_DPI   ? 
_refine.pdbx_overall_SU_R_Blow_DPI               ? 
_refine.pdbx_overall_SU_R_free_Blow_DPI          ? 
# 
_refine_hist.pdbx_refine_id                   'X-RAY DIFFRACTION' 
_refine_hist.cycle_id                         LAST 
_refine_hist.pdbx_number_atoms_protein        1567 
_refine_hist.pdbx_number_atoms_nucleic_acid   0 
_refine_hist.pdbx_number_atoms_ligand         8 
_refine_hist.number_atoms_solvent             2 
_refine_hist.number_atoms_total               1577 
_refine_hist.d_res_high                       2.60 
_refine_hist.d_res_low                        20.00 
# 
loop_
_refine_ls_restr.type 
_refine_ls_restr.dev_ideal 
_refine_ls_restr.dev_ideal_target 
_refine_ls_restr.weight 
_refine_ls_restr.number 
_refine_ls_restr.pdbx_refine_id 
_refine_ls_restr.pdbx_restraint_function 
r_bond_refined_d             0.012  0.022  ? 1597 'X-RAY DIFFRACTION' ? 
r_bond_other_d               0.002  0.020  ? 1056 'X-RAY DIFFRACTION' ? 
r_angle_refined_deg          1.453  2.002  ? 2161 'X-RAY DIFFRACTION' ? 
r_angle_other_deg            0.915  3.000  ? 2597 'X-RAY DIFFRACTION' ? 
r_dihedral_angle_1_deg       5.593  5.000  ? 202  'X-RAY DIFFRACTION' ? 
r_dihedral_angle_2_deg       41.132 25.750 ? 80   'X-RAY DIFFRACTION' ? 
r_dihedral_angle_3_deg       18.903 15.000 ? 275  'X-RAY DIFFRACTION' ? 
r_dihedral_angle_4_deg       13.795 15.000 ? 10   'X-RAY DIFFRACTION' ? 
r_chiral_restr               0.077  0.200  ? 246  'X-RAY DIFFRACTION' ? 
r_gen_planes_refined         0.004  0.020  ? 1800 'X-RAY DIFFRACTION' ? 
r_gen_planes_other           0.002  0.020  ? 282  'X-RAY DIFFRACTION' ? 
r_nbd_refined                0.215  0.200  ? 365  'X-RAY DIFFRACTION' ? 
r_nbd_other                  0.202  0.200  ? 1138 'X-RAY DIFFRACTION' ? 
r_nbtor_refined              0.184  0.200  ? 823  'X-RAY DIFFRACTION' ? 
r_nbtor_other                0.090  0.200  ? 901  'X-RAY DIFFRACTION' ? 
r_xyhbond_nbd_refined        0.147  0.200  ? 37   'X-RAY DIFFRACTION' ? 
r_xyhbond_nbd_other          ?      ?      ? ?    'X-RAY DIFFRACTION' ? 
r_metal_ion_refined          ?      ?      ? ?    'X-RAY DIFFRACTION' ? 
r_metal_ion_other            ?      ?      ? ?    'X-RAY DIFFRACTION' ? 
r_symmetry_vdw_refined       0.200  0.200  ? 11   'X-RAY DIFFRACTION' ? 
r_symmetry_vdw_other         0.310  0.200  ? 24   'X-RAY DIFFRACTION' ? 
r_symmetry_hbond_refined     0.147  0.200  ? 4    'X-RAY DIFFRACTION' ? 
r_symmetry_hbond_other       ?      ?      ? ?    'X-RAY DIFFRACTION' ? 
r_symmetry_metal_ion_refined ?      ?      ? ?    'X-RAY DIFFRACTION' ? 
r_symmetry_metal_ion_other   ?      ?      ? ?    'X-RAY DIFFRACTION' ? 
r_mcbond_it                  3.230  2.000  ? 1300 'X-RAY DIFFRACTION' ? 
r_mcbond_other               ?      ?      ? ?    'X-RAY DIFFRACTION' ? 
r_mcangle_it                 3.930  3.000  ? 1630 'X-RAY DIFFRACTION' ? 
r_mcangle_other              ?      ?      ? ?    'X-RAY DIFFRACTION' ? 
r_scbond_it                  6.760  4.500  ? 619  'X-RAY DIFFRACTION' ? 
r_scbond_other               ?      ?      ? ?    'X-RAY DIFFRACTION' ? 
r_scangle_it                 9.292  6.000  ? 527  'X-RAY DIFFRACTION' ? 
r_scangle_other              ?      ?      ? ?    'X-RAY DIFFRACTION' ? 
r_long_range_B_refined       ?      ?      ? ?    'X-RAY DIFFRACTION' ? 
r_long_range_B_other         ?      ?      ? ?    'X-RAY DIFFRACTION' ? 
r_rigid_bond_restr           ?      ?      ? ?    'X-RAY DIFFRACTION' ? 
r_sphericity_free            ?      ?      ? ?    'X-RAY DIFFRACTION' ? 
r_sphericity_bonded          ?      ?      ? ?    'X-RAY DIFFRACTION' ? 
# 
loop_
_refine_ls_restr_ncs.dom_id 
_refine_ls_restr_ncs.pdbx_auth_asym_id 
_refine_ls_restr_ncs.pdbx_number 
_refine_ls_restr_ncs.rms_dev_position 
_refine_ls_restr_ncs.weight_position 
_refine_ls_restr_ncs.pdbx_type 
_refine_ls_restr_ncs.pdbx_ens_id 
_refine_ls_restr_ncs.pdbx_ordinal 
_refine_ls_restr_ncs.pdbx_refine_id 
_refine_ls_restr_ncs.ncs_model_details 
_refine_ls_restr_ncs.rms_dev_B_iso 
_refine_ls_restr_ncs.weight_B_iso 
_refine_ls_restr_ncs.pdbx_asym_id 
_refine_ls_restr_ncs.pdbx_rms 
_refine_ls_restr_ncs.pdbx_weight 
1 A 812 0.04 0.05 'tight positional' 1 1 'X-RAY DIFFRACTION' ? ? ? ? ? ? 
2 B 812 0.04 0.05 'tight positional' 1 2 'X-RAY DIFFRACTION' ? ? ? ? ? ? 
1 A 812 0.10 0.50 'tight thermal'    1 3 'X-RAY DIFFRACTION' ? ? ? ? ? ? 
2 B 812 0.10 0.50 'tight thermal'    1 4 'X-RAY DIFFRACTION' ? ? ? ? ? ? 
# 
_refine_ls_shell.pdbx_refine_id                   'X-RAY DIFFRACTION' 
_refine_ls_shell.pdbx_total_number_of_bins_used   15 
_refine_ls_shell.d_res_high                       2.60 
_refine_ls_shell.d_res_low                        2.69 
_refine_ls_shell.number_reflns_R_work             745 
_refine_ls_shell.R_factor_R_work                  0.3480 
_refine_ls_shell.percent_reflns_obs               ? 
_refine_ls_shell.R_factor_R_free                  0.3890 
_refine_ls_shell.R_factor_R_free_error            ? 
_refine_ls_shell.percent_reflns_R_free            ? 
_refine_ls_shell.number_reflns_R_free             47 
_refine_ls_shell.number_reflns_all                ? 
_refine_ls_shell.R_factor_all                     ? 
_refine_ls_shell.R_factor_obs                     ? 
_refine_ls_shell.number_reflns_obs                ? 
# 
loop_
_struct_ncs_oper.id 
_struct_ncs_oper.code 
_struct_ncs_oper.details 
_struct_ncs_oper.matrix[1][1] 
_struct_ncs_oper.matrix[1][2] 
_struct_ncs_oper.matrix[1][3] 
_struct_ncs_oper.matrix[2][1] 
_struct_ncs_oper.matrix[2][2] 
_struct_ncs_oper.matrix[2][3] 
_struct_ncs_oper.matrix[3][1] 
_struct_ncs_oper.matrix[3][2] 
_struct_ncs_oper.matrix[3][3] 
_struct_ncs_oper.vector[1] 
_struct_ncs_oper.vector[2] 
_struct_ncs_oper.vector[3] 
1 given ? -0.64066381 -0.16874711 -0.74903470 -0.11057558 0.98566849 -0.12752932 0.75978072 0.00111667 -0.65020467 5.37910 -17.50800 -7.77527 
2 given ? -0.64066381 -0.16874711 -0.74903470 -0.11057558 0.98566849 -0.12752932 0.75978072 0.00111667 -0.65020467 5.37910 -17.50800 -7.77527 
3 given ? -0.64066381 -0.16874711 -0.74903470 -0.11057558 0.98566849 -0.12752932 0.75978072 0.00111667 -0.65020467 5.37910 -17.50800 -7.77527 
4 given ? -0.64066381 -0.16874711 -0.74903470 -0.11057558 0.98566849 -0.12752932 0.75978072 0.00111667 -0.65020467 5.37910 -17.50800 -7.77527 
# 
loop_
_struct_ncs_dom.id 
_struct_ncs_dom.details 
_struct_ncs_dom.pdbx_ens_id 
1 A 1 
2 B 1 
# 
loop_
_struct_ncs_dom_lim.dom_id 
_struct_ncs_dom_lim.beg_auth_asym_id 
_struct_ncs_dom_lim.beg_auth_seq_id 
_struct_ncs_dom_lim.end_auth_asym_id 
_struct_ncs_dom_lim.end_auth_seq_id 
_struct_ncs_dom_lim.pdbx_component_id 
_struct_ncs_dom_lim.pdbx_refine_code 
_struct_ncs_dom_lim.beg_label_asym_id 
_struct_ncs_dom_lim.beg_label_comp_id 
_struct_ncs_dom_lim.beg_label_seq_id 
_struct_ncs_dom_lim.beg_label_alt_id 
_struct_ncs_dom_lim.end_label_asym_id 
_struct_ncs_dom_lim.end_label_comp_id 
_struct_ncs_dom_lim.end_label_seq_id 
_struct_ncs_dom_lim.end_label_alt_id 
_struct_ncs_dom_lim.pdbx_ens_id 
_struct_ncs_dom_lim.selection_details 
_struct_ncs_dom_lim.beg_auth_comp_id 
_struct_ncs_dom_lim.end_auth_comp_id 
1 A 29  A 45  1 1 ? ? ? ? ? ? ? ? 1 ? ? ? 
2 B 29  B 45  1 1 ? ? ? ? ? ? ? ? 1 ? ? ? 
1 A 56  A 81  2 1 ? ? ? ? ? ? ? ? 1 ? ? ? 
2 B 56  B 81  2 1 ? ? ? ? ? ? ? ? 1 ? ? ? 
1 A 89  A 104 3 1 ? ? ? ? ? ? ? ? 1 ? ? ? 
2 B 89  B 104 3 1 ? ? ? ? ? ? ? ? 1 ? ? ? 
1 A 111 A 114 4 1 ? ? ? ? ? ? ? ? 1 ? ? ? 
2 B 111 B 114 4 1 ? ? ? ? ? ? ? ? 1 ? ? ? 
# 
_struct_ncs_ens.id        1 
_struct_ncs_ens.details   ? 
# 
_struct.entry_id                  2WLB 
_struct.title                     'Adrenodoxin-like ferredoxin Etp1fd(516-618) of Schizosaccharomyces pombe mitochondria' 
_struct.pdbx_model_details        ? 
_struct.pdbx_CASP_flag            ? 
_struct.pdbx_model_type_details   ? 
# 
_struct_keywords.entry_id        2WLB 
_struct_keywords.pdbx_keywords   'ELECTRON TRANSPORT' 
_struct_keywords.text            
'IRON-SULFUR, MITOCHONDRIA, IRON, TRANSPORT, FERREDOXIN, ADRENODOXIN-LIKE, ELECTRON TRANSPORT, METAL-BINDING' 
# 
loop_
_struct_asym.id 
_struct_asym.pdbx_blank_PDB_chainid_flag 
_struct_asym.pdbx_modified 
_struct_asym.entity_id 
_struct_asym.details 
A N N 1 ? 
B N N 1 ? 
C N N 2 ? 
D N N 2 ? 
E N N 3 ? 
# 
loop_
_struct_conf.conf_type_id 
_struct_conf.id 
_struct_conf.pdbx_PDB_helix_id 
_struct_conf.beg_label_comp_id 
_struct_conf.beg_label_asym_id 
_struct_conf.beg_label_seq_id 
_struct_conf.pdbx_beg_PDB_ins_code 
_struct_conf.end_label_comp_id 
_struct_conf.end_label_asym_id 
_struct_conf.end_label_seq_id 
_struct_conf.pdbx_end_PDB_ins_code 
_struct_conf.beg_auth_comp_id 
_struct_conf.beg_auth_asym_id 
_struct_conf.beg_auth_seq_id 
_struct_conf.end_auth_comp_id 
_struct_conf.end_auth_asym_id 
_struct_conf.end_auth_seq_id 
_struct_conf.pdbx_PDB_helix_class 
_struct_conf.details 
_struct_conf.pdbx_PDB_helix_length 
HELX_P HELX_P1 1 SER A 25 ? ASN A 33 ? SER A 540 ASN A 548 1 ? 9  
HELX_P HELX_P2 2 ASP A 55 ? LEU A 62 ? ASP A 570 LEU A 577 1 ? 8  
HELX_P HELX_P3 3 GLU A 66 ? ASP A 74 ? GLU A 581 ASP A 589 1 ? 9  
HELX_P HELX_P4 4 ARG A 92 ? ASP A 96 ? ARG A 607 ASP A 611 5 ? 5  
HELX_P HELX_P5 5 SER B 25 ? ASN B 33 ? SER B 540 ASN B 548 1 ? 9  
HELX_P HELX_P6 6 ASP B 55 ? LEU B 62 ? ASP B 570 LEU B 577 1 ? 8  
HELX_P HELX_P7 7 GLU B 66 ? LEU B 75 ? GLU B 581 LEU B 590 1 ? 10 
HELX_P HELX_P8 8 ARG B 92 ? ASP B 96 ? ARG B 607 ASP B 611 5 ? 5  
# 
_struct_conf_type.id          HELX_P 
_struct_conf_type.criteria    ? 
_struct_conf_type.reference   ? 
# 
loop_
_struct_conn.id 
_struct_conn.conn_type_id 
_struct_conn.pdbx_leaving_atom_flag 
_struct_conn.pdbx_PDB_id 
_struct_conn.ptnr1_label_asym_id 
_struct_conn.ptnr1_label_comp_id 
_struct_conn.ptnr1_label_seq_id 
_struct_conn.ptnr1_label_atom_id 
_struct_conn.pdbx_ptnr1_label_alt_id 
_struct_conn.pdbx_ptnr1_PDB_ins_code 
_struct_conn.pdbx_ptnr1_standard_comp_id 
_struct_conn.ptnr1_symmetry 
_struct_conn.ptnr2_label_asym_id 
_struct_conn.ptnr2_label_comp_id 
_struct_conn.ptnr2_label_seq_id 
_struct_conn.ptnr2_label_atom_id 
_struct_conn.pdbx_ptnr2_label_alt_id 
_struct_conn.pdbx_ptnr2_PDB_ins_code 
_struct_conn.ptnr1_auth_asym_id 
_struct_conn.ptnr1_auth_comp_id 
_struct_conn.ptnr1_auth_seq_id 
_struct_conn.ptnr2_auth_asym_id 
_struct_conn.ptnr2_auth_comp_id 
_struct_conn.ptnr2_auth_seq_id 
_struct_conn.ptnr2_symmetry 
_struct_conn.pdbx_ptnr3_label_atom_id 
_struct_conn.pdbx_ptnr3_label_seq_id 
_struct_conn.pdbx_ptnr3_label_comp_id 
_struct_conn.pdbx_ptnr3_label_asym_id 
_struct_conn.pdbx_ptnr3_label_alt_id 
_struct_conn.pdbx_ptnr3_PDB_ins_code 
_struct_conn.details 
_struct_conn.pdbx_dist_value 
_struct_conn.pdbx_value_order 
_struct_conn.pdbx_role 
metalc1 metalc ? ? A CYS 41 SG ? ? ? 1_555 C FES . FE2 ? ? A CYS 556 A FES 619 1_555 ? ? ? ? ? ? ? 2.436 ? ? 
metalc2 metalc ? ? A CYS 47 SG ? ? ? 1_555 C FES . FE2 ? ? A CYS 562 A FES 619 1_555 ? ? ? ? ? ? ? 2.254 ? ? 
metalc3 metalc ? ? A CYS 50 SG ? ? ? 1_555 C FES . FE1 ? ? A CYS 565 A FES 619 1_555 ? ? ? ? ? ? ? 2.474 ? ? 
metalc4 metalc ? ? A CYS 87 SG ? ? ? 1_555 C FES . FE1 ? ? A CYS 602 A FES 619 1_555 ? ? ? ? ? ? ? 2.420 ? ? 
metalc5 metalc ? ? B CYS 41 SG ? ? ? 1_555 D FES . FE2 ? ? B CYS 556 B FES 619 1_555 ? ? ? ? ? ? ? 2.507 ? ? 
metalc6 metalc ? ? B CYS 47 SG ? ? ? 1_555 D FES . FE2 ? ? B CYS 562 B FES 619 1_555 ? ? ? ? ? ? ? 2.322 ? ? 
metalc7 metalc ? ? B CYS 50 SG ? ? ? 1_555 D FES . FE1 ? ? B CYS 565 B FES 619 1_555 ? ? ? ? ? ? ? 2.201 ? ? 
metalc8 metalc ? ? B CYS 87 SG ? ? ? 1_555 D FES . FE1 ? ? B CYS 602 B FES 619 1_555 ? ? ? ? ? ? ? 2.251 ? ? 
# 
_struct_conn_type.id          metalc 
_struct_conn_type.criteria    ? 
_struct_conn_type.reference   ? 
# 
loop_
_struct_sheet.id 
_struct_sheet.type 
_struct_sheet.number_strands 
_struct_sheet.details 
AA ? 5 ? 
BA ? 5 ? 
# 
loop_
_struct_sheet_order.sheet_id 
_struct_sheet_order.range_id_1 
_struct_sheet_order.range_id_2 
_struct_sheet_order.offset 
_struct_sheet_order.sense 
AA 1 2 ? anti-parallel 
AA 2 3 ? parallel      
AA 3 4 ? anti-parallel 
AA 4 5 ? anti-parallel 
BA 1 2 ? anti-parallel 
BA 2 3 ? parallel      
BA 3 4 ? anti-parallel 
BA 4 5 ? anti-parallel 
# 
loop_
_struct_sheet_range.sheet_id 
_struct_sheet_range.id 
_struct_sheet_range.beg_label_comp_id 
_struct_sheet_range.beg_label_asym_id 
_struct_sheet_range.beg_label_seq_id 
_struct_sheet_range.pdbx_beg_PDB_ins_code 
_struct_sheet_range.end_label_comp_id 
_struct_sheet_range.end_label_asym_id 
_struct_sheet_range.end_label_seq_id 
_struct_sheet_range.pdbx_end_PDB_ins_code 
_struct_sheet_range.beg_auth_comp_id 
_struct_sheet_range.beg_auth_asym_id 
_struct_sheet_range.beg_auth_seq_id 
_struct_sheet_range.end_auth_comp_id 
_struct_sheet_range.end_auth_asym_id 
_struct_sheet_range.end_auth_seq_id 
AA 1 GLU A 15 ? GLY A 20  ? GLU A 530 GLY A 535 
AA 2 ILE A 4  ? VAL A 9   ? ILE A 519 VAL A 524 
AA 3 ILE A 98 ? ARG A 101 ? ILE A 613 ARG A 616 
AA 4 HIS A 51 ? VAL A 54  ? HIS A 566 VAL A 569 
AA 5 SER A 83 ? LEU A 85  ? SER A 598 LEU A 600 
BA 1 GLU B 15 ? GLY B 20  ? GLU B 530 GLY B 535 
BA 2 ILE B 4  ? VAL B 9   ? ILE B 519 VAL B 524 
BA 3 ILE B 98 ? ARG B 101 ? ILE B 613 ARG B 616 
BA 4 HIS B 51 ? VAL B 54  ? HIS B 566 VAL B 569 
BA 5 SER B 83 ? LEU B 85  ? SER B 598 LEU B 600 
# 
loop_
_pdbx_struct_sheet_hbond.sheet_id 
_pdbx_struct_sheet_hbond.range_id_1 
_pdbx_struct_sheet_hbond.range_id_2 
_pdbx_struct_sheet_hbond.range_1_label_atom_id 
_pdbx_struct_sheet_hbond.range_1_label_comp_id 
_pdbx_struct_sheet_hbond.range_1_label_asym_id 
_pdbx_struct_sheet_hbond.range_1_label_seq_id 
_pdbx_struct_sheet_hbond.range_1_PDB_ins_code 
_pdbx_struct_sheet_hbond.range_1_auth_atom_id 
_pdbx_struct_sheet_hbond.range_1_auth_comp_id 
_pdbx_struct_sheet_hbond.range_1_auth_asym_id 
_pdbx_struct_sheet_hbond.range_1_auth_seq_id 
_pdbx_struct_sheet_hbond.range_2_label_atom_id 
_pdbx_struct_sheet_hbond.range_2_label_comp_id 
_pdbx_struct_sheet_hbond.range_2_label_asym_id 
_pdbx_struct_sheet_hbond.range_2_label_seq_id 
_pdbx_struct_sheet_hbond.range_2_PDB_ins_code 
_pdbx_struct_sheet_hbond.range_2_auth_atom_id 
_pdbx_struct_sheet_hbond.range_2_auth_comp_id 
_pdbx_struct_sheet_hbond.range_2_auth_asym_id 
_pdbx_struct_sheet_hbond.range_2_auth_seq_id 
AA 1 2 N GLY A 20  ? N GLY A 535 O ILE A 4  ? O ILE A 519 
AA 2 3 N PHE A 7   ? N PHE A 522 O ILE A 98 ? O ILE A 613 
AA 3 4 N ARG A 101 ? N ARG A 616 O ILE A 53 ? O ILE A 568 
AA 4 5 N VAL A 52  ? N VAL A 567 O ARG A 84 ? O ARG A 599 
BA 1 2 N GLY B 20  ? N GLY B 535 O ILE B 4  ? O ILE B 519 
BA 2 3 N PHE B 7   ? N PHE B 522 O ILE B 98 ? O ILE B 613 
BA 3 4 N ARG B 101 ? N ARG B 616 O ILE B 53 ? O ILE B 568 
BA 4 5 N VAL B 52  ? N VAL B 567 O ARG B 84 ? O ARG B 599 
# 
loop_
_struct_site.id 
_struct_site.pdbx_evidence_code 
_struct_site.pdbx_auth_asym_id 
_struct_site.pdbx_auth_comp_id 
_struct_site.pdbx_auth_seq_id 
_struct_site.pdbx_auth_ins_code 
_struct_site.pdbx_num_residues 
_struct_site.details 
AC1 Software A FES 619 ? 6 'BINDING SITE FOR RESIDUE FES A 619' 
AC2 Software B FES 619 ? 5 'BINDING SITE FOR RESIDUE FES B 619' 
# 
loop_
_struct_site_gen.id 
_struct_site_gen.site_id 
_struct_site_gen.pdbx_num_res 
_struct_site_gen.label_comp_id 
_struct_site_gen.label_asym_id 
_struct_site_gen.label_seq_id 
_struct_site_gen.pdbx_auth_ins_code 
_struct_site_gen.auth_comp_id 
_struct_site_gen.auth_asym_id 
_struct_site_gen.auth_seq_id 
_struct_site_gen.label_atom_id 
_struct_site_gen.label_alt_id 
_struct_site_gen.symmetry 
_struct_site_gen.details 
1  AC1 6 CYS A 41 ? CYS A 556 . ? 1_555 ? 
2  AC1 6 GLY A 43 ? GLY A 558 . ? 1_555 ? 
3  AC1 6 VAL A 45 ? VAL A 560 . ? 1_555 ? 
4  AC1 6 CYS A 47 ? CYS A 562 . ? 1_555 ? 
5  AC1 6 CYS A 50 ? CYS A 565 . ? 1_555 ? 
6  AC1 6 CYS A 87 ? CYS A 602 . ? 1_555 ? 
7  AC2 5 GLY B 39 ? GLY B 554 . ? 1_555 ? 
8  AC2 5 CYS B 41 ? CYS B 556 . ? 1_555 ? 
9  AC2 5 CYS B 47 ? CYS B 562 . ? 1_555 ? 
10 AC2 5 CYS B 50 ? CYS B 565 . ? 1_555 ? 
11 AC2 5 CYS B 87 ? CYS B 602 . ? 1_555 ? 
# 
_atom_sites.entry_id                    2WLB 
_atom_sites.fract_transf_matrix[1][1]   0.00968208 
_atom_sites.fract_transf_matrix[1][2]   -0.00476744 
_atom_sites.fract_transf_matrix[1][3]   0.00905466 
_atom_sites.fract_transf_matrix[2][1]   0.00667597 
_atom_sites.fract_transf_matrix[2][2]   -0.01213683 
_atom_sites.fract_transf_matrix[2][3]   -0.00256917 
_atom_sites.fract_transf_matrix[3][1]   0.01040686 
_atom_sites.fract_transf_matrix[3][2]   0.00726974 
_atom_sites.fract_transf_matrix[3][3]   -0.00730033 
_atom_sites.fract_transf_vector[1]      -0.394531 
_atom_sites.fract_transf_vector[2]      -0.299079 
_atom_sites.fract_transf_vector[3]      0.195953 
# 
loop_
_atom_type.symbol 
C  
FE 
N  
O  
S  
# 
loop_
_atom_site.group_PDB 
_atom_site.id 
_atom_site.type_symbol 
_atom_site.label_atom_id 
_atom_site.label_alt_id 
_atom_site.label_comp_id 
_atom_site.label_asym_id 
_atom_site.label_entity_id 
_atom_site.label_seq_id 
_atom_site.pdbx_PDB_ins_code 
_atom_site.Cartn_x 
_atom_site.Cartn_y 
_atom_site.Cartn_z 
_atom_site.occupancy 
_atom_site.B_iso_or_equiv 
_atom_site.pdbx_formal_charge 
_atom_site.auth_seq_id 
_atom_site.auth_comp_id 
_atom_site.auth_asym_id 
_atom_site.auth_atom_id 
_atom_site.pdbx_PDB_model_num 
ATOM   1    N  N   . GLY A 1 1   ? -16.596 -25.885 -17.931 1.00 52.80 ? 516  GLY A N   1 
ATOM   2    C  CA  . GLY A 1 1   ? -15.636 -26.359 -16.892 1.00 55.08 ? 516  GLY A CA  1 
ATOM   3    C  C   . GLY A 1 1   ? -15.855 -25.787 -15.493 1.00 53.83 ? 516  GLY A C   1 
ATOM   4    O  O   . GLY A 1 1   ? -16.526 -24.776 -15.329 1.00 57.61 ? 516  GLY A O   1 
ATOM   5    N  N   . THR A 1 2   ? -15.300 -26.452 -14.479 1.00 50.01 ? 517  THR A N   1 
ATOM   6    C  CA  . THR A 1 2   ? -15.312 -25.923 -13.122 1.00 50.35 ? 517  THR A CA  1 
ATOM   7    C  C   . THR A 1 2   ? -14.038 -25.092 -12.875 1.00 51.70 ? 517  THR A C   1 
ATOM   8    O  O   . THR A 1 2   ? -14.007 -24.237 -11.976 1.00 52.08 ? 517  THR A O   1 
ATOM   9    C  CB  . THR A 1 2   ? -15.470 -27.036 -12.020 1.00 48.98 ? 517  THR A CB  1 
ATOM   10   O  OG1 . THR A 1 2   ? -14.204 -27.628 -11.738 1.00 43.81 ? 517  THR A OG1 1 
ATOM   11   C  CG2 . THR A 1 2   ? -16.493 -28.130 -12.422 1.00 48.35 ? 517  THR A CG2 1 
ATOM   12   N  N   . GLY A 1 3   ? -12.994 -25.330 -13.671 1.00 48.21 ? 518  GLY A N   1 
ATOM   13   C  CA  . GLY A 1 3   ? -11.786 -24.511 -13.578 1.00 47.53 ? 518  GLY A CA  1 
ATOM   14   C  C   . GLY A 1 3   ? -11.939 -23.135 -14.209 1.00 43.06 ? 518  GLY A C   1 
ATOM   15   O  O   . GLY A 1 3   ? -12.497 -23.022 -15.279 1.00 45.61 ? 518  GLY A O   1 
ATOM   16   N  N   . ILE A 1 4   ? -11.433 -22.095 -13.553 1.00 39.70 ? 519  ILE A N   1 
ATOM   17   C  CA  . ILE A 1 4   ? -11.504 -20.726 -14.068 1.00 42.43 ? 519  ILE A CA  1 
ATOM   18   C  C   . ILE A 1 4   ? -10.070 -20.240 -14.284 1.00 43.41 ? 519  ILE A C   1 
ATOM   19   O  O   . ILE A 1 4   ? -9.294  -20.148 -13.326 1.00 40.21 ? 519  ILE A O   1 
ATOM   20   C  CB  . ILE A 1 4   ? -12.245 -19.787 -13.066 1.00 43.05 ? 519  ILE A CB  1 
ATOM   21   C  CG1 . ILE A 1 4   ? -13.692 -20.249 -12.883 1.00 42.80 ? 519  ILE A CG1 1 
ATOM   22   C  CG2 . ILE A 1 4   ? -12.218 -18.324 -13.513 1.00 32.99 ? 519  ILE A CG2 1 
ATOM   23   C  CD1 . ILE A 1 4   ? -14.336 -19.740 -11.638 1.00 43.75 ? 519  ILE A CD1 1 
ATOM   24   N  N   . LYS A 1 5   ? -9.726  -19.926 -15.537 1.00 43.84 ? 520  LYS A N   1 
ATOM   25   C  CA  . LYS A 1 5   ? -8.380  -19.481 -15.873 1.00 45.38 ? 520  LYS A CA  1 
ATOM   26   C  C   . LYS A 1 5   ? -8.103  -18.096 -15.340 1.00 44.35 ? 520  LYS A C   1 
ATOM   27   O  O   . LYS A 1 5   ? -8.925  -17.193 -15.497 1.00 45.44 ? 520  LYS A O   1 
ATOM   28   C  CB  . LYS A 1 5   ? -8.156  -19.477 -17.379 1.00 48.36 ? 520  LYS A CB  1 
ATOM   29   C  CG  . LYS A 1 5   ? -8.139  -20.862 -17.998 1.00 54.33 ? 520  LYS A CG  1 
ATOM   30   C  CD  . LYS A 1 5   ? -7.868  -20.805 -19.512 1.00 52.57 ? 520  LYS A CD  1 
ATOM   31   C  CE  . LYS A 1 5   ? -8.283  -22.084 -20.205 1.00 57.40 ? 520  LYS A CE  1 
ATOM   32   N  NZ  . LYS A 1 5   ? -8.350  -23.224 -19.243 1.00 69.81 ? 520  LYS A NZ  1 
ATOM   33   N  N   . VAL A 1 6   ? -6.933  -17.963 -14.712 1.00 43.73 ? 521  VAL A N   1 
ATOM   34   C  CA  . VAL A 1 6   ? -6.392  -16.694 -14.221 1.00 39.82 ? 521  VAL A CA  1 
ATOM   35   C  C   . VAL A 1 6   ? -4.973  -16.553 -14.720 1.00 38.35 ? 521  VAL A C   1 
ATOM   36   O  O   . VAL A 1 6   ? -4.145  -17.422 -14.490 1.00 43.12 ? 521  VAL A O   1 
ATOM   37   C  CB  . VAL A 1 6   ? -6.317  -16.660 -12.701 1.00 37.96 ? 521  VAL A CB  1 
ATOM   38   C  CG1 . VAL A 1 6   ? -5.759  -15.320 -12.226 1.00 29.87 ? 521  VAL A CG1 1 
ATOM   39   C  CG2 . VAL A 1 6   ? -7.683  -16.908 -12.124 1.00 37.28 ? 521  VAL A CG2 1 
ATOM   40   N  N   . PHE A 1 7   ? -4.703  -15.457 -15.407 1.00 37.31 ? 522  PHE A N   1 
ATOM   41   C  CA  . PHE A 1 7   ? -3.404  -15.200 -15.972 1.00 37.77 ? 522  PHE A CA  1 
ATOM   42   C  C   . PHE A 1 7   ? -2.756  -14.181 -15.073 1.00 37.24 ? 522  PHE A C   1 
ATOM   43   O  O   . PHE A 1 7   ? -3.323  -13.141 -14.852 1.00 37.59 ? 522  PHE A O   1 
ATOM   44   C  CB  . PHE A 1 7   ? -3.559  -14.639 -17.383 1.00 40.60 ? 522  PHE A CB  1 
ATOM   45   C  CG  . PHE A 1 7   ? -2.314  -14.734 -18.213 1.00 40.93 ? 522  PHE A CG  1 
ATOM   46   C  CD1 . PHE A 1 7   ? -1.292  -13.809 -18.067 1.00 44.26 ? 522  PHE A CD1 1 
ATOM   47   C  CD2 . PHE A 1 7   ? -2.167  -15.742 -19.144 1.00 35.44 ? 522  PHE A CD2 1 
ATOM   48   C  CE1 . PHE A 1 7   ? -0.141  -13.892 -18.835 1.00 40.51 ? 522  PHE A CE1 1 
ATOM   49   C  CE2 . PHE A 1 7   ? -1.009  -15.828 -19.915 1.00 48.62 ? 522  PHE A CE2 1 
ATOM   50   C  CZ  . PHE A 1 7   ? 0.000   -14.901 -19.755 1.00 42.71 ? 522  PHE A CZ  1 
ATOM   51   N  N   . PHE A 1 8   ? -1.588  -14.501 -14.530 1.00 38.12 ? 523  PHE A N   1 
ATOM   52   C  CA  . PHE A 1 8   ? -0.861  -13.602 -13.648 1.00 35.86 ? 523  PHE A CA  1 
ATOM   53   C  C   . PHE A 1 8   ? 0.372   -13.072 -14.328 1.00 36.50 ? 523  PHE A C   1 
ATOM   54   O  O   . PHE A 1 8   ? 1.145   -13.854 -14.870 1.00 34.38 ? 523  PHE A O   1 
ATOM   55   C  CB  . PHE A 1 8   ? -0.333  -14.370 -12.470 1.00 33.97 ? 523  PHE A CB  1 
ATOM   56   C  CG  . PHE A 1 8   ? -1.284  -14.512 -11.360 1.00 33.70 ? 523  PHE A CG  1 
ATOM   57   C  CD1 . PHE A 1 8   ? -1.433  -13.499 -10.439 1.00 40.89 ? 523  PHE A CD1 1 
ATOM   58   C  CD2 . PHE A 1 8   ? -1.967  -15.682 -11.169 1.00 40.73 ? 523  PHE A CD2 1 
ATOM   59   C  CE1 . PHE A 1 8   ? -2.289  -13.635 -9.381  1.00 34.10 ? 523  PHE A CE1 1 
ATOM   60   C  CE2 . PHE A 1 8   ? -2.812  -15.823 -10.101 1.00 41.54 ? 523  PHE A CE2 1 
ATOM   61   C  CZ  . PHE A 1 8   ? -2.975  -14.797 -9.208  1.00 36.87 ? 523  PHE A CZ  1 
ATOM   62   N  N   . VAL A 1 9   ? 0.599   -11.766 -14.275 1.00 36.63 ? 524  VAL A N   1 
ATOM   63   C  CA  . VAL A 1 9   ? 1.925   -11.248 -14.603 1.00 38.39 ? 524  VAL A CA  1 
ATOM   64   C  C   . VAL A 1 9   ? 2.525   -10.671 -13.335 1.00 39.66 ? 524  VAL A C   1 
ATOM   65   O  O   . VAL A 1 9   ? 1.900   -9.894  -12.632 1.00 40.37 ? 524  VAL A O   1 
ATOM   66   C  CB  . VAL A 1 9   ? 1.983   -10.311 -15.884 1.00 37.47 ? 524  VAL A CB  1 
ATOM   67   C  CG1 . VAL A 1 9   ? 0.648   -9.856  -16.296 1.00 31.31 ? 524  VAL A CG1 1 
ATOM   68   C  CG2 . VAL A 1 9   ? 2.937   -9.148  -15.714 1.00 34.41 ? 524  VAL A CG2 1 
ATOM   69   N  N   . THR A 1 10  ? 3.731   -11.110 -13.016 1.00 43.66 ? 525  THR A N   1 
ATOM   70   C  CA  . THR A 1 10  ? 4.343   -10.768 -11.753 1.00 47.72 ? 525  THR A CA  1 
ATOM   71   C  C   . THR A 1 10  ? 5.084   -9.445  -11.919 1.00 50.71 ? 525  THR A C   1 
ATOM   72   O  O   . THR A 1 10  ? 5.207   -8.941  -13.043 1.00 52.64 ? 525  THR A O   1 
ATOM   73   C  CB  . THR A 1 10  ? 5.281   -11.891 -11.310 1.00 49.87 ? 525  THR A CB  1 
ATOM   74   O  OG1 . THR A 1 10  ? 6.420   -11.943 -12.178 1.00 52.38 ? 525  THR A OG1 1 
ATOM   75   C  CG2 . THR A 1 10  ? 4.541   -13.219 -11.347 1.00 50.19 ? 525  THR A CG2 1 
ATOM   76   N  N   . PRO A 1 11  ? 5.580   -8.868  -10.811 1.00 53.81 ? 526  PRO A N   1 
ATOM   77   C  CA  . PRO A 1 11  ? 6.309   -7.595  -10.936 1.00 53.75 ? 526  PRO A CA  1 
ATOM   78   C  C   . PRO A 1 11  ? 7.582   -7.752  -11.757 1.00 53.43 ? 526  PRO A C   1 
ATOM   79   O  O   . PRO A 1 11  ? 7.990   -6.827  -12.441 1.00 51.36 ? 526  PRO A O   1 
ATOM   80   C  CB  . PRO A 1 11  ? 6.663   -7.233  -9.497  1.00 57.91 ? 526  PRO A CB  1 
ATOM   81   C  CG  . PRO A 1 11  ? 5.935   -8.204  -8.611  1.00 58.74 ? 526  PRO A CG  1 
ATOM   82   C  CD  . PRO A 1 11  ? 5.541   -9.369  -9.424  1.00 54.21 ? 526  PRO A CD  1 
ATOM   83   N  N   . GLU A 1 12  ? 8.182   -8.937  -11.700 1.00 55.72 ? 527  GLU A N   1 
ATOM   84   C  CA  . GLU A 1 12  ? 9.367   -9.246  -12.497 1.00 56.55 ? 527  GLU A CA  1 
ATOM   85   C  C   . GLU A 1 12  ? 9.061   -9.322  -13.996 1.00 57.14 ? 527  GLU A C   1 
ATOM   86   O  O   . GLU A 1 12  ? 9.993   -9.358  -14.803 1.00 59.85 ? 527  GLU A O   1 
ATOM   87   C  CB  . GLU A 1 12  ? 10.009  -10.577 -12.066 1.00 57.97 ? 527  GLU A CB  1 
ATOM   88   C  CG  . GLU A 1 12  ? 10.216  -10.737 -10.566 1.00 67.62 ? 527  GLU A CG  1 
ATOM   89   C  CD  . GLU A 1 12  ? 8.980   -11.280 -9.835  1.00 82.68 ? 527  GLU A CD  1 
ATOM   90   O  OE1 . GLU A 1 12  ? 8.370   -12.274 -10.310 1.00 82.95 ? 527  GLU A OE1 1 
ATOM   91   O  OE2 . GLU A 1 12  ? 8.629   -10.711 -8.773  1.00 91.46 ? 527  GLU A OE2 1 
ATOM   92   N  N   . GLY A 1 13  ? 7.775   -9.375  -14.368 1.00 54.78 ? 528  GLY A N   1 
ATOM   93   C  CA  . GLY A 1 13  ? 7.360   -9.563  -15.773 1.00 50.13 ? 528  GLY A CA  1 
ATOM   94   C  C   . GLY A 1 13  ? 7.182   -11.019 -16.203 1.00 45.41 ? 528  GLY A C   1 
ATOM   95   O  O   . GLY A 1 13  ? 7.107   -11.311 -17.397 1.00 44.45 ? 528  GLY A O   1 
ATOM   96   N  N   . ARG A 1 14  ? 7.121   -11.926 -15.230 1.00 41.82 ? 529  ARG A N   1 
ATOM   97   C  CA  . ARG A 1 14  ? 6.802   -13.325 -15.481 1.00 43.73 ? 529  ARG A CA  1 
ATOM   98   C  C   . ARG A 1 14  ? 5.312   -13.495 -15.696 1.00 42.59 ? 529  ARG A C   1 
ATOM   99   O  O   . ARG A 1 14  ? 4.519   -12.826 -15.046 1.00 43.52 ? 529  ARG A O   1 
ATOM   100  C  CB  . ARG A 1 14  ? 7.211   -14.205 -14.309 1.00 46.48 ? 529  ARG A CB  1 
ATOM   101  C  CG  . ARG A 1 14  ? 8.614   -13.983 -13.847 1.00 61.23 ? 529  ARG A CG  1 
ATOM   102  C  CD  . ARG A 1 14  ? 9.417   -15.258 -13.837 1.00 77.11 ? 529  ARG A CD  1 
ATOM   103  N  NE  . ARG A 1 14  ? 10.859  -14.981 -13.829 1.00 81.14 ? 529  ARG A NE  1 
ATOM   104  C  CZ  . ARG A 1 14  ? 11.605  -14.748 -14.914 1.00 89.42 ? 529  ARG A CZ  1 
ATOM   105  N  NH1 . ARG A 1 14  ? 11.068  -14.752 -16.135 1.00 91.79 ? 529  ARG A NH1 1 
ATOM   106  N  NH2 . ARG A 1 14  ? 12.906  -14.509 -14.773 1.00 88.20 ? 529  ARG A NH2 1 
ATOM   107  N  N   . GLU A 1 15  ? 4.952   -14.426 -16.574 1.00 40.69 ? 530  GLU A N   1 
ATOM   108  C  CA  . GLU A 1 15  ? 3.578   -14.687 -16.955 1.00 39.21 ? 530  GLU A CA  1 
ATOM   109  C  C   . GLU A 1 15  ? 3.175   -16.134 -16.652 1.00 37.72 ? 530  GLU A C   1 
ATOM   110  O  O   . GLU A 1 15  ? 3.780   -17.067 -17.147 1.00 39.08 ? 530  GLU A O   1 
ATOM   111  C  CB  . GLU A 1 15  ? 3.433   -14.419 -18.434 1.00 39.20 ? 530  GLU A CB  1 
ATOM   112  C  CG  . GLU A 1 15  ? 3.725   -12.982 -18.839 1.00 40.93 ? 530  GLU A CG  1 
ATOM   113  C  CD  . GLU A 1 15  ? 3.662   -12.818 -20.338 1.00 40.30 ? 530  GLU A CD  1 
ATOM   114  O  OE1 . GLU A 1 15  ? 4.498   -13.448 -21.014 1.00 56.63 ? 530  GLU A OE1 1 
ATOM   115  O  OE2 . GLU A 1 15  ? 2.777   -12.097 -20.850 1.00 49.27 ? 530  GLU A OE2 1 
ATOM   116  N  N   . ILE A 1 16  ? 2.130   -16.299 -15.850 1.00 39.74 ? 531  ILE A N   1 
ATOM   117  C  CA  . ILE A 1 16  ? 1.696   -17.597 -15.364 1.00 39.70 ? 531  ILE A CA  1 
ATOM   118  C  C   . ILE A 1 16  ? 0.216   -17.779 -15.647 1.00 39.07 ? 531  ILE A C   1 
ATOM   119  O  O   . ILE A 1 16  ? -0.572  -16.862 -15.465 1.00 42.66 ? 531  ILE A O   1 
ATOM   120  C  CB  . ILE A 1 16  ? 1.878   -17.666 -13.858 1.00 39.28 ? 531  ILE A CB  1 
ATOM   121  C  CG1 . ILE A 1 16  ? 3.329   -17.372 -13.506 1.00 45.26 ? 531  ILE A CG1 1 
ATOM   122  C  CG2 . ILE A 1 16  ? 1.453   -19.013 -13.326 1.00 41.28 ? 531  ILE A CG2 1 
ATOM   123  C  CD1 . ILE A 1 16  ? 3.623   -17.469 -12.036 1.00 46.53 ? 531  ILE A CD1 1 
ATOM   124  N  N   . MET A 1 17  ? -0.181  -18.963 -16.070 1.00 36.83 ? 532  MET A N   1 
ATOM   125  C  CA  . MET A 1 17  ? -1.586  -19.253 -16.116 1.00 37.78 ? 532  MET A CA  1 
ATOM   126  C  C   . MET A 1 17  ? -1.933  -20.371 -15.159 1.00 40.16 ? 532  MET A C   1 
ATOM   127  O  O   . MET A 1 17  ? -1.300  -21.423 -15.191 1.00 36.73 ? 532  MET A O   1 
ATOM   128  C  CB  . MET A 1 17  ? -2.010  -19.619 -17.496 1.00 33.04 ? 532  MET A CB  1 
ATOM   129  C  CG  . MET A 1 17  ? -3.465  -19.432 -17.643 0.50 32.77 ? 532  MET A CG  1 
ATOM   130  S  SD  . MET A 1 17  ? -3.932  -20.102 -19.188 1.00 41.09 ? 532  MET A SD  1 
ATOM   131  C  CE  . MET A 1 17  ? -3.358  -18.827 -20.319 1.00 39.32 ? 532  MET A CE  1 
ATOM   132  N  N   . ILE A 1 18  ? -2.931  -20.131 -14.305 1.00 44.43 ? 533  ILE A N   1 
ATOM   133  C  CA  . ILE A 1 18  ? -3.311  -21.084 -13.296 1.00 47.36 ? 533  ILE A CA  1 
ATOM   134  C  C   . ILE A 1 18  ? -4.827  -21.219 -13.386 1.00 49.80 ? 533  ILE A C   1 
ATOM   135  O  O   . ILE A 1 18  ? -5.481  -20.396 -14.016 1.00 49.93 ? 533  ILE A O   1 
ATOM   136  C  CB  . ILE A 1 18  ? -2.784  -20.645 -11.896 1.00 48.63 ? 533  ILE A CB  1 
ATOM   137  C  CG1 . ILE A 1 18  ? -3.704  -19.628 -11.208 1.00 46.83 ? 533  ILE A CG1 1 
ATOM   138  C  CG2 . ILE A 1 18  ? -1.375  -20.092 -12.002 1.00 41.62 ? 533  ILE A CG2 1 
ATOM   139  C  CD1 . ILE A 1 18  ? -3.213  -19.252 -9.847  1.00 54.09 ? 533  ILE A CD1 1 
ATOM   140  N  N   . GLU A 1 19  ? -5.385  -22.271 -12.796 1.00 51.55 ? 534  GLU A N   1 
ATOM   141  C  CA  . GLU A 1 19  ? -6.839  -22.385 -12.676 1.00 53.32 ? 534  GLU A CA  1 
ATOM   142  C  C   . GLU A 1 19  ? -7.256  -22.278 -11.236 1.00 50.11 ? 534  GLU A C   1 
ATOM   143  O  O   . GLU A 1 19  ? -6.628  -22.869 -10.367 1.00 47.42 ? 534  GLU A O   1 
ATOM   144  C  CB  . GLU A 1 19  ? -7.340  -23.702 -13.244 1.00 56.26 ? 534  GLU A CB  1 
ATOM   145  C  CG  . GLU A 1 19  ? -7.548  -23.671 -14.740 1.00 67.43 ? 534  GLU A CG  1 
ATOM   146  C  CD  . GLU A 1 19  ? -8.545  -24.706 -15.228 1.00 64.08 ? 534  GLU A CD  1 
ATOM   147  O  OE1 . GLU A 1 19  ? -8.901  -25.635 -14.459 1.00 68.81 ? 534  GLU A OE1 1 
ATOM   148  O  OE2 . GLU A 1 19  ? -8.956  -24.576 -16.401 1.00 63.04 ? 534  GLU A OE2 1 
ATOM   149  N  N   . GLY A 1 20  ? -8.318  -21.522 -10.989 1.00 51.97 ? 535  GLY A N   1 
ATOM   150  C  CA  . GLY A 1 20  ? -8.935  -21.453 -9.671  1.00 53.83 ? 535  GLY A CA  1 
ATOM   151  C  C   . GLY A 1 20  ? -10.361 -21.946 -9.729  1.00 54.47 ? 535  GLY A C   1 
ATOM   152  O  O   . GLY A 1 20  ? -10.874 -22.294 -10.787 1.00 54.70 ? 535  GLY A O   1 
ATOM   153  N  N   . ASN A 1 21  ? -10.995 -21.983 -8.570  1.00 58.08 ? 536  ASN A N   1 
ATOM   154  C  CA  . ASN A 1 21  ? -12.383 -22.381 -8.462  1.00 59.18 ? 536  ASN A CA  1 
ATOM   155  C  C   . ASN A 1 21  ? -13.230 -21.209 -8.028  1.00 60.54 ? 536  ASN A C   1 
ATOM   156  O  O   . ASN A 1 21  ? -12.710 -20.176 -7.587  1.00 61.58 ? 536  ASN A O   1 
ATOM   157  C  CB  . ASN A 1 21  ? -12.502 -23.506 -7.447  1.00 59.91 ? 536  ASN A CB  1 
ATOM   158  C  CG  . ASN A 1 21  ? -11.659 -24.701 -7.822  1.00 61.04 ? 536  ASN A CG  1 
ATOM   159  O  OD1 . ASN A 1 21  ? -10.915 -25.227 -7.000  1.00 68.48 ? 536  ASN A OD1 1 
ATOM   160  N  ND2 . ASN A 1 21  ? -11.766 -25.130 -9.071  1.00 62.02 ? 536  ASN A ND2 1 
ATOM   161  N  N   . GLU A 1 22  ? -14.542 -21.375 -8.145  1.00 61.60 ? 537  GLU A N   1 
ATOM   162  C  CA  . GLU A 1 22  ? -15.460 -20.376 -7.640  1.00 61.95 ? 537  GLU A CA  1 
ATOM   163  C  C   . GLU A 1 22  ? -15.130 -20.117 -6.192  1.00 56.43 ? 537  GLU A C   1 
ATOM   164  O  O   . GLU A 1 22  ? -14.909 -21.043 -5.428  1.00 49.95 ? 537  GLU A O   1 
ATOM   165  C  CB  . GLU A 1 22  ? -16.914 -20.827 -7.758  1.00 64.43 ? 537  GLU A CB  1 
ATOM   166  C  CG  . GLU A 1 22  ? -17.485 -20.719 -9.174  1.00 76.02 ? 537  GLU A CG  1 
ATOM   167  C  CD  . GLU A 1 22  ? -18.982 -20.445 -9.194  1.00 74.58 ? 537  GLU A CD  1 
ATOM   168  O  OE1 . GLU A 1 22  ? -19.630 -20.636 -8.131  1.00 80.84 ? 537  GLU A OE1 1 
ATOM   169  O  OE2 . GLU A 1 22  ? -19.499 -20.033 -10.268 1.00 83.53 ? 537  GLU A OE2 1 
ATOM   170  N  N   . GLY A 1 23  ? -15.066 -18.844 -5.836  1.00 54.27 ? 538  GLY A N   1 
ATOM   171  C  CA  . GLY A 1 23  ? -14.903 -18.459 -4.460  1.00 53.69 ? 538  GLY A CA  1 
ATOM   172  C  C   . GLY A 1 23  ? -13.490 -18.095 -4.125  1.00 53.93 ? 538  GLY A C   1 
ATOM   173  O  O   . GLY A 1 23  ? -13.282 -17.266 -3.242  1.00 59.46 ? 538  GLY A O   1 
ATOM   174  N  N   . ASP A 1 24  ? -12.526 -18.719 -4.801  1.00 51.01 ? 539  ASP A N   1 
ATOM   175  C  CA  . ASP A 1 24  ? -11.114 -18.402 -4.619  1.00 49.37 ? 539  ASP A CA  1 
ATOM   176  C  C   . ASP A 1 24  ? -10.829 -16.938 -4.877  1.00 47.23 ? 539  ASP A C   1 
ATOM   177  O  O   . ASP A 1 24  ? -11.274 -16.404 -5.887  1.00 46.95 ? 539  ASP A O   1 
ATOM   178  C  CB  . ASP A 1 24  ? -10.275 -19.206 -5.603  1.00 52.40 ? 539  ASP A CB  1 
ATOM   179  C  CG  . ASP A 1 24  ? -10.202 -20.659 -5.254  1.00 53.51 ? 539  ASP A CG  1 
ATOM   180  O  OD1 . ASP A 1 24  ? -10.517 -20.990 -4.104  1.00 58.01 ? 539  ASP A OD1 1 
ATOM   181  O  OD2 . ASP A 1 24  ? -9.812  -21.468 -6.116  1.00 50.04 ? 539  ASP A OD2 1 
ATOM   182  N  N   . SER A 1 25  ? -10.104 -16.285 -3.972  1.00 45.32 ? 540  SER A N   1 
ATOM   183  C  CA  . SER A 1 25  ? -9.683  -14.903 -4.211  1.00 44.04 ? 540  SER A CA  1 
ATOM   184  C  C   . SER A 1 25  ? -8.382  -14.955 -4.989  1.00 41.09 ? 540  SER A C   1 
ATOM   185  O  O   . SER A 1 25  ? -7.664  -15.941 -4.951  1.00 40.01 ? 540  SER A O   1 
ATOM   186  C  CB  . SER A 1 25  ? -9.478  -14.113 -2.914  1.00 43.07 ? 540  SER A CB  1 
ATOM   187  O  OG  . SER A 1 25  ? -8.325  -14.561 -2.244  1.00 43.11 ? 540  SER A OG  1 
ATOM   188  N  N   . ILE A 1 26  ? -8.089  -13.874 -5.688  1.00 39.57 ? 541  ILE A N   1 
ATOM   189  C  CA  . ILE A 1 26  ? -6.820  -13.731 -6.373  1.00 40.09 ? 541  ILE A CA  1 
ATOM   190  C  C   . ILE A 1 26  ? -5.670  -13.907 -5.391  1.00 41.36 ? 541  ILE A C   1 
ATOM   191  O  O   . ILE A 1 26  ? -4.644  -14.493 -5.731  1.00 44.39 ? 541  ILE A O   1 
ATOM   192  C  CB  . ILE A 1 26  ? -6.714  -12.355 -7.051  1.00 38.02 ? 541  ILE A CB  1 
ATOM   193  C  CG1 . ILE A 1 26  ? -7.733  -12.247 -8.191  1.00 41.53 ? 541  ILE A CG1 1 
ATOM   194  C  CG2 . ILE A 1 26  ? -5.320  -12.103 -7.574  1.00 35.49 ? 541  ILE A CG2 1 
ATOM   195  C  CD1 . ILE A 1 26  ? -7.580  -13.294 -9.255  1.00 38.67 ? 541  ILE A CD1 1 
ATOM   196  N  N   . LEU A 1 27  ? -5.839  -13.407 -4.172  1.00 40.98 ? 542  LEU A N   1 
ATOM   197  C  CA  . LEU A 1 27  ? -4.814  -13.576 -3.143  1.00 40.32 ? 542  LEU A CA  1 
ATOM   198  C  C   . LEU A 1 27  ? -4.572  -15.046 -2.817  1.00 41.70 ? 542  LEU A C   1 
ATOM   199  O  O   . LEU A 1 27  ? -3.427  -15.459 -2.646  1.00 46.30 ? 542  LEU A O   1 
ATOM   200  C  CB  . LEU A 1 27  ? -5.202  -12.838 -1.863  1.00 40.19 ? 542  LEU A CB  1 
ATOM   201  C  CG  . LEU A 1 27  ? -4.188  -12.931 -0.715  1.00 38.11 ? 542  LEU A CG  1 
ATOM   202  C  CD1 . LEU A 1 27  ? -2.896  -12.261 -1.144  1.00 37.39 ? 542  LEU A CD1 1 
ATOM   203  C  CD2 . LEU A 1 27  ? -4.698  -12.305 0.579   1.00 36.26 ? 542  LEU A CD2 1 
ATOM   204  N  N   . ASP A 1 28  ? -5.639  -15.834 -2.716  1.00 43.21 ? 543  ASP A N   1 
ATOM   205  C  CA  . ASP A 1 28  ? -5.505  -17.272 -2.408  1.00 43.36 ? 543  ASP A CA  1 
ATOM   206  C  C   . ASP A 1 28  ? -4.679  -17.959 -3.487  1.00 43.56 ? 543  ASP A C   1 
ATOM   207  O  O   . ASP A 1 28  ? -3.724  -18.681 -3.192  1.00 42.63 ? 543  ASP A O   1 
ATOM   208  C  CB  . ASP A 1 28  ? -6.876  -17.972 -2.350  1.00 45.02 ? 543  ASP A CB  1 
ATOM   209  C  CG  . ASP A 1 28  ? -7.772  -17.452 -1.230  1.00 47.85 ? 543  ASP A CG  1 
ATOM   210  O  OD1 . ASP A 1 28  ? -7.231  -17.172 -0.132  1.00 51.09 ? 543  ASP A OD1 1 
ATOM   211  O  OD2 . ASP A 1 28  ? -9.008  -17.327 -1.467  1.00 46.30 ? 543  ASP A OD2 1 
ATOM   212  N  N   . LEU A 1 29  ? -5.090  -17.739 -4.735  1.00 41.84 ? 544  LEU A N   1 
ATOM   213  C  CA  . LEU A 1 29  ? -4.427  -18.315 -5.890  1.00 43.34 ? 544  LEU A CA  1 
ATOM   214  C  C   . LEU A 1 29  ? -2.945  -17.913 -5.890  1.00 41.85 ? 544  LEU A C   1 
ATOM   215  O  O   . LEU A 1 29  ? -2.074  -18.742 -6.104  1.00 44.06 ? 544  LEU A O   1 
ATOM   216  C  CB  . LEU A 1 29  ? -5.117  -17.846 -7.173  1.00 44.69 ? 544  LEU A CB  1 
ATOM   217  C  CG  . LEU A 1 29  ? -6.270  -18.663 -7.760  1.00 49.08 ? 544  LEU A CG  1 
ATOM   218  C  CD1 . LEU A 1 29  ? -6.957  -19.501 -6.735  1.00 41.70 ? 544  LEU A CD1 1 
ATOM   219  C  CD2 . LEU A 1 29  ? -7.254  -17.744 -8.469  1.00 48.03 ? 544  LEU A CD2 1 
ATOM   220  N  N   . ALA A 1 30  ? -2.667  -16.639 -5.639  1.00 40.25 ? 545  ALA A N   1 
ATOM   221  C  CA  . ALA A 1 30  ? -1.303  -16.167 -5.562  1.00 41.02 ? 545  ALA A CA  1 
ATOM   222  C  C   . ALA A 1 30  ? -0.521  -17.008 -4.563  1.00 41.51 ? 545  ALA A C   1 
ATOM   223  O  O   . ALA A 1 30  ? 0.531   -17.534 -4.888  1.00 46.01 ? 545  ALA A O   1 
ATOM   224  C  CB  . ALA A 1 30  ? -1.275  -14.709 -5.162  1.00 39.75 ? 545  ALA A CB  1 
ATOM   225  N  N   . HIS A 1 31  ? -1.044  -17.149 -3.348  1.00 41.25 ? 546  HIS A N   1 
ATOM   226  C  CA  . HIS A 1 31  ? -0.338  -17.890 -2.320  1.00 44.49 ? 546  HIS A CA  1 
ATOM   227  C  C   . HIS A 1 31  ? -0.228  -19.350 -2.688  1.00 43.27 ? 546  HIS A C   1 
ATOM   228  O  O   . HIS A 1 31  ? 0.814   -19.966 -2.508  1.00 46.50 ? 546  HIS A O   1 
ATOM   229  C  CB  . HIS A 1 31  ? -1.031  -17.754 -0.965  1.00 44.95 ? 546  HIS A CB  1 
ATOM   230  C  CG  . HIS A 1 31  ? -0.898  -16.391 -0.372  1.00 55.51 ? 546  HIS A CG  1 
ATOM   231  N  ND1 . HIS A 1 31  ? -1.725  -15.933 0.634   1.00 56.97 ? 546  HIS A ND1 1 
ATOM   232  C  CD2 . HIS A 1 31  ? -0.053  -15.374 -0.664  1.00 54.46 ? 546  HIS A CD2 1 
ATOM   233  C  CE1 . HIS A 1 31  ? -1.380  -14.696 0.949   1.00 62.66 ? 546  HIS A CE1 1 
ATOM   234  N  NE2 . HIS A 1 31  ? -0.374  -14.332 0.171   1.00 63.58 ? 546  HIS A NE2 1 
ATOM   235  N  N   . ALA A 1 32  ? -1.317  -19.903 -3.195  1.00 44.41 ? 547  ALA A N   1 
ATOM   236  C  CA  . ALA A 1 32  ? -1.340  -21.292 -3.630  1.00 42.42 ? 547  ALA A CA  1 
ATOM   237  C  C   . ALA A 1 32  ? -0.243  -21.575 -4.634  1.00 43.04 ? 547  ALA A C   1 
ATOM   238  O  O   . ALA A 1 32  ? 0.209   -22.690 -4.716  1.00 47.19 ? 547  ALA A O   1 
ATOM   239  C  CB  . ALA A 1 32  ? -2.693  -21.644 -4.220  1.00 38.67 ? 547  ALA A CB  1 
ATOM   240  N  N   . ASN A 1 33  ? 0.209   -20.570 -5.374  1.00 43.18 ? 548  ASN A N   1 
ATOM   241  C  CA  . ASN A 1 33  ? 1.169   -20.797 -6.447  1.00 43.76 ? 548  ASN A CA  1 
ATOM   242  C  C   . ASN A 1 33  ? 2.457   -20.030 -6.292  1.00 42.60 ? 548  ASN A C   1 
ATOM   243  O  O   . ASN A 1 33  ? 3.140   -19.807 -7.273  1.00 45.53 ? 548  ASN A O   1 
ATOM   244  C  CB  . ASN A 1 33  ? 0.527   -20.472 -7.799  1.00 42.99 ? 548  ASN A CB  1 
ATOM   245  C  CG  . ASN A 1 33  ? -0.635  -21.387 -8.116  1.00 43.22 ? 548  ASN A CG  1 
ATOM   246  O  OD1 . ASN A 1 33  ? -0.456  -22.467 -8.660  1.00 53.48 ? 548  ASN A OD1 1 
ATOM   247  N  ND2 . ASN A 1 33  ? -1.825  -20.972 -7.751  1.00 38.37 ? 548  ASN A ND2 1 
ATOM   248  N  N   . ASN A 1 34  ? 2.798   -19.627 -5.073  1.00 44.36 ? 549  ASN A N   1 
ATOM   249  C  CA  . ASN A 1 34  ? 4.057   -18.901 -4.827  1.00 48.42 ? 549  ASN A CA  1 
ATOM   250  C  C   . ASN A 1 34  ? 4.253   -17.662 -5.684  1.00 48.51 ? 549  ASN A C   1 
ATOM   251  O  O   . ASN A 1 34  ? 5.383   -17.306 -6.011  1.00 50.96 ? 549  ASN A O   1 
ATOM   252  C  CB  . ASN A 1 34  ? 5.274   -19.805 -5.065  1.00 50.62 ? 549  ASN A CB  1 
ATOM   253  C  CG  . ASN A 1 34  ? 5.175   -21.103 -4.337  1.00 55.57 ? 549  ASN A CG  1 
ATOM   254  O  OD1 . ASN A 1 34  ? 4.768   -21.131 -3.184  1.00 68.28 ? 549  ASN A OD1 1 
ATOM   255  N  ND2 . ASN A 1 34  ? 5.545   -22.192 -4.998  1.00 70.62 ? 549  ASN A ND2 1 
ATOM   256  N  N   . ILE A 1 35  ? 3.171   -17.014 -6.076  1.00 47.78 ? 550  ILE A N   1 
ATOM   257  C  CA  . ILE A 1 35  ? 3.289   -15.708 -6.650  1.00 47.61 ? 550  ILE A CA  1 
ATOM   258  C  C   . ILE A 1 35  ? 3.449   -14.861 -5.415  1.00 49.55 ? 550  ILE A C   1 
ATOM   259  O  O   . ILE A 1 35  ? 2.751   -15.093 -4.426  1.00 50.95 ? 550  ILE A O   1 
ATOM   260  C  CB  . ILE A 1 35  ? 2.053   -15.354 -7.442  1.00 48.06 ? 550  ILE A CB  1 
ATOM   261  C  CG1 . ILE A 1 35  ? 1.782   -16.460 -8.459  1.00 45.79 ? 550  ILE A CG1 1 
ATOM   262  C  CG2 . ILE A 1 35  ? 2.221   -14.013 -8.126  1.00 37.92 ? 550  ILE A CG2 1 
ATOM   263  C  CD1 . ILE A 1 35  ? 0.826   -16.057 -9.539  1.00 52.35 ? 550  ILE A CD1 1 
ATOM   264  N  N   . ASP A 1 36  ? 4.397   -13.928 -5.439  1.00 53.91 ? 551  ASP A N   1 
ATOM   265  C  CA  . ASP A 1 36  ? 4.744   -13.158 -4.244  1.00 57.22 ? 551  ASP A CA  1 
ATOM   266  C  C   . ASP A 1 36  ? 3.849   -11.941 -4.177  1.00 57.09 ? 551  ASP A C   1 
ATOM   267  O  O   . ASP A 1 36  ? 4.247   -10.836 -4.499  1.00 61.76 ? 551  ASP A O   1 
ATOM   268  C  CB  . ASP A 1 36  ? 6.232   -12.761 -4.231  1.00 61.96 ? 551  ASP A CB  1 
ATOM   269  C  CG  . ASP A 1 36  ? 7.169   -13.963 -4.475  1.00 79.48 ? 551  ASP A CG  1 
ATOM   270  O  OD1 . ASP A 1 36  ? 6.836   -15.086 -4.025  1.00 95.55 ? 551  ASP A OD1 1 
ATOM   271  O  OD2 . ASP A 1 36  ? 8.231   -13.794 -5.126  1.00 86.44 ? 551  ASP A OD2 1 
ATOM   272  N  N   . LEU A 1 37  ? 2.614   -12.183 -3.777  1.00 57.68 ? 552  LEU A N   1 
ATOM   273  C  CA  . LEU A 1 37  ? 1.642   -11.144 -3.476  1.00 58.94 ? 552  LEU A CA  1 
ATOM   274  C  C   . LEU A 1 37  ? 1.383   -11.319 -1.996  1.00 59.94 ? 552  LEU A C   1 
ATOM   275  O  O   . LEU A 1 37  ? 0.728   -12.275 -1.585  1.00 60.32 ? 552  LEU A O   1 
ATOM   276  C  CB  . LEU A 1 37  ? 0.342   -11.374 -4.262  1.00 57.93 ? 552  LEU A CB  1 
ATOM   277  C  CG  . LEU A 1 37  ? -0.504  -10.192 -4.728  1.00 54.53 ? 552  LEU A CG  1 
ATOM   278  C  CD1 . LEU A 1 37  ? -1.965  -10.566 -4.677  1.00 40.24 ? 552  LEU A CD1 1 
ATOM   279  C  CD2 . LEU A 1 37  ? -0.249  -8.963  -3.913  1.00 44.09 ? 552  LEU A CD2 1 
ATOM   280  N  N   . GLU A 1 38  ? 1.939   -10.440 -1.183  1.00 62.74 ? 553  GLU A N   1 
ATOM   281  C  CA  . GLU A 1 38  ? 1.795   -10.584 0.252   1.00 63.24 ? 553  GLU A CA  1 
ATOM   282  C  C   . GLU A 1 38  ? 0.373   -10.164 0.641   1.00 61.61 ? 553  GLU A C   1 
ATOM   283  O  O   . GLU A 1 38  ? -0.227  -9.298  -0.004  1.00 59.31 ? 553  GLU A O   1 
ATOM   284  C  CB  . GLU A 1 38  ? 2.854   -9.744  0.955   1.00 63.86 ? 553  GLU A CB  1 
ATOM   285  C  CG  . GLU A 1 38  ? 3.076   -10.101 2.404   1.00 68.36 ? 553  GLU A CG  1 
ATOM   286  C  CD  . GLU A 1 38  ? 3.537   -8.897  3.210   1.00 76.04 ? 553  GLU A CD  1 
ATOM   287  O  OE1 . GLU A 1 38  ? 4.445   -8.176  2.716   1.00 91.88 ? 553  GLU A OE1 1 
ATOM   288  O  OE2 . GLU A 1 38  ? 2.984   -8.668  4.316   1.00 83.82 ? 553  GLU A OE2 1 
ATOM   289  N  N   . GLY A 1 39  ? -0.180  -10.805 1.666   1.00 60.26 ? 554  GLY A N   1 
ATOM   290  C  CA  . GLY A 1 39  ? -1.518  -10.462 2.152   1.00 60.27 ? 554  GLY A CA  1 
ATOM   291  C  C   . GLY A 1 39  ? -1.457  -10.044 3.606   1.00 59.65 ? 554  GLY A C   1 
ATOM   292  O  O   . GLY A 1 39  ? -2.060  -10.686 4.462   1.00 59.04 ? 554  GLY A O   1 
ATOM   293  N  N   . ALA A 1 40  ? -0.714  -8.971  3.877   1.00 61.21 ? 555  ALA A N   1 
ATOM   294  C  CA  . ALA A 1 40  ? -0.476  -8.478  5.242   1.00 60.53 ? 555  ALA A CA  1 
ATOM   295  C  C   . ALA A 1 40  ? -1.683  -8.691  6.162   1.00 60.67 ? 555  ALA A C   1 
ATOM   296  O  O   . ALA A 1 40  ? -1.626  -9.474  7.108   1.00 58.23 ? 555  ALA A O   1 
ATOM   297  C  CB  . ALA A 1 40  ? -0.089  -6.992  5.210   1.00 59.77 ? 555  ALA A CB  1 
ATOM   298  N  N   . CYS A 1 41  ? -2.790  -8.032  5.852   1.00 59.72 ? 556  CYS A N   1 
ATOM   299  C  CA  . CYS A 1 41  ? -3.933  -8.035  6.750   1.00 59.03 ? 556  CYS A CA  1 
ATOM   300  C  C   . CYS A 1 41  ? -4.868  -9.229  6.553   1.00 58.31 ? 556  CYS A C   1 
ATOM   301  O  O   . CYS A 1 41  ? -5.989  -9.224  7.057   1.00 58.83 ? 556  CYS A O   1 
ATOM   302  C  CB  . CYS A 1 41  ? -4.713  -6.720  6.621   1.00 59.35 ? 556  CYS A CB  1 
ATOM   303  S  SG  . CYS A 1 41  ? -6.018  -6.722  5.374   1.00 61.67 ? 556  CYS A SG  1 
ATOM   304  N  N   . GLU A 1 42  ? -4.427  -10.247 5.828   1.00 58.34 ? 557  GLU A N   1 
ATOM   305  C  CA  . GLU A 1 42  ? -5.223  -11.469 5.654   1.00 58.57 ? 557  GLU A CA  1 
ATOM   306  C  C   . GLU A 1 42  ? -6.694  -11.240 5.239   1.00 55.49 ? 557  GLU A C   1 
ATOM   307  O  O   . GLU A 1 42  ? -7.602  -11.814 5.828   1.00 57.34 ? 557  GLU A O   1 
ATOM   308  C  CB  . GLU A 1 42  ? -5.183  -12.303 6.943   1.00 56.94 ? 557  GLU A CB  1 
ATOM   309  C  CG  . GLU A 1 42  ? -3.787  -12.701 7.421   1.00 62.16 ? 557  GLU A CG  1 
ATOM   310  C  CD  . GLU A 1 42  ? -3.823  -13.856 8.431   1.00 66.89 ? 557  GLU A CD  1 
ATOM   311  O  OE1 . GLU A 1 42  ? -4.799  -13.933 9.217   1.00 80.51 ? 557  GLU A OE1 1 
ATOM   312  O  OE2 . GLU A 1 42  ? -2.885  -14.688 8.438   1.00 70.32 ? 557  GLU A OE2 1 
ATOM   313  N  N   . GLY A 1 43  ? -6.931  -10.400 4.242   1.00 51.97 ? 558  GLY A N   1 
ATOM   314  C  CA  . GLY A 1 43  ? -8.265  -10.265 3.646   1.00 52.82 ? 558  GLY A CA  1 
ATOM   315  C  C   . GLY A 1 43  ? -9.244  -9.356  4.362   1.00 53.08 ? 558  GLY A C   1 
ATOM   316  O  O   . GLY A 1 43  ? -10.419 -9.280  3.992   1.00 53.52 ? 558  GLY A O   1 
ATOM   317  N  N   . SER A 1 44  ? -8.754  -8.632  5.360   1.00 54.09 ? 559  SER A N   1 
ATOM   318  C  CA  . SER A 1 44  ? -9.597  -7.811  6.230   1.00 54.25 ? 559  SER A CA  1 
ATOM   319  C  C   . SER A 1 44  ? -9.732  -6.377  5.745   1.00 55.94 ? 559  SER A C   1 
ATOM   320  O  O   . SER A 1 44  ? -10.176 -5.495  6.490   1.00 58.00 ? 559  SER A O   1 
ATOM   321  C  CB  . SER A 1 44  ? -8.997  -7.818  7.618   1.00 53.04 ? 559  SER A CB  1 
ATOM   322  O  OG  . SER A 1 44  ? -8.538  -9.129  7.892   1.00 61.83 ? 559  SER A OG  1 
ATOM   323  N  N   . VAL A 1 45  ? -9.334  -6.161  4.493   1.00 54.02 ? 560  VAL A N   1 
ATOM   324  C  CA  . VAL A 1 45  ? -9.358  -4.847  3.816   1.00 52.52 ? 560  VAL A CA  1 
ATOM   325  C  C   . VAL A 1 45  ? -8.664  -3.748  4.624   1.00 53.37 ? 560  VAL A C   1 
ATOM   326  O  O   . VAL A 1 45  ? -9.125  -2.609  4.668   1.00 53.92 ? 560  VAL A O   1 
ATOM   327  C  CB  . VAL A 1 45  ? -10.798 -4.428  3.414   1.00 51.38 ? 560  VAL A CB  1 
ATOM   328  C  CG1 . VAL A 1 45  ? -10.776 -3.314  2.387   1.00 49.61 ? 560  VAL A CG1 1 
ATOM   329  C  CG2 . VAL A 1 45  ? -11.548 -5.607  2.824   1.00 45.72 ? 560  VAL A CG2 1 
ATOM   330  N  N   . ALA A 1 46  ? -7.531  -4.102  5.237   1.00 53.99 ? 561  ALA A N   1 
ATOM   331  C  CA  . ALA A 1 46  ? -6.815  -3.206  6.149   1.00 52.95 ? 561  ALA A CA  1 
ATOM   332  C  C   . ALA A 1 46  ? -5.386  -2.973  5.705   1.00 52.34 ? 561  ALA A C   1 
ATOM   333  O  O   . ALA A 1 46  ? -4.564  -2.542  6.508   1.00 56.61 ? 561  ALA A O   1 
ATOM   334  C  CB  . ALA A 1 46  ? -6.814  -3.795  7.560   1.00 53.52 ? 561  ALA A CB  1 
ATOM   335  N  N   . CYS A 1 47  ? -5.076  -3.287  4.451   1.00 50.86 ? 562  CYS A N   1 
ATOM   336  C  CA  . CYS A 1 47  ? -3.755  -3.002  3.900   1.00 49.74 ? 562  CYS A CA  1 
ATOM   337  C  C   . CYS A 1 47  ? -3.833  -2.885  2.375   1.00 49.43 ? 562  CYS A C   1 
ATOM   338  O  O   . CYS A 1 47  ? -4.911  -2.760  1.805   1.00 53.05 ? 562  CYS A O   1 
ATOM   339  C  CB  . CYS A 1 47  ? -2.728  -4.042  4.389   1.00 48.13 ? 562  CYS A CB  1 
ATOM   340  S  SG  . CYS A 1 47  ? -2.698  -5.639  3.574   1.00 49.83 ? 562  CYS A SG  1 
ATOM   341  N  N   . SER A 1 48  ? -2.694  -2.858  1.713   1.00 49.78 ? 563  SER A N   1 
ATOM   342  C  CA  . SER A 1 48  ? -2.687  -2.739  0.270   1.00 49.89 ? 563  SER A CA  1 
ATOM   343  C  C   . SER A 1 48  ? -1.660  -3.670  -0.348  1.00 50.27 ? 563  SER A C   1 
ATOM   344  O  O   . SER A 1 48  ? -1.321  -3.539  -1.522  1.00 54.37 ? 563  SER A O   1 
ATOM   345  C  CB  . SER A 1 48  ? -2.373  -1.292  -0.104  1.00 50.81 ? 563  SER A CB  1 
ATOM   346  O  OG  . SER A 1 48  ? -1.096  -0.929  0.433   1.00 53.30 ? 563  SER A OG  1 
ATOM   347  N  N   . THR A 1 49  ? -1.190  -4.638  0.424   1.00 50.15 ? 564  THR A N   1 
ATOM   348  C  CA  . THR A 1 49  ? -0.146  -5.505  -0.060  1.00 49.09 ? 564  THR A CA  1 
ATOM   349  C  C   . THR A 1 49  ? -0.703  -6.475  -1.089  1.00 49.88 ? 564  THR A C   1 
ATOM   350  O  O   . THR A 1 49  ? 0.071   -7.027  -1.863  1.00 58.25 ? 564  THR A O   1 
ATOM   351  C  CB  . THR A 1 49  ? 0.560   -6.275  1.081   1.00 50.22 ? 564  THR A CB  1 
ATOM   352  O  OG1 . THR A 1 49  ? -0.298  -7.308  1.562   1.00 52.61 ? 564  THR A OG1 1 
ATOM   353  C  CG2 . THR A 1 49  ? 0.934   -5.335  2.232   1.00 47.69 ? 564  THR A CG2 1 
ATOM   354  N  N   . CYS A 1 50  ? -2.025  -6.673  -1.110  1.00 45.66 ? 565  CYS A N   1 
ATOM   355  C  CA  . CYS A 1 50  ? -2.641  -7.590  -2.056  1.00 42.80 ? 565  CYS A CA  1 
ATOM   356  C  C   . CYS A 1 50  ? -3.134  -6.862  -3.305  1.00 39.71 ? 565  CYS A C   1 
ATOM   357  O  O   . CYS A 1 50  ? -3.829  -7.445  -4.131  1.00 37.92 ? 565  CYS A O   1 
ATOM   358  C  CB  . CYS A 1 50  ? -3.806  -8.286  -1.395  1.00 42.01 ? 565  CYS A CB  1 
ATOM   359  S  SG  . CYS A 1 50  ? -5.123  -7.115  -1.128  1.00 42.68 ? 565  CYS A SG  1 
ATOM   360  N  N   . HIS A 1 51  ? -2.767  -5.596  -3.440  1.00 36.89 ? 566  HIS A N   1 
ATOM   361  C  CA  . HIS A 1 51  ? -3.077  -4.789  -4.628  1.00 37.57 ? 566  HIS A CA  1 
ATOM   362  C  C   . HIS A 1 51  ? -2.678  -5.486  -5.925  1.00 38.29 ? 566  HIS A C   1 
ATOM   363  O  O   . HIS A 1 51  ? -1.537  -5.878  -6.076  1.00 39.63 ? 566  HIS A O   1 
ATOM   364  C  CB  . HIS A 1 51  ? -2.333  -3.461  -4.507  1.00 33.81 ? 566  HIS A CB  1 
ATOM   365  C  CG  . HIS A 1 51  ? -2.485  -2.546  -5.679  1.00 34.12 ? 566  HIS A CG  1 
ATOM   366  N  ND1 . HIS A 1 51  ? -1.497  -1.654  -6.046  1.00 37.10 ? 566  HIS A ND1 1 
ATOM   367  C  CD2 . HIS A 1 51  ? -3.514  -2.340  -6.537  1.00 40.26 ? 566  HIS A CD2 1 
ATOM   368  C  CE1 . HIS A 1 51  ? -1.907  -0.948  -7.086  1.00 39.32 ? 566  HIS A CE1 1 
ATOM   369  N  NE2 . HIS A 1 51  ? -3.126  -1.345  -7.407  1.00 36.01 ? 566  HIS A NE2 1 
ATOM   370  N  N   . VAL A 1 52  ? -3.637  -5.647  -6.831  1.00 40.18 ? 567  VAL A N   1 
ATOM   371  C  CA  . VAL A 1 52  ? -3.388  -6.162  -8.178  1.00 40.21 ? 567  VAL A CA  1 
ATOM   372  C  C   . VAL A 1 52  ? -4.086  -5.246  -9.183  1.00 42.08 ? 567  VAL A C   1 
ATOM   373  O  O   . VAL A 1 52  ? -5.024  -4.534  -8.819  1.00 43.70 ? 567  VAL A O   1 
ATOM   374  C  CB  . VAL A 1 52  ? -3.909  -7.605  -8.357  1.00 39.31 ? 567  VAL A CB  1 
ATOM   375  C  CG1 . VAL A 1 52  ? -3.309  -8.513  -7.302  1.00 36.83 ? 567  VAL A CG1 1 
ATOM   376  C  CG2 . VAL A 1 52  ? -5.414  -7.632  -8.309  1.00 31.46 ? 567  VAL A CG2 1 
ATOM   377  N  N   . ILE A 1 53  ? -3.630  -5.261  -10.436 1.00 40.48 ? 568  ILE A N   1 
ATOM   378  C  CA  . ILE A 1 53  ? -4.266  -4.490  -11.493 1.00 41.33 ? 568  ILE A CA  1 
ATOM   379  C  C   . ILE A 1 53  ? -4.920  -5.437  -12.459 1.00 42.24 ? 568  ILE A C   1 
ATOM   380  O  O   . ILE A 1 53  ? -4.241  -6.172  -13.135 1.00 43.83 ? 568  ILE A O   1 
ATOM   381  C  CB  . ILE A 1 53  ? -3.241  -3.628  -12.231 1.00 42.83 ? 568  ILE A CB  1 
ATOM   382  C  CG1 . ILE A 1 53  ? -2.591  -2.661  -11.235 1.00 40.08 ? 568  ILE A CG1 1 
ATOM   383  C  CG2 . ILE A 1 53  ? -3.924  -2.885  -13.398 1.00 37.25 ? 568  ILE A CG2 1 
ATOM   384  C  CD1 . ILE A 1 53  ? -1.277  -2.146  -11.688 1.00 41.30 ? 568  ILE A CD1 1 
ATOM   385  N  N   . VAL A 1 54  ? -6.240  -5.429  -12.526 1.00 42.83 ? 569  VAL A N   1 
ATOM   386  C  CA  . VAL A 1 54  ? -6.942  -6.378  -13.372 1.00 43.56 ? 569  VAL A CA  1 
ATOM   387  C  C   . VAL A 1 54  ? -7.130  -5.784  -14.751 1.00 44.95 ? 569  VAL A C   1 
ATOM   388  O  O   . VAL A 1 54  ? -7.125  -4.583  -14.889 1.00 47.29 ? 569  VAL A O   1 
ATOM   389  C  CB  . VAL A 1 54  ? -8.268  -6.897  -12.707 1.00 42.25 ? 569  VAL A CB  1 
ATOM   390  C  CG1 . VAL A 1 54  ? -8.675  -6.048  -11.587 1.00 38.48 ? 569  VAL A CG1 1 
ATOM   391  C  CG2 . VAL A 1 54  ? -9.388  -7.076  -13.711 1.00 45.08 ? 569  VAL A CG2 1 
ATOM   392  N  N   . ASP A 1 55  ? -7.229  -6.631  -15.778 1.00 49.44 ? 570  ASP A N   1 
ATOM   393  C  CA  . ASP A 1 55  ? -7.456  -6.175  -17.158 1.00 48.57 ? 570  ASP A CA  1 
ATOM   394  C  C   . ASP A 1 55  ? -8.766  -5.386  -17.226 1.00 49.97 ? 570  ASP A C   1 
ATOM   395  O  O   . ASP A 1 55  ? -9.713  -5.702  -16.522 1.00 48.63 ? 570  ASP A O   1 
ATOM   396  C  CB  . ASP A 1 55  ? -7.505  -7.345  -18.149 1.00 45.37 ? 570  ASP A CB  1 
ATOM   397  C  CG  . ASP A 1 55  ? -8.655  -8.294  -17.868 1.00 47.87 ? 570  ASP A CG  1 
ATOM   398  O  OD1 . ASP A 1 55  ? -8.524  -9.162  -17.001 1.00 55.09 ? 570  ASP A OD1 1 
ATOM   399  O  OD2 . ASP A 1 55  ? -9.695  -8.180  -18.526 1.00 49.32 ? 570  ASP A OD2 1 
ATOM   400  N  N   . PRO A 1 56  ? -8.824  -4.370  -18.097 1.00 52.69 ? 571  PRO A N   1 
ATOM   401  C  CA  . PRO A 1 56  ? -10.006 -3.518  -18.166 1.00 52.29 ? 571  PRO A CA  1 
ATOM   402  C  C   . PRO A 1 56  ? -11.280 -4.314  -18.437 1.00 52.68 ? 571  PRO A C   1 
ATOM   403  O  O   . PRO A 1 56  ? -12.310 -4.050  -17.837 1.00 55.50 ? 571  PRO A O   1 
ATOM   404  C  CB  . PRO A 1 56  ? -9.700  -2.576  -19.341 1.00 52.99 ? 571  PRO A CB  1 
ATOM   405  C  CG  . PRO A 1 56  ? -8.220  -2.633  -19.531 1.00 54.30 ? 571  PRO A CG  1 
ATOM   406  C  CD  . PRO A 1 56  ? -7.790  -3.981  -19.082 1.00 52.76 ? 571  PRO A CD  1 
ATOM   407  N  N   . GLU A 1 57  ? -11.206 -5.293  -19.321 1.00 52.60 ? 572  GLU A N   1 
ATOM   408  C  CA  . GLU A 1 57  ? -12.395 -6.019  -19.752 1.00 56.17 ? 572  GLU A CA  1 
ATOM   409  C  C   . GLU A 1 57  ? -13.055 -6.712  -18.570 1.00 56.81 ? 572  GLU A C   1 
ATOM   410  O  O   . GLU A 1 57  ? -14.241 -6.557  -18.337 1.00 59.71 ? 572  GLU A O   1 
ATOM   411  C  CB  . GLU A 1 57  ? -12.047 -7.041  -20.840 1.00 60.32 ? 572  GLU A CB  1 
ATOM   412  C  CG  . GLU A 1 57  ? -11.453 -6.440  -22.141 1.00 71.33 ? 572  GLU A CG  1 
ATOM   413  C  CD  . GLU A 1 57  ? -9.980  -6.031  -22.027 1.00 85.69 ? 572  GLU A CD  1 
ATOM   414  O  OE1 . GLU A 1 57  ? -9.197  -6.734  -21.341 1.00 89.92 ? 572  GLU A OE1 1 
ATOM   415  O  OE2 . GLU A 1 57  ? -9.604  -5.006  -22.638 1.00 93.93 ? 572  GLU A OE2 1 
ATOM   416  N  N   . HIS A 1 58  ? -12.271 -7.459  -17.804 1.00 57.23 ? 573  HIS A N   1 
ATOM   417  C  CA  . HIS A 1 58  ? -12.805 -8.223  -16.666 1.00 56.93 ? 573  HIS A CA  1 
ATOM   418  C  C   . HIS A 1 58  ? -13.050 -7.327  -15.459 1.00 56.01 ? 573  HIS A C   1 
ATOM   419  O  O   . HIS A 1 58  ? -13.822 -7.670  -14.560 1.00 53.55 ? 573  HIS A O   1 
ATOM   420  C  CB  . HIS A 1 58  ? -11.874 -9.395  -16.288 1.00 55.09 ? 573  HIS A CB  1 
ATOM   421  C  CG  . HIS A 1 58  ? -11.796 -10.469 -17.334 1.00 54.72 ? 573  HIS A CG  1 
ATOM   422  N  ND1 . HIS A 1 58  ? -11.020 -10.349 -18.465 1.00 52.72 ? 573  HIS A ND1 1 
ATOM   423  C  CD2 . HIS A 1 58  ? -12.404 -11.674 -17.424 1.00 52.47 ? 573  HIS A CD2 1 
ATOM   424  C  CE1 . HIS A 1 58  ? -11.160 -11.424 -19.214 1.00 56.67 ? 573  HIS A CE1 1 
ATOM   425  N  NE2 . HIS A 1 58  ? -11.994 -12.246 -18.603 1.00 58.55 ? 573  HIS A NE2 1 
ATOM   426  N  N   . TYR A 1 59  ? -12.395 -6.176  -15.437 1.00 56.22 ? 574  TYR A N   1 
ATOM   427  C  CA  . TYR A 1 59  ? -12.594 -5.239  -14.360 1.00 57.90 ? 574  TYR A CA  1 
ATOM   428  C  C   . TYR A 1 59  ? -14.070 -4.871  -14.272 1.00 58.60 ? 574  TYR A C   1 
ATOM   429  O  O   . TYR A 1 59  ? -14.663 -4.933  -13.185 1.00 59.77 ? 574  TYR A O   1 
ATOM   430  C  CB  . TYR A 1 59  ? -11.745 -3.989  -14.565 1.00 58.20 ? 574  TYR A CB  1 
ATOM   431  C  CG  . TYR A 1 59  ? -11.903 -2.962  -13.468 1.00 60.28 ? 574  TYR A CG  1 
ATOM   432  C  CD1 . TYR A 1 59  ? -11.322 -3.154  -12.228 1.00 57.34 ? 574  TYR A CD1 1 
ATOM   433  C  CD2 . TYR A 1 59  ? -12.629 -1.789  -13.679 1.00 64.18 ? 574  TYR A CD2 1 
ATOM   434  C  CE1 . TYR A 1 59  ? -11.457 -2.223  -11.242 1.00 60.41 ? 574  TYR A CE1 1 
ATOM   435  C  CE2 . TYR A 1 59  ? -12.758 -0.846  -12.690 1.00 55.97 ? 574  TYR A CE2 1 
ATOM   436  C  CZ  . TYR A 1 59  ? -12.172 -1.074  -11.477 1.00 58.54 ? 574  TYR A CZ  1 
ATOM   437  O  OH  . TYR A 1 59  ? -12.285 -0.152  -10.484 1.00 60.33 ? 574  TYR A OH  1 
ATOM   438  N  N   . GLU A 1 60  ? -14.664 -4.514  -15.413 1.00 58.88 ? 575  GLU A N   1 
ATOM   439  C  CA  . GLU A 1 60  ? -16.063 -4.103  -15.434 1.00 62.21 ? 575  GLU A CA  1 
ATOM   440  C  C   . GLU A 1 60  ? -17.002 -5.264  -15.062 1.00 60.40 ? 575  GLU A C   1 
ATOM   441  O  O   . GLU A 1 60  ? -18.087 -5.032  -14.545 1.00 64.98 ? 575  GLU A O   1 
ATOM   442  C  CB  . GLU A 1 60  ? -16.438 -3.473  -16.780 1.00 63.63 ? 575  GLU A CB  1 
ATOM   443  C  CG  . GLU A 1 60  ? -16.928 -4.471  -17.823 1.00 75.35 ? 575  GLU A CG  1 
ATOM   444  C  CD  . GLU A 1 60  ? -16.943 -3.902  -19.238 1.00 76.93 ? 575  GLU A CD  1 
ATOM   445  O  OE1 . GLU A 1 60  ? -17.087 -2.666  -19.393 1.00 90.32 ? 575  GLU A OE1 1 
ATOM   446  O  OE2 . GLU A 1 60  ? -16.815 -4.699  -20.197 1.00 89.69 ? 575  GLU A OE2 1 
ATOM   447  N  N   . LEU A 1 61  ? -16.573 -6.506  -15.277 1.00 56.79 ? 576  LEU A N   1 
ATOM   448  C  CA  . LEU A 1 61  ? -17.361 -7.667  -14.841 1.00 56.88 ? 576  LEU A CA  1 
ATOM   449  C  C   . LEU A 1 61  ? -17.472 -7.794  -13.324 1.00 55.52 ? 576  LEU A C   1 
ATOM   450  O  O   . LEU A 1 61  ? -18.333 -8.509  -12.833 1.00 56.05 ? 576  LEU A O   1 
ATOM   451  C  CB  . LEU A 1 61  ? -16.787 -8.972  -15.396 1.00 56.19 ? 576  LEU A CB  1 
ATOM   452  C  CG  . LEU A 1 61  ? -17.043 -9.286  -16.867 1.00 56.63 ? 576  LEU A CG  1 
ATOM   453  C  CD1 . LEU A 1 61  ? -16.855 -8.064  -17.731 1.00 61.11 ? 576  LEU A CD1 1 
ATOM   454  C  CD2 . LEU A 1 61  ? -16.112 -10.409 -17.320 1.00 55.10 ? 576  LEU A CD2 1 
ATOM   455  N  N   . LEU A 1 62  ? -16.594 -7.133  -12.581 1.00 57.91 ? 577  LEU A N   1 
ATOM   456  C  CA  . LEU A 1 62  ? -16.507 -7.363  -11.133 1.00 58.99 ? 577  LEU A CA  1 
ATOM   457  C  C   . LEU A 1 62  ? -17.525 -6.559  -10.359 1.00 59.00 ? 577  LEU A C   1 
ATOM   458  O  O   . LEU A 1 62  ? -17.853 -5.438  -10.741 1.00 58.21 ? 577  LEU A O   1 
ATOM   459  C  CB  . LEU A 1 62  ? -15.123 -6.977  -10.616 1.00 57.79 ? 577  LEU A CB  1 
ATOM   460  C  CG  . LEU A 1 62  ? -13.984 -7.851  -11.099 1.00 57.25 ? 577  LEU A CG  1 
ATOM   461  C  CD1 . LEU A 1 62  ? -12.685 -7.091  -10.956 1.00 57.90 ? 577  LEU A CD1 1 
ATOM   462  C  CD2 . LEU A 1 62  ? -13.961 -9.147  -10.317 1.00 50.44 ? 577  LEU A CD2 1 
ATOM   463  N  N   . ASP A 1 63  ? -17.990 -7.120  -9.247  1.00 63.05 ? 578  ASP A N   1 
ATOM   464  C  CA  . ASP A 1 63  ? -18.711 -6.326  -8.252  1.00 66.93 ? 578  ASP A CA  1 
ATOM   465  C  C   . ASP A 1 63  ? -17.790 -5.151  -7.912  1.00 68.66 ? 578  ASP A C   1 
ATOM   466  O  O   . ASP A 1 63  ? -16.620 -5.369  -7.593  1.00 70.83 ? 578  ASP A O   1 
ATOM   467  C  CB  . ASP A 1 63  ? -19.008 -7.141  -6.984  1.00 69.05 ? 578  ASP A CB  1 
ATOM   468  C  CG  . ASP A 1 63  ? -19.721 -8.453  -7.278  1.00 76.70 ? 578  ASP A CG  1 
ATOM   469  O  OD1 . ASP A 1 63  ? -20.602 -8.475  -8.165  1.00 87.25 ? 578  ASP A OD1 1 
ATOM   470  O  OD2 . ASP A 1 63  ? -19.403 -9.467  -6.621  1.00 80.57 ? 578  ASP A OD2 1 
ATOM   471  N  N   . PRO A 1 64  ? -18.292 -3.904  -7.988  1.00 68.24 ? 579  PRO A N   1 
ATOM   472  C  CA  . PRO A 1 64  ? -17.325 -2.804  -7.823  1.00 66.69 ? 579  PRO A CA  1 
ATOM   473  C  C   . PRO A 1 64  ? -16.794 -2.738  -6.391  1.00 64.72 ? 579  PRO A C   1 
ATOM   474  O  O   . PRO A 1 64  ? -17.347 -3.385  -5.499  1.00 61.87 ? 579  PRO A O   1 
ATOM   475  C  CB  . PRO A 1 64  ? -18.130 -1.541  -8.183  1.00 67.48 ? 579  PRO A CB  1 
ATOM   476  C  CG  . PRO A 1 64  ? -19.470 -2.022  -8.698  1.00 70.74 ? 579  PRO A CG  1 
ATOM   477  C  CD  . PRO A 1 64  ? -19.670 -3.415  -8.166  1.00 69.44 ? 579  PRO A CD  1 
ATOM   478  N  N   . PRO A 1 65  ? -15.710 -1.988  -6.168  1.00 63.24 ? 580  PRO A N   1 
ATOM   479  C  CA  . PRO A 1 65  ? -15.152 -1.990  -4.821  1.00 64.26 ? 580  PRO A CA  1 
ATOM   480  C  C   . PRO A 1 65  ? -16.064 -1.265  -3.831  1.00 63.18 ? 580  PRO A C   1 
ATOM   481  O  O   . PRO A 1 65  ? -16.610 -0.209  -4.146  1.00 63.28 ? 580  PRO A O   1 
ATOM   482  C  CB  . PRO A 1 65  ? -13.818 -1.249  -4.991  1.00 63.05 ? 580  PRO A CB  1 
ATOM   483  C  CG  . PRO A 1 65  ? -14.011 -0.391  -6.187  1.00 62.87 ? 580  PRO A CG  1 
ATOM   484  C  CD  . PRO A 1 65  ? -14.949 -1.133  -7.093  1.00 61.48 ? 580  PRO A CD  1 
ATOM   485  N  N   . GLU A 1 66  ? -16.228 -1.845  -2.647  1.00 64.50 ? 581  GLU A N   1 
ATOM   486  C  CA  . GLU A 1 66  ? -16.888 -1.157  -1.544  1.00 67.36 ? 581  GLU A CA  1 
ATOM   487  C  C   . GLU A 1 66  ? -15.999 -0.005  -1.044  1.00 67.61 ? 581  GLU A C   1 
ATOM   488  O  O   . GLU A 1 66  ? -14.842 0.125   -1.453  1.00 67.63 ? 581  GLU A O   1 
ATOM   489  C  CB  . GLU A 1 66  ? -17.219 -2.146  -0.415  1.00 66.82 ? 581  GLU A CB  1 
ATOM   490  C  CG  . GLU A 1 66  ? -18.423 -3.054  -0.722  1.00 70.16 ? 581  GLU A CG  1 
ATOM   491  C  CD  . GLU A 1 66  ? -18.663 -4.111  0.362   1.00 76.50 ? 581  GLU A CD  1 
ATOM   492  O  OE1 . GLU A 1 66  ? -18.144 -3.961  1.493   1.00 94.65 ? 581  GLU A OE1 1 
ATOM   493  O  OE2 . GLU A 1 66  ? -19.369 -5.104  0.084   1.00 91.11 ? 581  GLU A OE2 1 
ATOM   494  N  N   . GLU A 1 67  ? -16.543 0.821   -0.154  1.00 68.67 ? 582  GLU A N   1 
ATOM   495  C  CA  . GLU A 1 67  ? -15.865 2.045   0.306   1.00 68.04 ? 582  GLU A CA  1 
ATOM   496  C  C   . GLU A 1 67  ? -14.542 1.765   1.023   1.00 62.90 ? 582  GLU A C   1 
ATOM   497  O  O   . GLU A 1 67  ? -13.558 2.470   0.787   1.00 61.64 ? 582  GLU A O   1 
ATOM   498  C  CB  . GLU A 1 67  ? -16.799 2.885   1.198   1.00 69.68 ? 582  GLU A CB  1 
ATOM   499  C  CG  . GLU A 1 67  ? -18.108 3.315   0.485   1.00 78.82 ? 582  GLU A CG  1 
ATOM   500  C  CD  . GLU A 1 67  ? -18.788 4.568   1.081   1.00 79.62 ? 582  GLU A CD  1 
ATOM   501  O  OE1 . GLU A 1 67  ? -18.354 5.067   2.150   1.00 90.85 ? 582  GLU A OE1 1 
ATOM   502  O  OE2 . GLU A 1 67  ? -19.769 5.055   0.464   1.00 86.44 ? 582  GLU A OE2 1 
ATOM   503  N  N   . ASP A 1 68  ? -14.512 0.733   1.870   1.00 58.64 ? 583  ASP A N   1 
ATOM   504  C  CA  . ASP A 1 68  ? -13.289 0.395   2.593   1.00 58.18 ? 583  ASP A CA  1 
ATOM   505  C  C   . ASP A 1 68  ? -12.159 0.041   1.621   1.00 56.76 ? 583  ASP A C   1 
ATOM   506  O  O   . ASP A 1 68  ? -11.014 0.474   1.820   1.00 54.42 ? 583  ASP A O   1 
ATOM   507  C  CB  . ASP A 1 68  ? -13.511 -0.693  3.671   1.00 57.93 ? 583  ASP A CB  1 
ATOM   508  C  CG  . ASP A 1 68  ? -14.303 -1.888  3.174   1.00 63.03 ? 583  ASP A CG  1 
ATOM   509  O  OD1 . ASP A 1 68  ? -14.899 -1.805  2.086   1.00 70.76 ? 583  ASP A OD1 1 
ATOM   510  O  OD2 . ASP A 1 68  ? -14.337 -2.913  3.886   1.00 69.53 ? 583  ASP A OD2 1 
ATOM   511  N  N   . GLU A 1 69  ? -12.484 -0.701  0.558   1.00 54.23 ? 584  GLU A N   1 
ATOM   512  C  CA  . GLU A 1 69  ? -11.486 -1.046  -0.455  1.00 53.47 ? 584  GLU A CA  1 
ATOM   513  C  C   . GLU A 1 69  ? -11.031 0.179   -1.227  1.00 50.43 ? 584  GLU A C   1 
ATOM   514  O  O   . GLU A 1 69  ? -9.834  0.364   -1.442  1.00 51.31 ? 584  GLU A O   1 
ATOM   515  C  CB  . GLU A 1 69  ? -11.979 -2.128  -1.424  1.00 52.64 ? 584  GLU A CB  1 
ATOM   516  C  CG  . GLU A 1 69  ? -11.093 -2.264  -2.652  1.00 51.89 ? 584  GLU A CG  1 
ATOM   517  C  CD  . GLU A 1 69  ? -11.393 -3.462  -3.517  1.00 53.44 ? 584  GLU A CD  1 
ATOM   518  O  OE1 . GLU A 1 69  ? -12.399 -4.162  -3.279  1.00 55.45 ? 584  GLU A OE1 1 
ATOM   519  O  OE2 . GLU A 1 69  ? -10.610 -3.687  -4.462  1.00 47.60 ? 584  GLU A OE2 1 
ATOM   520  N  N   . GLU A 1 70  ? -11.971 1.006   -1.658  1.00 49.87 ? 585  GLU A N   1 
ATOM   521  C  CA  . GLU A 1 70  ? -11.611 2.211   -2.409  1.00 54.13 ? 585  GLU A CA  1 
ATOM   522  C  C   . GLU A 1 70  ? -10.671 3.087   -1.631  1.00 51.76 ? 585  GLU A C   1 
ATOM   523  O  O   . GLU A 1 70  ? -9.678  3.593   -2.154  1.00 51.23 ? 585  GLU A O   1 
ATOM   524  C  CB  . GLU A 1 70  ? -12.843 3.035   -2.732  1.00 54.30 ? 585  GLU A CB  1 
ATOM   525  C  CG  . GLU A 1 70  ? -13.544 2.616   -3.995  1.00 65.72 ? 585  GLU A CG  1 
ATOM   526  C  CD  . GLU A 1 70  ? -14.935 3.228   -4.127  1.00 67.14 ? 585  GLU A CD  1 
ATOM   527  O  OE1 . GLU A 1 70  ? -15.742 3.107   -3.173  1.00 78.28 ? 585  GLU A OE1 1 
ATOM   528  O  OE2 . GLU A 1 70  ? -15.219 3.815   -5.192  1.00 80.54 ? 585  GLU A OE2 1 
ATOM   529  N  N   . ASP A 1 71  ? -11.023 3.285   -0.373  1.00 52.74 ? 586  ASP A N   1 
ATOM   530  C  CA  . ASP A 1 71  ? -10.273 4.171   0.466   1.00 50.92 ? 586  ASP A CA  1 
ATOM   531  C  C   . ASP A 1 71  ? -8.861  3.626   0.666   1.00 49.81 ? 586  ASP A C   1 
ATOM   532  O  O   . ASP A 1 71  ? -7.886  4.371   0.559   1.00 52.89 ? 586  ASP A O   1 
ATOM   533  C  CB  . ASP A 1 71  ? -10.991 4.360   1.797   1.00 50.34 ? 586  ASP A CB  1 
ATOM   534  C  CG  . ASP A 1 71  ? -10.395 5.462   2.605   1.00 50.08 ? 586  ASP A CG  1 
ATOM   535  O  OD1 . ASP A 1 71  ? -10.078 6.517   2.019   1.00 62.69 ? 586  ASP A OD1 1 
ATOM   536  O  OD2 . ASP A 1 71  ? -10.221 5.268   3.815   1.00 55.35 ? 586  ASP A OD2 1 
ATOM   537  N  N   . MET A 1 72  ? -8.763  2.328   0.935   1.00 46.42 ? 587  MET A N   1 
ATOM   538  C  CA  . MET A 1 72  ? -7.479  1.691   1.185   1.00 46.81 ? 587  MET A CA  1 
ATOM   539  C  C   . MET A 1 72  ? -6.641  1.730   -0.047  1.00 43.49 ? 587  MET A C   1 
ATOM   540  O  O   . MET A 1 72  ? -5.440  1.895   0.035   1.00 44.59 ? 587  MET A O   1 
ATOM   541  C  CB  . MET A 1 72  ? -7.663  0.241   1.603   1.00 49.21 ? 587  MET A CB  1 
ATOM   542  C  CG  . MET A 1 72  ? -8.131  0.099   3.022   1.00 53.71 ? 587  MET A CG  1 
ATOM   543  S  SD  . MET A 1 72  ? -6.784  0.319   4.169   1.00 62.14 ? 587  MET A SD  1 
ATOM   544  C  CE  . MET A 1 72  ? -7.619  1.191   5.500   1.00 59.20 ? 587  MET A CE  1 
ATOM   545  N  N   . LEU A 1 73  ? -7.293  1.585   -1.191  1.00 42.81 ? 588  LEU A N   1 
ATOM   546  C  CA  . LEU A 1 73  ? -6.608  1.622   -2.467  1.00 42.55 ? 588  LEU A CA  1 
ATOM   547  C  C   . LEU A 1 73  ? -5.884  2.950   -2.642  1.00 43.75 ? 588  LEU A C   1 
ATOM   548  O  O   . LEU A 1 73  ? -4.870  3.023   -3.347  1.00 48.02 ? 588  LEU A O   1 
ATOM   549  C  CB  . LEU A 1 73  ? -7.587  1.345   -3.628  1.00 43.36 ? 588  LEU A CB  1 
ATOM   550  C  CG  . LEU A 1 73  ? -7.507  0.056   -4.492  1.00 43.95 ? 588  LEU A CG  1 
ATOM   551  C  CD1 . LEU A 1 73  ? -6.368  -0.902  -4.133  1.00 44.17 ? 588  LEU A CD1 1 
ATOM   552  C  CD2 . LEU A 1 73  ? -8.855  -0.692  -4.522  1.00 37.13 ? 588  LEU A CD2 1 
ATOM   553  N  N   . ASP A 1 74  ? -6.369  3.998   -1.986  1.00 43.43 ? 589  ASP A N   1 
ATOM   554  C  CA  . ASP A 1 74  ? -5.670  5.279   -2.047  1.00 47.37 ? 589  ASP A CA  1 
ATOM   555  C  C   . ASP A 1 74  ? -4.361  5.309   -1.330  1.00 46.43 ? 589  ASP A C   1 
ATOM   556  O  O   . ASP A 1 74  ? -3.657  6.293   -1.437  1.00 47.39 ? 589  ASP A O   1 
ATOM   557  C  CB  . ASP A 1 74  ? -6.507  6.412   -1.497  1.00 49.78 ? 589  ASP A CB  1 
ATOM   558  C  CG  . ASP A 1 74  ? -7.617  6.756   -2.392  1.00 57.37 ? 589  ASP A CG  1 
ATOM   559  O  OD1 . ASP A 1 74  ? -7.319  7.231   -3.520  1.00 62.61 ? 589  ASP A OD1 1 
ATOM   560  O  OD2 . ASP A 1 74  ? -8.766  6.519   -1.963  1.00 61.35 ? 589  ASP A OD2 1 
ATOM   561  N  N   . LEU A 1 75  ? -4.031  4.270   -0.582  1.00 46.90 ? 590  LEU A N   1 
ATOM   562  C  CA  . LEU A 1 75  ? -2.674  4.161   -0.076  1.00 48.04 ? 590  LEU A CA  1 
ATOM   563  C  C   . LEU A 1 75  ? -1.842  3.210   -0.896  1.00 43.88 ? 590  LEU A C   1 
ATOM   564  O  O   . LEU A 1 75  ? -0.667  3.057   -0.638  1.00 46.25 ? 590  LEU A O   1 
ATOM   565  C  CB  . LEU A 1 75  ? -2.664  3.758   1.397   1.00 48.97 ? 590  LEU A CB  1 
ATOM   566  C  CG  . LEU A 1 75  ? -3.361  4.755   2.319   1.00 49.12 ? 590  LEU A CG  1 
ATOM   567  C  CD1 . LEU A 1 75  ? -2.974  4.472   3.756   1.00 52.53 ? 590  LEU A CD1 1 
ATOM   568  C  CD2 . LEU A 1 75  ? -3.035  6.192   1.952   1.00 45.87 ? 590  LEU A CD2 1 
ATOM   569  N  N   . ALA A 1 76  ? -2.436  2.580   -1.892  1.00 47.36 ? 591  ALA A N   1 
ATOM   570  C  CA  . ALA A 1 76  ? -1.697  1.607   -2.692  1.00 49.32 ? 591  ALA A CA  1 
ATOM   571  C  C   . ALA A 1 76  ? -0.748  2.339   -3.610  1.00 48.44 ? 591  ALA A C   1 
ATOM   572  O  O   . ALA A 1 76  ? -1.146  3.288   -4.284  1.00 50.52 ? 591  ALA A O   1 
ATOM   573  C  CB  . ALA A 1 76  ? -2.644  0.754   -3.505  1.00 49.45 ? 591  ALA A CB  1 
ATOM   574  N  N   . PHE A 1 77  ? 0.506   1.909   -3.610  1.00 48.68 ? 592  PHE A N   1 
ATOM   575  C  CA  . PHE A 1 77  ? 1.463   2.373   -4.588  1.00 48.91 ? 592  PHE A CA  1 
ATOM   576  C  C   . PHE A 1 77  ? 1.134   1.772   -5.956  1.00 48.25 ? 592  PHE A C   1 
ATOM   577  O  O   . PHE A 1 77  ? 0.787   0.588   -6.061  1.00 49.83 ? 592  PHE A O   1 
ATOM   578  C  CB  . PHE A 1 77  ? 2.889   1.993   -4.191  1.00 56.65 ? 592  PHE A CB  1 
ATOM   579  C  CG  . PHE A 1 77  ? 3.945   2.601   -5.086  1.00 56.51 ? 592  PHE A CG  1 
ATOM   580  C  CD1 . PHE A 1 77  ? 4.276   3.966   -4.969  1.00 70.21 ? 592  PHE A CD1 1 
ATOM   581  C  CD2 . PHE A 1 77  ? 4.585   1.827   -6.058  1.00 58.95 ? 592  PHE A CD2 1 
ATOM   582  C  CE1 . PHE A 1 77  ? 5.243   4.551   -5.794  1.00 69.83 ? 592  PHE A CE1 1 
ATOM   583  C  CE2 . PHE A 1 77  ? 5.551   2.392   -6.891  1.00 65.44 ? 592  PHE A CE2 1 
ATOM   584  C  CZ  . PHE A 1 77  ? 5.887   3.764   -6.759  1.00 72.49 ? 592  PHE A CZ  1 
ATOM   585  N  N   . GLY A 1 78  ? 1.235   2.596   -7.000  1.00 41.69 ? 593  GLY A N   1 
ATOM   586  C  CA  . GLY A 1 78  ? 0.970   2.125   -8.347  1.00 42.34 ? 593  GLY A CA  1 
ATOM   587  C  C   . GLY A 1 78  ? -0.488  1.959   -8.676  1.00 42.25 ? 593  GLY A C   1 
ATOM   588  O  O   . GLY A 1 78  ? -0.847  1.112   -9.473  1.00 45.61 ? 593  GLY A O   1 
ATOM   589  N  N   . LEU A 1 79  ? -1.339  2.774   -8.071  1.00 43.64 ? 594  LEU A N   1 
ATOM   590  C  CA  . LEU A 1 79  ? -2.767  2.683   -8.302  1.00 42.07 ? 594  LEU A CA  1 
ATOM   591  C  C   . LEU A 1 79  ? -3.043  2.964   -9.769  1.00 44.84 ? 594  LEU A C   1 
ATOM   592  O  O   . LEU A 1 79  ? -2.390  3.837   -10.365 1.00 45.99 ? 594  LEU A O   1 
ATOM   593  C  CB  . LEU A 1 79  ? -3.498  3.686   -7.410  1.00 42.44 ? 594  LEU A CB  1 
ATOM   594  C  CG  . LEU A 1 79  ? -5.019  3.597   -7.386  1.00 43.78 ? 594  LEU A CG  1 
ATOM   595  C  CD1 . LEU A 1 79  ? -5.443  2.315   -6.666  1.00 39.28 ? 594  LEU A CD1 1 
ATOM   596  C  CD2 . LEU A 1 79  ? -5.601  4.853   -6.716  1.00 38.92 ? 594  LEU A CD2 1 
ATOM   597  N  N   . GLU A 1 80  ? -3.981  2.211   -10.355 1.00 45.46 ? 595  GLU A N   1 
ATOM   598  C  CA  . GLU A 1 80  ? -4.437  2.462   -11.721 1.00 45.59 ? 595  GLU A CA  1 
ATOM   599  C  C   . GLU A 1 80  ? -5.946  2.398   -11.769 1.00 46.98 ? 595  GLU A C   1 
ATOM   600  O  O   . GLU A 1 80  ? -6.578  2.073   -10.771 1.00 49.61 ? 595  GLU A O   1 
ATOM   601  C  CB  . GLU A 1 80  ? -3.840  1.451   -12.678 1.00 46.56 ? 595  GLU A CB  1 
ATOM   602  C  CG  . GLU A 1 80  ? -2.340  1.547   -12.771 1.00 48.68 ? 595  GLU A CG  1 
ATOM   603  C  CD  . GLU A 1 80  ? -1.771  0.736   -13.919 1.00 47.94 ? 595  GLU A CD  1 
ATOM   604  O  OE1 . GLU A 1 80  ? -2.558  0.205   -14.724 1.00 57.31 ? 595  GLU A OE1 1 
ATOM   605  O  OE2 . GLU A 1 80  ? -0.536  0.636   -14.022 1.00 53.64 ? 595  GLU A OE2 1 
ATOM   606  N  N   . GLU A 1 81  ? -6.530  2.720   -12.920 1.00 47.88 ? 596  GLU A N   1 
ATOM   607  C  CA  . GLU A 1 81  ? -7.984  2.720   -13.042 1.00 51.72 ? 596  GLU A CA  1 
ATOM   608  C  C   . GLU A 1 81  ? -8.600  1.384   -12.630 1.00 50.34 ? 596  GLU A C   1 
ATOM   609  O  O   . GLU A 1 81  ? -9.718  1.346   -12.102 1.00 53.63 ? 596  GLU A O   1 
ATOM   610  C  CB  . GLU A 1 81  ? -8.416  3.030   -14.475 1.00 54.39 ? 596  GLU A CB  1 
ATOM   611  C  CG  . GLU A 1 81  ? -7.863  4.322   -15.056 1.00 66.06 ? 596  GLU A CG  1 
ATOM   612  C  CD  . GLU A 1 81  ? -8.821  4.960   -16.071 1.00 68.94 ? 596  GLU A CD  1 
ATOM   613  O  OE1 . GLU A 1 81  ? -9.762  5.661   -15.627 1.00 89.69 ? 596  GLU A OE1 1 
ATOM   614  O  OE2 . GLU A 1 81  ? -8.637  4.770   -17.299 1.00 89.47 ? 596  GLU A OE2 1 
ATOM   615  N  N   . THR A 1 82  ? -7.875  0.295   -12.890 1.00 48.53 ? 597  THR A N   1 
ATOM   616  C  CA  . THR A 1 82  ? -8.409  -1.058  -12.725 1.00 45.15 ? 597  THR A CA  1 
ATOM   617  C  C   . THR A 1 82  ? -7.728  -1.777  -11.588 1.00 44.41 ? 597  THR A C   1 
ATOM   618  O  O   . THR A 1 82  ? -7.765  -3.000  -11.514 1.00 45.29 ? 597  THR A O   1 
ATOM   619  C  CB  . THR A 1 82  ? -8.215  -1.862  -13.999 1.00 43.59 ? 597  THR A CB  1 
ATOM   620  O  OG1 . THR A 1 82  ? -6.867  -1.698  -14.435 1.00 33.49 ? 597  THR A OG1 1 
ATOM   621  C  CG2 . THR A 1 82  ? -9.139  -1.369  -15.078 1.00 39.92 ? 597  THR A CG2 1 
ATOM   622  N  N   . SER A 1 83  ? -7.107  -1.015  -10.695 1.00 42.25 ? 598  SER A N   1 
ATOM   623  C  CA  . SER A 1 83  ? -6.517  -1.570  -9.487  1.00 40.60 ? 598  SER A CA  1 
ATOM   624  C  C   . SER A 1 83  ? -7.603  -2.215  -8.629  1.00 40.88 ? 598  SER A C   1 
ATOM   625  O  O   . SER A 1 83  ? -8.734  -1.773  -8.634  1.00 44.61 ? 598  SER A O   1 
ATOM   626  C  CB  . SER A 1 83  ? -5.796  -0.475  -8.705  1.00 38.29 ? 598  SER A CB  1 
ATOM   627  O  OG  . SER A 1 83  ? -4.619  -0.072  -9.389  1.00 41.49 ? 598  SER A OG  1 
ATOM   628  N  N   . ARG A 1 84  ? -7.268  -3.280  -7.924  1.00 41.89 ? 599  ARG A N   1 
ATOM   629  C  CA  . ARG A 1 84  ? -8.161  -3.859  -6.933  1.00 40.38 ? 599  ARG A CA  1 
ATOM   630  C  C   . ARG A 1 84  ? -7.325  -4.477  -5.831  1.00 40.86 ? 599  ARG A C   1 
ATOM   631  O  O   . ARG A 1 84  ? -6.140  -4.757  -6.011  1.00 40.77 ? 599  ARG A O   1 
ATOM   632  C  CB  . ARG A 1 84  ? -9.021  -4.948  -7.563  1.00 42.51 ? 599  ARG A CB  1 
ATOM   633  C  CG  . ARG A 1 84  ? -10.090 -4.463  -8.527  1.00 46.30 ? 599  ARG A CG  1 
ATOM   634  C  CD  . ARG A 1 84  ? -11.052 -3.521  -7.854  1.00 50.20 ? 599  ARG A CD  1 
ATOM   635  N  NE  . ARG A 1 84  ? -11.816 -4.207  -6.838  1.00 46.96 ? 599  ARG A NE  1 
ATOM   636  C  CZ  . ARG A 1 84  ? -13.001 -4.759  -7.046  1.00 56.23 ? 599  ARG A CZ  1 
ATOM   637  N  NH1 . ARG A 1 84  ? -13.591 -4.724  -8.246  1.00 61.57 ? 599  ARG A NH1 1 
ATOM   638  N  NH2 . ARG A 1 84  ? -13.592 -5.352  -6.028  1.00 50.75 ? 599  ARG A NH2 1 
ATOM   639  N  N   . LEU A 1 85  ? -7.953  -4.680  -4.684  1.00 40.32 ? 600  LEU A N   1 
ATOM   640  C  CA  . LEU A 1 85  ? -7.367  -5.487  -3.632  1.00 39.94 ? 600  LEU A CA  1 
ATOM   641  C  C   . LEU A 1 85  ? -7.638  -6.939  -3.973  1.00 40.38 ? 600  LEU A C   1 
ATOM   642  O  O   . LEU A 1 85  ? -8.790  -7.382  -4.033  1.00 41.80 ? 600  LEU A O   1 
ATOM   643  C  CB  . LEU A 1 85  ? -7.978  -5.136  -2.279  1.00 39.64 ? 600  LEU A CB  1 
ATOM   644  C  CG  . LEU A 1 85  ? -7.726  -3.701  -1.794  1.00 39.84 ? 600  LEU A CG  1 
ATOM   645  C  CD1 . LEU A 1 85  ? -8.551  -3.442  -0.548  1.00 34.69 ? 600  LEU A CD1 1 
ATOM   646  C  CD2 . LEU A 1 85  ? -6.225  -3.414  -1.560  1.00 31.96 ? 600  LEU A CD2 1 
ATOM   647  N  N   . GLY A 1 86  ? -6.570  -7.677  -4.213  1.00 40.50 ? 601  GLY A N   1 
ATOM   648  C  CA  . GLY A 1 86  ? -6.686  -9.046  -4.666  1.00 42.81 ? 601  GLY A CA  1 
ATOM   649  C  C   . GLY A 1 86  ? -7.491  -9.923  -3.746  1.00 42.74 ? 601  GLY A C   1 
ATOM   650  O  O   . GLY A 1 86  ? -8.151  -10.853 -4.197  1.00 48.82 ? 601  GLY A O   1 
ATOM   651  N  N   . CYS A 1 87  ? -7.447  -9.647  -2.456  1.00 41.31 ? 602  CYS A N   1 
ATOM   652  C  CA  . CYS A 1 87  ? -8.169  -10.508 -1.512  1.00 42.69 ? 602  CYS A CA  1 
ATOM   653  C  C   . CYS A 1 87  ? -9.683  -10.305 -1.601  1.00 39.89 ? 602  CYS A C   1 
ATOM   654  O  O   . CYS A 1 87  ? -10.463 -11.118 -1.107  1.00 41.04 ? 602  CYS A O   1 
ATOM   655  C  CB  . CYS A 1 87  ? -7.710  -10.215 -0.101  1.00 42.19 ? 602  CYS A CB  1 
ATOM   656  S  SG  . CYS A 1 87  ? -8.233  -8.584  0.333   1.00 47.41 ? 602  CYS A SG  1 
ATOM   657  N  N   . GLN A 1 88  ? -10.086 -9.219  -2.239  1.00 41.17 ? 603  GLN A N   1 
ATOM   658  C  CA  . GLN A 1 88  ? -11.496 -8.894  -2.402  1.00 43.25 ? 603  GLN A CA  1 
ATOM   659  C  C   . GLN A 1 88  ? -12.065 -9.265  -3.760  1.00 44.95 ? 603  GLN A C   1 
ATOM   660  O  O   . GLN A 1 88  ? -13.275 -9.159  -3.953  1.00 48.03 ? 603  GLN A O   1 
ATOM   661  C  CB  . GLN A 1 88  ? -11.699 -7.392  -2.195  1.00 43.32 ? 603  GLN A CB  1 
ATOM   662  C  CG  . GLN A 1 88  ? -11.355 -6.932  -0.816  1.00 47.47 ? 603  GLN A CG  1 
ATOM   663  C  CD  . GLN A 1 88  ? -12.202 -7.624  0.218   1.00 49.54 ? 603  GLN A CD  1 
ATOM   664  O  OE1 . GLN A 1 88  ? -13.433 -7.488  0.197   1.00 58.31 ? 603  GLN A OE1 1 
ATOM   665  N  NE2 . GLN A 1 88  ? -11.563 -8.379  1.129   1.00 43.13 ? 603  GLN A NE2 1 
ATOM   666  N  N   . VAL A 1 89  ? -11.228 -9.650  -4.722  1.00 46.53 ? 604  VAL A N   1 
ATOM   667  C  CA  . VAL A 1 89  ? -11.759 -10.106 -6.013  1.00 43.74 ? 604  VAL A CA  1 
ATOM   668  C  C   . VAL A 1 89  ? -11.796 -11.628 -5.967  1.00 42.69 ? 604  VAL A C   1 
ATOM   669  O  O   . VAL A 1 89  ? -10.768 -12.275 -5.844  1.00 44.02 ? 604  VAL A O   1 
ATOM   670  C  CB  . VAL A 1 89  ? -11.028 -9.494  -7.248  1.00 42.44 ? 604  VAL A CB  1 
ATOM   671  C  CG1 . VAL A 1 89  ? -9.743  -8.769  -6.847  1.00 42.52 ? 604  VAL A CG1 1 
ATOM   672  C  CG2 . VAL A 1 89  ? -10.810 -10.522 -8.320  1.00 38.45 ? 604  VAL A CG2 1 
ATOM   673  N  N   . LEU A 1 90  ? -13.016 -12.163 -5.973  1.00 44.53 ? 605  LEU A N   1 
ATOM   674  C  CA  . LEU A 1 90  ? -13.276 -13.597 -5.866  1.00 47.38 ? 605  LEU A CA  1 
ATOM   675  C  C   . LEU A 1 90  ? -13.708 -14.177 -7.202  1.00 47.46 ? 605  LEU A C   1 
ATOM   676  O  O   . LEU A 1 90  ? -14.471 -13.564 -7.935  1.00 46.72 ? 605  LEU A O   1 
ATOM   677  C  CB  . LEU A 1 90  ? -14.365 -13.862 -4.828  1.00 46.83 ? 605  LEU A CB  1 
ATOM   678  C  CG  . LEU A 1 90  ? -14.110 -13.309 -3.425  1.00 50.95 ? 605  LEU A CG  1 
ATOM   679  C  CD1 . LEU A 1 90  ? -15.310 -13.570 -2.550  1.00 50.08 ? 605  LEU A CD1 1 
ATOM   680  C  CD2 . LEU A 1 90  ? -12.877 -13.916 -2.811  1.00 51.79 ? 605  LEU A CD2 1 
ATOM   681  N  N   . LEU A 1 91  ? -13.227 -15.376 -7.501  1.00 51.00 ? 606  LEU A N   1 
ATOM   682  C  CA  . LEU A 1 91  ? -13.476 -15.988 -8.793  1.00 53.24 ? 606  LEU A CA  1 
ATOM   683  C  C   . LEU A 1 91  ? -14.902 -16.474 -8.943  1.00 55.16 ? 606  LEU A C   1 
ATOM   684  O  O   . LEU A 1 91  ? -15.474 -17.072 -8.039  1.00 52.15 ? 606  LEU A O   1 
ATOM   685  C  CB  . LEU A 1 91  ? -12.517 -17.153 -9.038  1.00 53.75 ? 606  LEU A CB  1 
ATOM   686  C  CG  . LEU A 1 91  ? -11.046 -16.823 -9.319  1.00 52.65 ? 606  LEU A CG  1 
ATOM   687  C  CD1 . LEU A 1 91  ? -10.354 -18.106 -9.768  1.00 43.33 ? 606  LEU A CD1 1 
ATOM   688  C  CD2 . LEU A 1 91  ? -10.876 -15.716 -10.368 1.00 43.60 ? 606  LEU A CD2 1 
ATOM   689  N  N   . ARG A 1 92  ? -15.450 -16.188 -10.114 1.00 58.78 ? 607  ARG A N   1 
ATOM   690  C  CA  . ARG A 1 92  ? -16.747 -16.664 -10.568 1.00 60.43 ? 607  ARG A CA  1 
ATOM   691  C  C   . ARG A 1 92  ? -16.505 -17.218 -11.959 1.00 61.17 ? 607  ARG A C   1 
ATOM   692  O  O   . ARG A 1 92  ? -15.483 -16.921 -12.560 1.00 63.20 ? 607  ARG A O   1 
ATOM   693  C  CB  . ARG A 1 92  ? -17.733 -15.493 -10.633 1.00 61.61 ? 607  ARG A CB  1 
ATOM   694  C  CG  . ARG A 1 92  ? -18.660 -15.386 -9.431  1.00 66.37 ? 607  ARG A CG  1 
ATOM   695  C  CD  . ARG A 1 92  ? -19.077 -13.947 -9.010  1.00 68.13 ? 607  ARG A CD  1 
ATOM   696  N  NE  . ARG A 1 92  ? -18.606 -12.841 -9.854  1.00 75.28 ? 607  ARG A NE  1 
ATOM   697  C  CZ  . ARG A 1 92  ? -19.244 -12.330 -10.904 1.00 73.48 ? 607  ARG A CZ  1 
ATOM   698  N  NH1 . ARG A 1 92  ? -20.403 -12.828 -11.313 1.00 86.03 ? 607  ARG A NH1 1 
ATOM   699  N  NH2 . ARG A 1 92  ? -18.707 -11.312 -11.568 1.00 63.49 ? 607  ARG A NH2 1 
ATOM   700  N  N   . LYS A 1 93  ? -17.429 -18.014 -12.480 1.00 61.54 ? 608  LYS A N   1 
ATOM   701  C  CA  . LYS A 1 93  ? -17.237 -18.618 -13.791 1.00 60.41 ? 608  LYS A CA  1 
ATOM   702  C  C   . LYS A 1 93  ? -17.207 -17.583 -14.911 1.00 58.36 ? 608  LYS A C   1 
ATOM   703  O  O   . LYS A 1 93  ? -16.511 -17.776 -15.891 1.00 58.85 ? 608  LYS A O   1 
ATOM   704  C  CB  . LYS A 1 93  ? -18.282 -19.699 -14.081 1.00 61.86 ? 608  LYS A CB  1 
ATOM   705  C  CG  . LYS A 1 93  ? -18.022 -21.017 -13.356 1.00 66.30 ? 608  LYS A CG  1 
ATOM   706  C  CD  . LYS A 1 93  ? -18.756 -22.196 -13.989 1.00 66.36 ? 608  LYS A CD  1 
ATOM   707  C  CE  . LYS A 1 93  ? -18.725 -23.421 -13.071 1.00 71.87 ? 608  LYS A CE  1 
ATOM   708  N  NZ  . LYS A 1 93  ? -19.177 -24.656 -13.768 1.00 71.41 ? 608  LYS A NZ  1 
ATOM   709  N  N   . ASP A 1 94  ? -17.933 -16.482 -14.768 1.00 52.97 ? 609  ASP A N   1 
ATOM   710  C  CA  . ASP A 1 94  ? -17.915 -15.428 -15.806 1.00 53.37 ? 609  ASP A CA  1 
ATOM   711  C  C   . ASP A 1 94  ? -16.603 -14.630 -15.853 1.00 50.13 ? 609  ASP A C   1 
ATOM   712  O  O   . ASP A 1 94  ? -16.351 -13.911 -16.806 1.00 50.04 ? 609  ASP A O   1 
ATOM   713  C  CB  . ASP A 1 94  ? -19.121 -14.472 -15.681 1.00 53.68 ? 609  ASP A CB  1 
ATOM   714  C  CG  . ASP A 1 94  ? -19.474 -14.150 -14.241 1.00 60.93 ? 609  ASP A CG  1 
ATOM   715  O  OD1 . ASP A 1 94  ? -18.647 -13.540 -13.533 1.00 65.44 ? 609  ASP A OD1 1 
ATOM   716  O  OD2 . ASP A 1 94  ? -20.587 -14.512 -13.816 1.00 72.95 ? 609  ASP A OD2 1 
ATOM   717  N  N   . LEU A 1 95  ? -15.764 -14.768 -14.834 1.00 47.44 ? 610  LEU A N   1 
ATOM   718  C  CA  . LEU A 1 95  ? -14.465 -14.110 -14.824 1.00 49.08 ? 610  LEU A CA  1 
ATOM   719  C  C   . LEU A 1 95  ? -13.324 -14.967 -15.420 1.00 48.03 ? 610  LEU A C   1 
ATOM   720  O  O   . LEU A 1 95  ? -12.160 -14.583 -15.378 1.00 50.69 ? 610  LEU A O   1 
ATOM   721  C  CB  . LEU A 1 95  ? -14.129 -13.739 -13.388 1.00 50.07 ? 610  LEU A CB  1 
ATOM   722  C  CG  . LEU A 1 95  ? -15.162 -12.851 -12.708 1.00 51.54 ? 610  LEU A CG  1 
ATOM   723  C  CD1 . LEU A 1 95  ? -14.748 -12.613 -11.241 1.00 39.59 ? 610  LEU A CD1 1 
ATOM   724  C  CD2 . LEU A 1 95  ? -15.334 -11.543 -13.517 1.00 46.16 ? 610  LEU A CD2 1 
ATOM   725  N  N   . ASP A 1 96  ? -13.658 -16.132 -15.958 1.00 46.46 ? 611  ASP A N   1 
ATOM   726  C  CA  . ASP A 1 96  ? -12.684 -17.005 -16.603 1.00 45.59 ? 611  ASP A CA  1 
ATOM   727  C  C   . ASP A 1 96  ? -11.823 -16.204 -17.564 1.00 43.19 ? 611  ASP A C   1 
ATOM   728  O  O   . ASP A 1 96  ? -12.334 -15.391 -18.322 1.00 40.61 ? 611  ASP A O   1 
ATOM   729  C  CB  . ASP A 1 96  ? -13.414 -18.102 -17.372 1.00 43.20 ? 611  ASP A CB  1 
ATOM   730  C  CG  . ASP A 1 96  ? -12.484 -19.133 -17.947 1.00 42.31 ? 611  ASP A CG  1 
ATOM   731  O  OD1 . ASP A 1 96  ? -11.658 -19.668 -17.195 1.00 55.16 ? 611  ASP A OD1 1 
ATOM   732  O  OD2 . ASP A 1 96  ? -12.590 -19.425 -19.149 1.00 51.16 ? 611  ASP A OD2 1 
ATOM   733  N  N   . GLY A 1 97  ? -10.521 -16.433 -17.524 1.00 42.02 ? 612  GLY A N   1 
ATOM   734  C  CA  . GLY A 1 97  ? -9.612  -15.786 -18.461 1.00 44.67 ? 612  GLY A CA  1 
ATOM   735  C  C   . GLY A 1 97  ? -9.202  -14.390 -18.037 1.00 43.15 ? 612  GLY A C   1 
ATOM   736  O  O   . GLY A 1 97  ? -8.726  -13.586 -18.846 1.00 45.54 ? 612  GLY A O   1 
ATOM   737  N  N   . ILE A 1 98  ? -9.385  -14.115 -16.756 1.00 41.42 ? 613  ILE A N   1 
ATOM   738  C  CA  . ILE A 1 98  ? -9.036  -12.828 -16.175 1.00 42.29 ? 613  ILE A CA  1 
ATOM   739  C  C   . ILE A 1 98  ? -7.510  -12.685 -16.026 1.00 40.64 ? 613  ILE A C   1 
ATOM   740  O  O   . ILE A 1 98  ? -6.836  -13.630 -15.661 1.00 40.42 ? 613  ILE A O   1 
ATOM   741  C  CB  . ILE A 1 98  ? -9.737  -12.663 -14.802 1.00 40.43 ? 613  ILE A CB  1 
ATOM   742  C  CG1 . ILE A 1 98  ? -9.407  -11.311 -14.164 1.00 41.81 ? 613  ILE A CG1 1 
ATOM   743  C  CG2 . ILE A 1 98  ? -9.360  -13.814 -13.858 1.00 34.10 ? 613  ILE A CG2 1 
ATOM   744  C  CD1 . ILE A 1 98  ? -10.374 -10.922 -13.029 1.00 42.84 ? 613  ILE A CD1 1 
ATOM   745  N  N   . ARG A 1 99  ? -6.994  -11.490 -16.307 1.00 42.81 ? 614  ARG A N   1 
ATOM   746  C  CA  . ARG A 1 99  ? -5.568  -11.179 -16.213 1.00 41.39 ? 614  ARG A CA  1 
ATOM   747  C  C   . ARG A 1 99  ? -5.352  -10.243 -15.041 1.00 40.04 ? 614  ARG A C   1 
ATOM   748  O  O   . ARG A 1 99  ? -5.997  -9.222  -14.957 1.00 43.86 ? 614  ARG A O   1 
ATOM   749  C  CB  . ARG A 1 99  ? -5.099  -10.493 -17.497 1.00 40.02 ? 614  ARG A CB  1 
ATOM   750  C  CG  . ARG A 1 99  ? -3.580  -10.570 -17.767 1.00 45.78 ? 614  ARG A CG  1 
ATOM   751  C  CD  . ARG A 1 99  ? -3.174  -9.673  -18.968 1.00 42.82 ? 614  ARG A CD  1 
ATOM   752  N  NE  . ARG A 1 99  ? -1.830  -9.926  -19.512 1.00 41.96 ? 614  ARG A NE  1 
ATOM   753  C  CZ  . ARG A 1 99  ? -1.510  -10.918 -20.344 1.00 44.50 ? 614  ARG A CZ  1 
ATOM   754  N  NH1 . ARG A 1 99  ? -2.426  -11.797 -20.725 1.00 49.00 ? 614  ARG A NH1 1 
ATOM   755  N  NH2 . ARG A 1 99  ? -0.256  -11.046 -20.785 1.00 50.44 ? 614  ARG A NH2 1 
ATOM   756  N  N   . VAL A 1 100 ? -4.456  -10.600 -14.134 1.00 42.62 ? 615  VAL A N   1 
ATOM   757  C  CA  . VAL A 1 100 ? -4.077  -9.733  -13.017 1.00 43.74 ? 615  VAL A CA  1 
ATOM   758  C  C   . VAL A 1 100 ? -2.594  -9.462  -13.070 1.00 40.79 ? 615  VAL A C   1 
ATOM   759  O  O   . VAL A 1 100 ? -1.809  -10.385 -13.214 1.00 40.70 ? 615  VAL A O   1 
ATOM   760  C  CB  . VAL A 1 100 ? -4.388  -10.359 -11.621 1.00 41.17 ? 615  VAL A CB  1 
ATOM   761  C  CG1 . VAL A 1 100 ? -5.755  -9.994  -11.161 1.00 47.79 ? 615  VAL A CG1 1 
ATOM   762  C  CG2 . VAL A 1 100 ? -4.289  -11.826 -11.660 1.00 44.27 ? 615  VAL A CG2 1 
ATOM   763  N  N   . ARG A 1 101 ? -2.218  -8.193  -12.967 1.00 42.34 ? 616  ARG A N   1 
ATOM   764  C  CA  . ARG A 1 101 ? -0.819  -7.805  -12.904 1.00 44.92 ? 616  ARG A CA  1 
ATOM   765  C  C   . ARG A 1 101 ? -0.524  -7.327  -11.506 1.00 42.50 ? 616  ARG A C   1 
ATOM   766  O  O   . ARG A 1 101 ? -1.332  -6.653  -10.877 1.00 43.44 ? 616  ARG A O   1 
ATOM   767  C  CB  . ARG A 1 101 ? -0.497  -6.710  -13.912 1.00 45.19 ? 616  ARG A CB  1 
ATOM   768  C  CG  . ARG A 1 101 ? 0.956   -6.202  -13.856 1.00 52.07 ? 616  ARG A CG  1 
ATOM   769  C  CD  . ARG A 1 101 ? 1.305   -5.341  -15.069 1.00 60.06 ? 616  ARG A CD  1 
ATOM   770  N  NE  . ARG A 1 101 ? 0.168   -4.517  -15.511 1.00 68.99 ? 616  ARG A NE  1 
ATOM   771  C  CZ  . ARG A 1 101 ? -0.015  -3.226  -15.228 1.00 75.40 ? 616  ARG A CZ  1 
ATOM   772  N  NH1 . ARG A 1 101 ? 0.861   -2.551  -14.491 1.00 72.70 ? 616  ARG A NH1 1 
ATOM   773  N  NH2 . ARG A 1 101 ? -1.093  -2.600  -15.700 1.00 76.82 ? 616  ARG A NH2 1 
ATOM   774  N  N   . ILE A 1 102 ? 0.646   -7.683  -11.017 1.00 42.44 ? 617  ILE A N   1 
ATOM   775  C  CA  . ILE A 1 102 ? 1.048   -7.298  -9.682  1.00 46.28 ? 617  ILE A CA  1 
ATOM   776  C  C   . ILE A 1 102 ? 2.040   -6.171  -9.828  1.00 47.35 ? 617  ILE A C   1 
ATOM   777  O  O   . ILE A 1 102 ? 3.130   -6.373  -10.366 1.00 50.76 ? 617  ILE A O   1 
ATOM   778  C  CB  . ILE A 1 102 ? 1.694   -8.455  -8.931  1.00 46.12 ? 617  ILE A CB  1 
ATOM   779  C  CG1 . ILE A 1 102 ? 0.703   -9.619  -8.829  1.00 42.04 ? 617  ILE A CG1 1 
ATOM   780  C  CG2 . ILE A 1 102 ? 2.132   -7.992  -7.549  1.00 41.62 ? 617  ILE A CG2 1 
ATOM   781  C  CD1 . ILE A 1 102 ? 1.234   -10.814 -8.115  1.00 46.10 ? 617  ILE A CD1 1 
ATOM   782  N  N   . PRO A 1 103 ? 1.666   -4.977  -9.361  1.00 48.79 ? 618  PRO A N   1 
ATOM   783  C  CA  . PRO A 1 103 ? 2.535   -3.833  -9.599  1.00 51.17 ? 618  PRO A CA  1 
ATOM   784  C  C   . PRO A 1 103 ? 3.849   -3.987  -8.830  1.00 55.47 ? 618  PRO A C   1 
ATOM   785  O  O   . PRO A 1 103 ? 3.850   -4.423  -7.680  1.00 58.21 ? 618  PRO A O   1 
ATOM   786  C  CB  . PRO A 1 103 ? 1.693   -2.645  -9.122  1.00 50.36 ? 618  PRO A CB  1 
ATOM   787  C  CG  . PRO A 1 103 ? 0.734   -3.223  -8.135  1.00 52.31 ? 618  PRO A CG  1 
ATOM   788  C  CD  . PRO A 1 103 ? 0.460   -4.621  -8.595  1.00 49.66 ? 618  PRO A CD  1 
ATOM   789  O  OXT . PRO A 1 103 ? 4.928   -3.744  -9.367  1.00 56.69 ? 618  PRO A OXT 1 
ATOM   790  N  N   . GLY B 1 3   ? 8.871   -4.263  18.492  1.00 74.53 ? 518  GLY B N   1 
ATOM   791  C  CA  . GLY B 1 3   ? 7.790   -4.132  17.461  1.00 71.96 ? 518  GLY B CA  1 
ATOM   792  C  C   . GLY B 1 3   ? 6.998   -2.853  17.660  1.00 71.85 ? 518  GLY B C   1 
ATOM   793  O  O   . GLY B 1 3   ? 6.052   -2.820  18.446  1.00 76.35 ? 518  GLY B O   1 
ATOM   794  N  N   . ILE B 1 4   ? 7.375   -1.798  16.943  1.00 67.57 ? 519  ILE B N   1 
ATOM   795  C  CA  . ILE B 1 4   ? 6.800   -0.467  17.157  1.00 64.51 ? 519  ILE B CA  1 
ATOM   796  C  C   . ILE B 1 4   ? 5.673   -0.268  16.161  1.00 62.55 ? 519  ILE B C   1 
ATOM   797  O  O   . ILE B 1 4   ? 5.862   -0.491  14.972  1.00 63.55 ? 519  ILE B O   1 
ATOM   798  C  CB  . ILE B 1 4   ? 7.855   0.662   16.986  1.00 63.64 ? 519  ILE B CB  1 
ATOM   799  C  CG1 . ILE B 1 4   ? 9.224   0.232   17.548  1.00 58.64 ? 519  ILE B CG1 1 
ATOM   800  C  CG2 . ILE B 1 4   ? 7.351   1.954   17.635  1.00 63.63 ? 519  ILE B CG2 1 
ATOM   801  C  CD1 . ILE B 1 4   ? 10.341  1.241   17.347  1.00 61.72 ? 519  ILE B CD1 1 
ATOM   802  N  N   . LYS B 1 5   ? 4.506   0.142   16.641  1.00 60.63 ? 520  LYS B N   1 
ATOM   803  C  CA  . LYS B 1 5   ? 3.328   0.227   15.793  1.00 63.45 ? 520  LYS B CA  1 
ATOM   804  C  C   . LYS B 1 5   ? 3.220   1.563   15.093  1.00 63.04 ? 520  LYS B C   1 
ATOM   805  O  O   . LYS B 1 5   ? 3.168   2.603   15.748  1.00 64.13 ? 520  LYS B O   1 
ATOM   806  C  CB  . LYS B 1 5   ? 2.058   0.013   16.608  1.00 65.18 ? 520  LYS B CB  1 
ATOM   807  C  CG  . LYS B 1 5   ? 1.851   -1.424  17.056  1.00 72.50 ? 520  LYS B CG  1 
ATOM   808  C  CD  . LYS B 1 5   ? 0.438   -1.659  17.597  1.00 71.73 ? 520  LYS B CD  1 
ATOM   809  C  CE  . LYS B 1 5   ? 0.147   -0.847  18.860  1.00 77.76 ? 520  LYS B CE  1 
ATOM   810  N  NZ  . LYS B 1 5   ? 1.134   -1.120  19.949  1.00 74.81 ? 520  LYS B NZ  1 
ATOM   811  N  N   . VAL B 1 6   ? 3.163   1.520   13.760  1.00 63.61 ? 521  VAL B N   1 
ATOM   812  C  CA  . VAL B 1 6   ? 2.896   2.699   12.929  1.00 60.49 ? 521  VAL B CA  1 
ATOM   813  C  C   . VAL B 1 6   ? 1.548   2.540   12.240  1.00 57.06 ? 521  VAL B C   1 
ATOM   814  O  O   . VAL B 1 6   ? 1.214   1.465   11.727  1.00 48.13 ? 521  VAL B O   1 
ATOM   815  C  CB  . VAL B 1 6   ? 3.969   2.901   11.839  1.00 59.52 ? 521  VAL B CB  1 
ATOM   816  C  CG1 . VAL B 1 6   ? 3.621   4.092   10.982  1.00 55.46 ? 521  VAL B CG1 1 
ATOM   817  C  CG2 . VAL B 1 6   ? 5.349   3.074   12.461  1.00 62.99 ? 521  VAL B CG2 1 
ATOM   818  N  N   . PHE B 1 7   ? 0.794   3.630   12.223  1.00 57.22 ? 522  PHE B N   1 
ATOM   819  C  CA  . PHE B 1 7   ? -0.552  3.641   11.675  1.00 59.34 ? 522  PHE B CA  1 
ATOM   820  C  C   . PHE B 1 7   ? -0.610  4.600   10.512  1.00 59.40 ? 522  PHE B C   1 
ATOM   821  O  O   . PHE B 1 7   ? -0.547  5.818   10.687  1.00 58.66 ? 522  PHE B O   1 
ATOM   822  C  CB  . PHE B 1 7   ? -1.564  4.064   12.744  1.00 60.98 ? 522  PHE B CB  1 
ATOM   823  C  CG  . PHE B 1 7   ? -1.799  3.021   13.791  1.00 62.67 ? 522  PHE B CG  1 
ATOM   824  C  CD1 . PHE B 1 7   ? -0.996  2.958   14.917  1.00 59.49 ? 522  PHE B CD1 1 
ATOM   825  C  CD2 . PHE B 1 7   ? -2.808  2.080   13.637  1.00 68.20 ? 522  PHE B CD2 1 
ATOM   826  C  CE1 . PHE B 1 7   ? -1.198  1.979   15.881  1.00 63.77 ? 522  PHE B CE1 1 
ATOM   827  C  CE2 . PHE B 1 7   ? -3.023  1.105   14.602  1.00 66.45 ? 522  PHE B CE2 1 
ATOM   828  C  CZ  . PHE B 1 7   ? -2.214  1.055   15.722  1.00 64.83 ? 522  PHE B CZ  1 
ATOM   829  N  N   . PHE B 1 8   ? -0.719  4.051   9.314   1.00 57.66 ? 523  PHE B N   1 
ATOM   830  C  CA  . PHE B 1 8   ? -0.906  4.880   8.135   1.00 55.68 ? 523  PHE B CA  1 
ATOM   831  C  C   . PHE B 1 8   ? -2.388  5.116   7.948   1.00 53.18 ? 523  PHE B C   1 
ATOM   832  O  O   . PHE B 1 8   ? -3.146  4.170   7.922   1.00 52.56 ? 523  PHE B O   1 
ATOM   833  C  CB  . PHE B 1 8   ? -0.363  4.189   6.910   1.00 52.91 ? 523  PHE B CB  1 
ATOM   834  C  CG  . PHE B 1 8   ? 1.107   4.244   6.798   1.00 47.19 ? 523  PHE B CG  1 
ATOM   835  C  CD1 . PHE B 1 8   ? 1.718   5.330   6.199   1.00 45.97 ? 523  PHE B CD1 1 
ATOM   836  C  CD2 . PHE B 1 8   ? 1.885   3.198   7.252   1.00 53.55 ? 523  PHE B CD2 1 
ATOM   837  C  CE1 . PHE B 1 8   ? 3.087   5.377   6.054   1.00 51.36 ? 523  PHE B CE1 1 
ATOM   838  C  CE2 . PHE B 1 8   ? 3.265   3.233   7.114   1.00 58.18 ? 523  PHE B CE2 1 
ATOM   839  C  CZ  . PHE B 1 8   ? 3.869   4.322   6.514   1.00 53.89 ? 523  PHE B CZ  1 
ATOM   840  N  N   . VAL B 1 9   ? -2.797  6.369   7.805   1.00 53.33 ? 524  VAL B N   1 
ATOM   841  C  CA  . VAL B 1 9   ? -4.213  6.681   7.752   1.00 55.43 ? 524  VAL B CA  1 
ATOM   842  C  C   . VAL B 1 9   ? -4.630  7.120   6.347   1.00 56.16 ? 524  VAL B C   1 
ATOM   843  O  O   . VAL B 1 9   ? -3.969  7.944   5.708   1.00 54.67 ? 524  VAL B O   1 
ATOM   844  C  CB  . VAL B 1 9   ? -4.655  7.688   8.873   1.00 54.58 ? 524  VAL B CB  1 
ATOM   845  C  CG1 . VAL B 1 9   ? -3.451  8.249   9.629   1.00 46.66 ? 524  VAL B CG1 1 
ATOM   846  C  CG2 . VAL B 1 9   ? -5.563  8.780   8.307   1.00 46.89 ? 524  VAL B CG2 1 
ATOM   847  N  N   . THR B 1 10  ? -5.741  6.537   5.891   1.00 59.94 ? 525  THR B N   1 
ATOM   848  C  CA  . THR B 1 10  ? -6.297  6.788   4.567   1.00 60.26 ? 525  THR B CA  1 
ATOM   849  C  C   . THR B 1 10  ? -6.973  8.142   4.589   1.00 65.13 ? 525  THR B C   1 
ATOM   850  O  O   . THR B 1 10  ? -7.319  8.643   5.669   1.00 68.25 ? 525  THR B O   1 
ATOM   851  C  CB  . THR B 1 10  ? -7.363  5.759   4.189   1.00 57.32 ? 525  THR B CB  1 
ATOM   852  O  OG1 . THR B 1 10  ? -8.445  5.875   5.105   1.00 59.62 ? 525  THR B OG1 1 
ATOM   853  C  CG2 . THR B 1 10  ? -6.818  4.341   4.258   1.00 46.46 ? 525  THR B CG2 1 
ATOM   854  N  N   . PRO B 1 11  ? -7.176  8.742   3.400   1.00 68.24 ? 526  PRO B N   1 
ATOM   855  C  CA  . PRO B 1 11  ? -7.745  10.083  3.353   1.00 67.77 ? 526  PRO B CA  1 
ATOM   856  C  C   . PRO B 1 11  ? -9.068  10.186  4.103   1.00 69.17 ? 526  PRO B C   1 
ATOM   857  O  O   . PRO B 1 11  ? -9.368  11.237  4.668   1.00 69.92 ? 526  PRO B O   1 
ATOM   858  C  CB  . PRO B 1 11  ? -7.943  10.323  1.850   1.00 65.41 ? 526  PRO B CB  1 
ATOM   859  C  CG  . PRO B 1 11  ? -6.916  9.501   1.218   1.00 66.53 ? 526  PRO B CG  1 
ATOM   860  C  CD  . PRO B 1 11  ? -6.888  8.245   2.042   1.00 68.70 ? 526  PRO B CD  1 
ATOM   861  N  N   . GLU B 1 12  ? -9.816  9.085   4.126   1.00 68.42 ? 527  GLU B N   1 
ATOM   862  C  CA  . GLU B 1 12  ? -11.147 9.029   4.713   1.00 68.83 ? 527  GLU B CA  1 
ATOM   863  C  C   . GLU B 1 12  ? -11.140 8.490   6.155   1.00 65.21 ? 527  GLU B C   1 
ATOM   864  O  O   . GLU B 1 12  ? -12.191 8.153   6.674   1.00 66.16 ? 527  GLU B O   1 
ATOM   865  C  CB  . GLU B 1 12  ? -12.021 8.139   3.817   1.00 71.16 ? 527  GLU B CB  1 
ATOM   866  C  CG  . GLU B 1 12  ? -13.481 8.503   3.720   1.00 80.24 ? 527  GLU B CG  1 
ATOM   867  C  CD  . GLU B 1 12  ? -14.245 7.581   2.763   1.00 79.05 ? 527  GLU B CD  1 
ATOM   868  O  OE1 . GLU B 1 12  ? -14.148 6.328   2.891   1.00 82.34 ? 527  GLU B OE1 1 
ATOM   869  O  OE2 . GLU B 1 12  ? -14.948 8.124   1.882   1.00 93.95 ? 527  GLU B OE2 1 
ATOM   870  N  N   . GLY B 1 13  ? -9.971  8.386   6.792   1.00 62.86 ? 528  GLY B N   1 
ATOM   871  C  CA  . GLY B 1 13  ? -9.897  8.067   8.221   1.00 61.23 ? 528  GLY B CA  1 
ATOM   872  C  C   . GLY B 1 13  ? -9.599  6.633   8.619   1.00 60.78 ? 528  GLY B C   1 
ATOM   873  O  O   . GLY B 1 13  ? -9.285  6.369   9.774   1.00 61.07 ? 528  GLY B O   1 
ATOM   874  N  N   . ARG B 1 14  ? -9.695  5.684   7.697   1.00 63.03 ? 529  ARG B N   1 
ATOM   875  C  CA  . ARG B 1 14  ? -9.353  4.283   8.027   1.00 62.39 ? 529  ARG B CA  1 
ATOM   876  C  C   . ARG B 1 14  ? -7.852  4.172   8.220   1.00 59.10 ? 529  ARG B C   1 
ATOM   877  O  O   . ARG B 1 14  ? -7.114  5.090   7.871   1.00 55.31 ? 529  ARG B O   1 
ATOM   878  C  CB  . ARG B 1 14  ? -9.782  3.325   6.914   1.00 62.81 ? 529  ARG B CB  1 
ATOM   879  C  CG  . ARG B 1 14  ? -11.271 3.320   6.632   1.00 64.96 ? 529  ARG B CG  1 
ATOM   880  C  CD  . ARG B 1 14  ? -11.559 2.968   5.193   1.00 68.72 ? 529  ARG B CD  1 
ATOM   881  N  NE  . ARG B 1 14  ? -12.769 3.617   4.684   1.00 64.62 ? 529  ARG B NE  1 
ATOM   882  C  CZ  . ARG B 1 14  ? -14.005 3.213   4.966   1.00 76.87 ? 529  ARG B CZ  1 
ATOM   883  N  NH1 . ARG B 1 14  ? -14.205 2.166   5.780   1.00 75.19 ? 529  ARG B NH1 1 
ATOM   884  N  NH2 . ARG B 1 14  ? -15.048 3.859   4.438   1.00 78.47 ? 529  ARG B NH2 1 
ATOM   885  N  N   . GLU B 1 15  ? -7.380  3.053   8.742   1.00 57.71 ? 530  GLU B N   1 
ATOM   886  C  CA  . GLU B 1 15  ? -5.959  2.965   8.987   1.00 58.43 ? 530  GLU B CA  1 
ATOM   887  C  C   . GLU B 1 15  ? -5.332  1.607   8.803   1.00 57.26 ? 530  GLU B C   1 
ATOM   888  O  O   . GLU B 1 15  ? -5.940  0.576   9.111   1.00 61.22 ? 530  GLU B O   1 
ATOM   889  C  CB  . GLU B 1 15  ? -5.623  3.518   10.365  1.00 58.55 ? 530  GLU B CB  1 
ATOM   890  C  CG  . GLU B 1 15  ? -6.291  2.827   11.499  1.00 61.35 ? 530  GLU B CG  1 
ATOM   891  C  CD  . GLU B 1 15  ? -5.977  3.493   12.813  1.00 63.23 ? 530  GLU B CD  1 
ATOM   892  O  OE1 . GLU B 1 15  ? -5.990  4.749   12.872  1.00 65.92 ? 530  GLU B OE1 1 
ATOM   893  O  OE2 . GLU B 1 15  ? -5.715  2.755   13.784  1.00 77.05 ? 530  GLU B OE2 1 
ATOM   894  N  N   . ILE B 1 16  ? -4.104  1.652   8.275   1.00 53.70 ? 531  ILE B N   1 
ATOM   895  C  CA  . ILE B 1 16  ? -3.266  0.500   8.030   1.00 54.31 ? 531  ILE B CA  1 
ATOM   896  C  C   . ILE B 1 16  ? -2.274  0.494   9.158   1.00 53.39 ? 531  ILE B C   1 
ATOM   897  O  O   . ILE B 1 16  ? -1.388  1.338   9.224   1.00 54.44 ? 531  ILE B O   1 
ATOM   898  C  CB  . ILE B 1 16  ? -2.483  0.609   6.692   1.00 54.32 ? 531  ILE B CB  1 
ATOM   899  C  CG1 . ILE B 1 16  ? -3.436  0.668   5.495   1.00 58.33 ? 531  ILE B CG1 1 
ATOM   900  C  CG2 . ILE B 1 16  ? -1.506  -0.556  6.523   1.00 49.38 ? 531  ILE B CG2 1 
ATOM   901  C  CD1 . ILE B 1 16  ? -2.704  0.642   4.152   1.00 55.78 ? 531  ILE B CD1 1 
ATOM   902  N  N   . MET B 1 17  ? -2.445  -0.431  10.080  1.00 55.38 ? 532  MET B N   1 
ATOM   903  C  CA  . MET B 1 17  ? -1.474  -0.583  11.132  1.00 54.88 ? 532  MET B CA  1 
ATOM   904  C  C   . MET B 1 17  ? -0.425  -1.471  10.536  1.00 49.67 ? 532  MET B C   1 
ATOM   905  O  O   . MET B 1 17  ? -0.713  -2.422  9.829   1.00 47.75 ? 532  MET B O   1 
ATOM   906  C  CB  . MET B 1 17  ? -2.080  -1.222  12.386  1.00 59.94 ? 532  MET B CB  1 
ATOM   907  C  CG  . MET B 1 17  ? -1.136  -1.293  13.600  1.00 63.65 ? 532  MET B CG  1 
ATOM   908  S  SD  . MET B 1 17  ? -0.221  -2.851  13.764  1.00 93.79 ? 532  MET B SD  1 
ATOM   909  C  CE  . MET B 1 17  ? -1.593  -4.022  13.737  1.00 81.06 ? 532  MET B CE  1 
ATOM   910  N  N   . ILE B 1 18  ? 0.810   -1.122  10.789  1.00 45.16 ? 533  ILE B N   1 
ATOM   911  C  CA  . ILE B 1 18  ? 1.902   -2.005  10.484  1.00 47.93 ? 533  ILE B CA  1 
ATOM   912  C  C   . ILE B 1 18  ? 2.917   -1.828  11.609  1.00 50.21 ? 533  ILE B C   1 
ATOM   913  O  O   . ILE B 1 18  ? 2.953   -0.772  12.259  1.00 50.46 ? 533  ILE B O   1 
ATOM   914  C  CB  . ILE B 1 18  ? 2.560   -1.681  9.111   1.00 48.78 ? 533  ILE B CB  1 
ATOM   915  C  CG1 . ILE B 1 18  ? 3.575   -0.575  9.247   1.00 47.21 ? 533  ILE B CG1 1 
ATOM   916  C  CG2 . ILE B 1 18  ? 1.534   -1.213  8.036   1.00 41.80 ? 533  ILE B CG2 1 
ATOM   917  C  CD1 . ILE B 1 18  ? 4.226   -0.275  7.935   1.00 54.17 ? 533  ILE B CD1 1 
ATOM   918  N  N   . GLU B 1 19  ? 3.726   -2.854  11.852  1.00 51.58 ? 534  GLU B N   1 
ATOM   919  C  CA  . GLU B 1 19  ? 4.707   -2.782  12.918  1.00 53.53 ? 534  GLU B CA  1 
ATOM   920  C  C   . GLU B 1 19  ? 6.074   -2.638  12.323  1.00 50.40 ? 534  GLU B C   1 
ATOM   921  O  O   . GLU B 1 19  ? 6.440   -3.378  11.425  1.00 47.60 ? 534  GLU B O   1 
ATOM   922  C  CB  . GLU B 1 19  ? 4.678   -4.029  13.819  1.00 56.47 ? 534  GLU B CB  1 
ATOM   923  C  CG  . GLU B 1 19  ? 3.618   -3.957  14.946  1.00 67.80 ? 534  GLU B CG  1 
ATOM   924  C  CD  . GLU B 1 19  ? 3.938   -4.823  16.185  1.00 64.74 ? 534  GLU B CD  1 
ATOM   925  O  OE1 . GLU B 1 19  ? 4.898   -5.656  16.132  1.00 69.75 ? 534  GLU B OE1 1 
ATOM   926  O  OE2 . GLU B 1 19  ? 3.216   -4.640  17.212  1.00 63.48 ? 534  GLU B OE2 1 
ATOM   927  N  N   . GLY B 1 20  ? 6.834   -1.689  12.843  1.00 52.27 ? 535  GLY B N   1 
ATOM   928  C  CA  . GLY B 1 20  ? 8.211   -1.503  12.427  1.00 54.00 ? 535  GLY B CA  1 
ATOM   929  C  C   . GLY B 1 20  ? 9.138   -1.745  13.597  1.00 54.85 ? 535  GLY B C   1 
ATOM   930  O  O   . GLY B 1 20  ? 8.711   -1.994  14.729  1.00 55.21 ? 535  GLY B O   1 
ATOM   931  N  N   . ASN B 1 21  ? 10.426  -1.667  13.323  1.00 58.14 ? 536  ASN B N   1 
ATOM   932  C  CA  . ASN B 1 21  ? 11.429  -1.817  14.354  1.00 59.15 ? 536  ASN B CA  1 
ATOM   933  C  C   . ASN B 1 21  ? 12.139  -0.508  14.564  1.00 60.60 ? 536  ASN B C   1 
ATOM   934  O  O   . ASN B 1 21  ? 11.988  0.417   13.774  1.00 62.01 ? 536  ASN B O   1 
ATOM   935  C  CB  . ASN B 1 21  ? 12.425  -2.889  13.943  1.00 59.95 ? 536  ASN B CB  1 
ATOM   936  C  CG  . ASN B 1 21  ? 11.760  -4.215  13.701  1.00 61.26 ? 536  ASN B CG  1 
ATOM   937  O  OD1 . ASN B 1 21  ? 11.914  -4.809  12.638  1.00 68.68 ? 536  ASN B OD1 1 
ATOM   938  N  ND2 . ASN B 1 21  ? 10.978  -4.677  14.679  1.00 62.68 ? 536  ASN B ND2 1 
ATOM   939  N  N   . GLU B 1 22  ? 12.903  -0.425  15.647  1.00 61.71 ? 537  GLU B N   1 
ATOM   940  C  CA  . GLU B 1 22  ? 13.756  0.726   15.882  1.00 61.86 ? 537  GLU B CA  1 
ATOM   941  C  C   . GLU B 1 22  ? 14.658  0.932   14.676  1.00 56.74 ? 537  GLU B C   1 
ATOM   942  O  O   . GLU B 1 22  ? 15.251  -0.025  14.152  1.00 50.29 ? 537  GLU B O   1 
ATOM   943  C  CB  . GLU B 1 22  ? 14.639  0.522   17.110  1.00 64.54 ? 537  GLU B CB  1 
ATOM   944  C  CG  . GLU B 1 22  ? 13.923  0.720   18.441  1.00 76.06 ? 537  GLU B CG  1 
ATOM   945  C  CD  . GLU B 1 22  ? 14.846  1.271   19.520  1.00 74.63 ? 537  GLU B CD  1 
ATOM   946  O  OE1 . GLU B 1 22  ? 16.095  1.180   19.357  1.00 80.84 ? 537  GLU B OE1 1 
ATOM   947  O  OE2 . GLU B 1 22  ? 14.316  1.807   20.518  1.00 83.79 ? 537  GLU B OE2 1 
ATOM   948  N  N   . GLY B 1 23  ? 14.745  2.183   14.235  1.00 54.53 ? 538  GLY B N   1 
ATOM   949  C  CA  . GLY B 1 23  ? 15.638  2.540   13.144  1.00 54.06 ? 538  GLY B CA  1 
ATOM   950  C  C   . GLY B 1 23  ? 14.934  2.654   11.806  1.00 54.22 ? 538  GLY B C   1 
ATOM   951  O  O   . GLY B 1 23  ? 15.337  3.457   10.967  1.00 59.50 ? 538  GLY B O   1 
ATOM   952  N  N   . ASP B 1 24  ? 13.894  1.843   11.600  1.00 51.42 ? 539  ASP B N   1 
ATOM   953  C  CA  . ASP B 1 24  ? 13.082  1.921   10.396  1.00 49.65 ? 539  ASP B CA  1 
ATOM   954  C  C   . ASP B 1 24  ? 12.581  3.345   10.201  1.00 47.72 ? 539  ASP B C   1 
ATOM   955  O  O   . ASP B 1 24  ? 12.088  3.967   11.150  1.00 47.14 ? 539  ASP B O   1 
ATOM   956  C  CB  . ASP B 1 24  ? 11.883  0.977   10.502  1.00 52.39 ? 539  ASP B CB  1 
ATOM   957  C  CG  . ASP B 1 24  ? 12.288  -0.486  10.451  1.00 53.79 ? 539  ASP B CG  1 
ATOM   958  O  OD1 . ASP B 1 24  ? 13.459  -0.749  10.073  1.00 57.92 ? 539  ASP B OD1 1 
ATOM   959  O  OD2 . ASP B 1 24  ? 11.431  -1.359  10.786  1.00 50.36 ? 539  ASP B OD2 1 
ATOM   960  N  N   . SER B 1 25  ? 12.717  3.866   8.980   1.00 45.68 ? 540  SER B N   1 
ATOM   961  C  CA  . SER B 1 25  ? 12.098  5.141   8.635   1.00 43.83 ? 540  SER B CA  1 
ATOM   962  C  C   . SER B 1 25  ? 10.686  4.841   8.188   1.00 41.01 ? 540  SER B C   1 
ATOM   963  O  O   . SER B 1 25  ? 10.369  3.720   7.761   1.00 39.83 ? 540  SER B O   1 
ATOM   964  C  CB  . SER B 1 25  ? 12.852  5.838   7.510   1.00 43.35 ? 540  SER B CB  1 
ATOM   965  O  OG  . SER B 1 25  ? 12.719  5.123   6.280   1.00 43.36 ? 540  SER B OG  1 
ATOM   966  N  N   . ILE B 1 26  ? 9.837   5.848   8.293   1.00 39.66 ? 541  ILE B N   1 
ATOM   967  C  CA  . ILE B 1 26  ? 8.484   5.743   7.785   1.00 40.30 ? 541  ILE B CA  1 
ATOM   968  C  C   . ILE B 1 26  ? 8.500   5.367   6.318   1.00 41.52 ? 541  ILE B C   1 
ATOM   969  O  O   . ILE B 1 26  ? 7.635   4.612   5.886   1.00 44.55 ? 541  ILE B O   1 
ATOM   970  C  CB  . ILE B 1 26  ? 7.717   7.044   7.946   1.00 38.12 ? 541  ILE B CB  1 
ATOM   971  C  CG1 . ILE B 1 26  ? 7.528   7.350   9.433   1.00 41.80 ? 541  ILE B CG1 1 
ATOM   972  C  CG2 . ILE B 1 26  ? 6.357   6.943   7.250   1.00 35.36 ? 541  ILE B CG2 1 
ATOM   973  C  CD1 . ILE B 1 26  ? 6.774   6.253   10.193  1.00 38.72 ? 541  ILE B CD1 1 
ATOM   974  N  N   . LEU B 1 27  ? 9.475   5.886   5.566   1.00 40.82 ? 542  LEU B N   1 
ATOM   975  C  CA  . LEU B 1 27  ? 9.616   5.557   4.149   1.00 40.33 ? 542  LEU B CA  1 
ATOM   976  C  C   . LEU B 1 27  ? 9.864   4.066   3.949   1.00 41.74 ? 542  LEU B C   1 
ATOM   977  O  O   . LEU B 1 27  ? 9.290   3.455   3.050   1.00 46.09 ? 542  LEU B O   1 
ATOM   978  C  CB  . LEU B 1 27  ? 10.753  6.360   3.504   1.00 40.03 ? 542  LEU B CB  1 
ATOM   979  C  CG  . LEU B 1 27  ? 10.993  6.075   2.024   1.00 37.97 ? 542  LEU B CG  1 
ATOM   980  C  CD1 . LEU B 1 27  ? 9.766   6.514   1.243   1.00 37.61 ? 542  LEU B CD1 1 
ATOM   981  C  CD2 . LEU B 1 27  ? 12.250  6.787   1.552   1.00 36.57 ? 542  LEU B CD2 1 
ATOM   982  N  N   . ASP B 1 28  ? 10.731  3.483   4.769   1.00 43.18 ? 543  ASP B N   1 
ATOM   983  C  CA  . ASP B 1 28  ? 11.026  2.056   4.654   1.00 43.20 ? 543  ASP B CA  1 
ATOM   984  C  C   . ASP B 1 28  ? 9.757   1.238   4.834   1.00 43.57 ? 543  ASP B C   1 
ATOM   985  O  O   . ASP B 1 28  ? 9.431   0.357   4.025   1.00 42.58 ? 543  ASP B O   1 
ATOM   986  C  CB  . ASP B 1 28  ? 12.002  1.618   5.722   1.00 44.68 ? 543  ASP B CB  1 
ATOM   987  C  CG  . ASP B 1 28  ? 13.336  2.264   5.587   1.00 47.55 ? 543  ASP B CG  1 
ATOM   988  O  OD1 . ASP B 1 28  ? 13.819  2.387   4.451   1.00 51.24 ? 543  ASP B OD1 1 
ATOM   989  O  OD2 . ASP B 1 28  ? 13.914  2.625   6.628   1.00 46.57 ? 543  ASP B OD2 1 
ATOM   990  N  N   . LEU B 1 29  ? 9.052   1.544   5.914   1.00 41.65 ? 544  LEU B N   1 
ATOM   991  C  CA  . LEU B 1 29  ? 7.825   0.859   6.242   1.00 43.21 ? 544  LEU B CA  1 
ATOM   992  C  C   . LEU B 1 29  ? 6.871   0.972   5.085   1.00 41.59 ? 544  LEU B C   1 
ATOM   993  O  O   . LEU B 1 29  ? 6.290   -0.014  4.666   1.00 43.89 ? 544  LEU B O   1 
ATOM   994  C  CB  . LEU B 1 29  ? 7.218   1.454   7.517   1.00 44.97 ? 544  LEU B CB  1 
ATOM   995  C  CG  . LEU B 1 29  ? 7.641   0.870   8.891   1.00 49.37 ? 544  LEU B CG  1 
ATOM   996  C  CD1 . LEU B 1 29  ? 9.021   0.227   8.927   1.00 41.60 ? 544  LEU B CD1 1 
ATOM   997  C  CD2 . LEU B 1 29  ? 7.576   1.939   9.974   1.00 48.30 ? 544  LEU B CD2 1 
ATOM   998  N  N   . ALA B 1 30  ? 6.745   2.179   4.550   1.00 40.31 ? 545  ALA B N   1 
ATOM   999  C  CA  . ALA B 1 30  ? 5.893   2.431   3.392   1.00 41.30 ? 545  ALA B CA  1 
ATOM   1000 C  C   . ALA B 1 30  ? 6.244   1.504   2.251   1.00 41.41 ? 545  ALA B C   1 
ATOM   1001 O  O   . ALA B 1 30  ? 5.362   0.873   1.680   1.00 46.48 ? 545  ALA B O   1 
ATOM   1002 C  CB  . ALA B 1 30  ? 6.013   3.879   2.935   1.00 39.95 ? 545  ALA B CB  1 
ATOM   1003 N  N   . HIS B 1 31  ? 7.524   1.429   1.911   1.00 40.87 ? 546  HIS B N   1 
ATOM   1004 C  CA  . HIS B 1 31  ? 7.935   0.596   0.789   1.00 44.54 ? 546  HIS B CA  1 
ATOM   1005 C  C   . HIS B 1 31  ? 7.735   -0.857  1.105   1.00 43.51 ? 546  HIS B C   1 
ATOM   1006 O  O   . HIS B 1 31  ? 7.220   -1.595  0.282   1.00 46.50 ? 546  HIS B O   1 
ATOM   1007 C  CB  . HIS B 1 31  ? 9.381   0.844   0.380   1.00 44.45 ? 546  HIS B CB  1 
ATOM   1008 C  CG  . HIS B 1 31  ? 9.591   2.167   -0.288  1.00 55.44 ? 546  HIS B CG  1 
ATOM   1009 N  ND1 . HIS B 1 31  ? 10.828  2.770   -0.388  1.00 57.05 ? 546  HIS B ND1 1 
ATOM   1010 C  CD2 . HIS B 1 31  ? 8.710   3.026   -0.862  1.00 54.58 ? 546  HIS B CD2 1 
ATOM   1011 C  CE1 . HIS B 1 31  ? 10.707  3.932   -1.009  1.00 62.51 ? 546  HIS B CE1 1 
ATOM   1012 N  NE2 . HIS B 1 31  ? 9.432   4.111   -1.308  1.00 63.64 ? 546  HIS B NE2 1 
ATOM   1013 N  N   . ALA B 1 32  ? 8.105   -1.258  2.314   1.00 44.54 ? 547  ALA B N   1 
ATOM   1014 C  CA  . ALA B 1 32  ? 7.904   -2.627  2.742   1.00 42.21 ? 547  ALA B CA  1 
ATOM   1015 C  C   . ALA B 1 32  ? 6.446   -3.060  2.593   1.00 43.14 ? 547  ALA B C   1 
ATOM   1016 O  O   . ALA B 1 32  ? 6.182   -4.238  2.432   1.00 47.36 ? 547  ALA B O   1 
ATOM   1017 C  CB  . ALA B 1 32  ? 8.344   -2.795  4.166   1.00 39.16 ? 547  ALA B CB  1 
ATOM   1018 N  N   . ASN B 1 33  ? 5.498   -2.131  2.629   1.00 42.98 ? 548  ASN B N   1 
ATOM   1019 C  CA  . ASN B 1 33  ? 4.086   -2.519  2.642   1.00 43.99 ? 548  ASN B CA  1 
ATOM   1020 C  C   . ASN B 1 33  ? 3.264   -1.989  1.499   1.00 42.55 ? 548  ASN B C   1 
ATOM   1021 O  O   . ASN B 1 33  ? 2.039   -1.908  1.609   1.00 45.45 ? 548  ASN B O   1 
ATOM   1022 C  CB  . ASN B 1 33  ? 3.463   -2.134  3.989   1.00 43.54 ? 548  ASN B CB  1 
ATOM   1023 C  CG  . ASN B 1 33  ? 4.096   -2.894  5.123   1.00 43.39 ? 548  ASN B CG  1 
ATOM   1024 O  OD1 . ASN B 1 33  ? 3.674   -4.000  5.427   1.00 53.81 ? 548  ASN B OD1 1 
ATOM   1025 N  ND2 . ASN B 1 33  ? 5.170   -2.358  5.684   1.00 38.32 ? 548  ASN B ND2 1 
ATOM   1026 N  N   . ASN B 1 34  ? 3.932   -1.644  0.403   1.00 44.37 ? 549  ASN B N   1 
ATOM   1027 C  CA  . ASN B 1 34  ? 3.252   -1.113  -0.795  1.00 48.30 ? 549  ASN B CA  1 
ATOM   1028 C  C   . ASN B 1 34  ? 2.429   0.145   -0.551  1.00 48.37 ? 549  ASN B C   1 
ATOM   1029 O  O   . ASN B 1 34  ? 1.398   0.350   -1.197  1.00 50.33 ? 549  ASN B O   1 
ATOM   1030 C  CB  . ASN B 1 34  ? 2.361   -2.190  -1.426  1.00 50.54 ? 549  ASN B CB  1 
ATOM   1031 C  CG  . ASN B 1 34  ? 3.114   -3.465  -1.674  1.00 55.96 ? 549  ASN B CG  1 
ATOM   1032 O  OD1 . ASN B 1 34  ? 4.201   -3.455  -2.255  1.00 68.37 ? 549  ASN B OD1 1 
ATOM   1033 N  ND2 . ASN B 1 34  ? 2.559   -4.580  -1.214  1.00 71.06 ? 549  ASN B ND2 1 
ATOM   1034 N  N   . ILE B 1 35  ? 2.880   0.978   0.386   1.00 45.88 ? 550  ILE B N   1 
ATOM   1035 C  CA  . ILE B 1 35  ? 2.206   2.223   0.640   1.00 46.77 ? 550  ILE B CA  1 
ATOM   1036 C  C   . ILE B 1 35  ? 2.698   3.226   -0.390  1.00 43.41 ? 550  ILE B C   1 
ATOM   1037 O  O   . ILE B 1 35  ? 3.871   3.223   -0.754  1.00 43.57 ? 550  ILE B O   1 
ATOM   1038 C  CB  . ILE B 1 35  ? 2.451   2.775   2.048   1.00 48.60 ? 550  ILE B CB  1 
ATOM   1039 C  CG1 . ILE B 1 35  ? 2.020   1.769   3.123   1.00 55.55 ? 550  ILE B CG1 1 
ATOM   1040 C  CG2 . ILE B 1 35  ? 1.637   4.063   2.237   1.00 50.18 ? 550  ILE B CG2 1 
ATOM   1041 C  CD1 . ILE B 1 35  ? 0.525   1.514   3.154   1.00 54.71 ? 550  ILE B CD1 1 
ATOM   1042 N  N   . ASP B 1 36  ? 1.793   4.084   -0.840  1.00 41.80 ? 551  ASP B N   1 
ATOM   1043 C  CA  . ASP B 1 36  ? 2.094   5.073   -1.866  1.00 45.18 ? 551  ASP B CA  1 
ATOM   1044 C  C   . ASP B 1 36  ? 2.912   6.233   -1.301  1.00 41.56 ? 551  ASP B C   1 
ATOM   1045 O  O   . ASP B 1 36  ? 2.425   7.331   -1.114  1.00 40.12 ? 551  ASP B O   1 
ATOM   1046 C  CB  . ASP B 1 36  ? 0.807   5.579   -2.534  1.00 45.22 ? 551  ASP B CB  1 
ATOM   1047 C  CG  . ASP B 1 36  ? 1.073   6.606   -3.611  1.00 44.93 ? 551  ASP B CG  1 
ATOM   1048 O  OD1 . ASP B 1 36  ? 2.036   6.408   -4.399  1.00 50.59 ? 551  ASP B OD1 1 
ATOM   1049 O  OD2 . ASP B 1 36  ? 0.316   7.604   -3.661  1.00 49.92 ? 551  ASP B OD2 1 
ATOM   1050 N  N   . LEU B 1 37  ? 4.170   5.949   -1.027  1.00 43.43 ? 552  LEU B N   1 
ATOM   1051 C  CA  . LEU B 1 37  ? 5.101   6.941   -0.570  1.00 47.64 ? 552  LEU B CA  1 
ATOM   1052 C  C   . LEU B 1 37  ? 6.384   6.614   -1.300  1.00 51.39 ? 552  LEU B C   1 
ATOM   1053 O  O   . LEU B 1 37  ? 7.175   5.787   -0.861  1.00 51.67 ? 552  LEU B O   1 
ATOM   1054 C  CB  . LEU B 1 37  ? 5.288   6.838   0.948   1.00 50.99 ? 552  LEU B CB  1 
ATOM   1055 C  CG  . LEU B 1 37  ? 5.646   8.124   1.684   1.00 43.62 ? 552  LEU B CG  1 
ATOM   1056 C  CD1 . LEU B 1 37  ? 4.420   8.992   1.677   1.00 39.15 ? 552  LEU B CD1 1 
ATOM   1057 C  CD2 . LEU B 1 37  ? 6.110   7.835   3.085   1.00 39.15 ? 552  LEU B CD2 1 
ATOM   1058 N  N   . GLU B 1 38  ? 6.564   7.226   -2.457  1.00 57.59 ? 553  GLU B N   1 
ATOM   1059 C  CA  . GLU B 1 38  ? 7.776   7.019   -3.216  1.00 57.08 ? 553  GLU B CA  1 
ATOM   1060 C  C   . GLU B 1 38  ? 8.868   7.791   -2.505  1.00 59.49 ? 553  GLU B C   1 
ATOM   1061 O  O   . GLU B 1 38  ? 8.692   8.971   -2.161  1.00 63.97 ? 553  GLU B O   1 
ATOM   1062 C  CB  . GLU B 1 38  ? 7.592   7.562   -4.615  1.00 58.35 ? 553  GLU B CB  1 
ATOM   1063 C  CG  . GLU B 1 38  ? 8.732   7.238   -5.545  1.00 64.36 ? 553  GLU B CG  1 
ATOM   1064 C  CD  . GLU B 1 38  ? 8.769   8.158   -6.747  1.00 66.34 ? 553  GLU B CD  1 
ATOM   1065 O  OE1 . GLU B 1 38  ? 8.168   9.260   -6.665  1.00 76.70 ? 553  GLU B OE1 1 
ATOM   1066 O  OE2 . GLU B 1 38  ? 9.406   7.779   -7.757  1.00 73.91 ? 553  GLU B OE2 1 
ATOM   1067 N  N   . GLY B 1 39  ? 9.987   7.134   -2.251  1.00 56.28 ? 554  GLY B N   1 
ATOM   1068 C  CA  . GLY B 1 39  ? 11.121  7.830   -1.661  1.00 54.22 ? 554  GLY B CA  1 
ATOM   1069 C  C   . GLY B 1 39  ? 12.073  8.124   -2.792  1.00 51.75 ? 554  GLY B C   1 
ATOM   1070 O  O   . GLY B 1 39  ? 13.131  7.519   -2.884  1.00 52.75 ? 554  GLY B O   1 
ATOM   1071 N  N   . ALA B 1 40  ? 11.673  9.040   -3.665  1.00 50.66 ? 555  ALA B N   1 
ATOM   1072 C  CA  . ALA B 1 40  ? 12.350  9.258   -4.939  1.00 48.24 ? 555  ALA B CA  1 
ATOM   1073 C  C   . ALA B 1 40  ? 13.850  9.339   -4.746  1.00 47.47 ? 555  ALA B C   1 
ATOM   1074 O  O   . ALA B 1 40  ? 14.597  8.653   -5.436  1.00 51.85 ? 555  ALA B O   1 
ATOM   1075 C  CB  . ALA B 1 40  ? 11.826  10.528  -5.611  1.00 42.57 ? 555  ALA B CB  1 
ATOM   1076 N  N   . CYS B 1 41  ? 14.296  10.146  -3.788  1.00 44.46 ? 556  CYS B N   1 
ATOM   1077 C  CA  . CYS B 1 41  ? 15.717  10.471  -3.684  1.00 48.94 ? 556  CYS B CA  1 
ATOM   1078 C  C   . CYS B 1 41  ? 16.446  9.587   -2.689  1.00 50.54 ? 556  CYS B C   1 
ATOM   1079 O  O   . CYS B 1 41  ? 17.616  9.864   -2.331  1.00 47.69 ? 556  CYS B O   1 
ATOM   1080 C  CB  . CYS B 1 41  ? 15.898  11.946  -3.333  1.00 49.80 ? 556  CYS B CB  1 
ATOM   1081 S  SG  . CYS B 1 41  ? 15.979  12.283  -1.613  1.00 46.89 ? 556  CYS B SG  1 
ATOM   1082 N  N   . GLU B 1 42  ? 15.749  8.512   -2.301  1.00 51.59 ? 557  GLU B N   1 
ATOM   1083 C  CA  . GLU B 1 42  ? 16.212  7.491   -1.368  1.00 53.45 ? 557  GLU B CA  1 
ATOM   1084 C  C   . GLU B 1 42  ? 17.056  8.109   -0.268  1.00 52.46 ? 557  GLU B C   1 
ATOM   1085 O  O   . GLU B 1 42  ? 18.283  7.946   -0.214  1.00 55.14 ? 557  GLU B O   1 
ATOM   1086 C  CB  . GLU B 1 42  ? 16.904  6.340   -2.115  1.00 55.26 ? 557  GLU B CB  1 
ATOM   1087 C  CG  . GLU B 1 42  ? 17.970  6.781   -3.160  1.00 65.98 ? 557  GLU B CG  1 
ATOM   1088 C  CD  . GLU B 1 42  ? 18.082  5.846   -4.372  1.00 61.84 ? 557  GLU B CD  1 
ATOM   1089 O  OE1 . GLU B 1 42  ? 17.434  4.773   -4.386  1.00 71.39 ? 557  GLU B OE1 1 
ATOM   1090 O  OE2 . GLU B 1 42  ? 18.832  6.200   -5.312  1.00 67.50 ? 557  GLU B OE2 1 
ATOM   1091 N  N   . GLY B 1 43  ? 16.363  8.872   0.572   1.00 52.02 ? 558  GLY B N   1 
ATOM   1092 C  CA  . GLY B 1 43  ? 16.918  9.436   1.796   1.00 52.20 ? 558  GLY B CA  1 
ATOM   1093 C  C   . GLY B 1 43  ? 17.924  10.568  1.688   1.00 53.87 ? 558  GLY B C   1 
ATOM   1094 O  O   . GLY B 1 43  ? 18.482  10.978  2.710   1.00 58.06 ? 558  GLY B O   1 
ATOM   1095 N  N   . SER B 1 44  ? 18.157  11.106  0.487   1.00 53.43 ? 559  SER B N   1 
ATOM   1096 C  CA  . SER B 1 44  ? 19.156  12.177  0.320   1.00 51.28 ? 559  SER B CA  1 
ATOM   1097 C  C   . SER B 1 44  ? 18.666  13.571  0.764   1.00 51.94 ? 559  SER B C   1 
ATOM   1098 O  O   . SER B 1 44  ? 19.369  14.543  0.522   1.00 56.91 ? 559  SER B O   1 
ATOM   1099 C  CB  . SER B 1 44  ? 19.665  12.234  -1.132  1.00 51.00 ? 559  SER B CB  1 
ATOM   1100 O  OG  . SER B 1 44  ? 20.126  10.968  -1.617  1.00 49.41 ? 559  SER B OG  1 
ATOM   1101 N  N   . VAL B 1 45  ? 17.506  13.655  1.444   1.00 53.74 ? 560  VAL B N   1 
ATOM   1102 C  CA  . VAL B 1 45  ? 16.812  14.924  1.834   1.00 52.43 ? 560  VAL B CA  1 
ATOM   1103 C  C   . VAL B 1 45  ? 16.766  15.944  0.697   1.00 53.17 ? 560  VAL B C   1 
ATOM   1104 O  O   . VAL B 1 45  ? 16.892  17.144  0.904   1.00 53.81 ? 560  VAL B O   1 
ATOM   1105 C  CB  . VAL B 1 45  ? 17.389  15.567  3.132   1.00 51.31 ? 560  VAL B CB  1 
ATOM   1106 C  CG1 . VAL B 1 45  ? 16.408  16.591  3.683   1.00 49.49 ? 560  VAL B CG1 1 
ATOM   1107 C  CG2 . VAL B 1 45  ? 17.666  14.506  4.185   1.00 45.48 ? 560  VAL B CG2 1 
ATOM   1108 N  N   . ALA B 1 46  ? 16.575  15.438  -0.511  1.00 53.67 ? 561  ALA B N   1 
ATOM   1109 C  CA  . ALA B 1 46  ? 16.718  16.229  -1.726  1.00 52.74 ? 561  ALA B CA  1 
ATOM   1110 C  C   . ALA B 1 46  ? 15.446  16.256  -2.534  1.00 52.09 ? 561  ALA B C   1 
ATOM   1111 O  O   . ALA B 1 46  ? 15.449  16.651  -3.693  1.00 56.33 ? 561  ALA B O   1 
ATOM   1112 C  CB  . ALA B 1 46  ? 17.828  15.647  -2.569  1.00 53.80 ? 561  ALA B CB  1 
ATOM   1113 N  N   . CYS B 1 47  ? 14.359  15.798  -1.942  1.00 50.68 ? 562  CYS B N   1 
ATOM   1114 C  CA  . CYS B 1 47  ? 13.076  15.844  -2.613  1.00 49.55 ? 562  CYS B CA  1 
ATOM   1115 C  C   . CYS B 1 47  ? 12.000  15.933  -1.549  1.00 49.61 ? 562  CYS B C   1 
ATOM   1116 O  O   . CYS B 1 47  ? 12.305  16.212  -0.384  1.00 53.13 ? 562  CYS B O   1 
ATOM   1117 C  CB  . CYS B 1 47  ? 12.890  14.647  -3.538  1.00 47.97 ? 562  CYS B CB  1 
ATOM   1118 S  SG  . CYS B 1 47  ? 12.257  13.163  -2.779  1.00 49.39 ? 562  CYS B SG  1 
ATOM   1119 N  N   . SER B 1 48  ? 10.747  15.767  -1.937  1.00 49.48 ? 563  SER B N   1 
ATOM   1120 C  CA  . SER B 1 48  ? 9.652   15.881  -0.974  1.00 49.44 ? 563  SER B CA  1 
ATOM   1121 C  C   . SER B 1 48  ? 8.622   14.798  -1.214  1.00 50.21 ? 563  SER B C   1 
ATOM   1122 O  O   . SER B 1 48  ? 7.500   14.893  -0.748  1.00 53.93 ? 563  SER B O   1 
ATOM   1123 C  CB  . SER B 1 48  ? 9.002   17.261  -1.090  1.00 50.29 ? 563  SER B CB  1 
ATOM   1124 O  OG  . SER B 1 48  ? 8.438   17.449  -2.368  1.00 53.60 ? 563  SER B OG  1 
ATOM   1125 N  N   . THR B 1 49  ? 8.995   13.765  -1.958  1.00 50.16 ? 564  THR B N   1 
ATOM   1126 C  CA  . THR B 1 49  ? 8.051   12.736  -2.341  1.00 48.88 ? 564  THR B CA  1 
ATOM   1127 C  C   . THR B 1 49  ? 7.749   11.799  -1.165  1.00 49.84 ? 564  THR B C   1 
ATOM   1128 O  O   . THR B 1 49  ? 6.782   11.054  -1.179  1.00 58.24 ? 564  THR B O   1 
ATOM   1129 C  CB  . THR B 1 49  ? 8.572   11.924  -3.535  1.00 50.36 ? 564  THR B CB  1 
ATOM   1130 O  OG1 . THR B 1 49  ? 9.670   11.102  -3.116  1.00 52.72 ? 564  THR B OG1 1 
ATOM   1131 C  CG2 . THR B 1 49  ? 9.013   12.866  -4.667  1.00 47.81 ? 564  THR B CG2 1 
ATOM   1132 N  N   . CYS B 1 50  ? 8.571   11.837  -0.137  1.00 45.88 ? 565  CYS B N   1 
ATOM   1133 C  CA  . CYS B 1 50  ? 8.327   11.037  1.054   1.00 42.90 ? 565  CYS B CA  1 
ATOM   1134 C  C   . CYS B 1 50  ? 7.555   11.845  2.125   1.00 40.10 ? 565  CYS B C   1 
ATOM   1135 O  O   . CYS B 1 50  ? 7.433   11.400  3.274   1.00 38.01 ? 565  CYS B O   1 
ATOM   1136 C  CB  . CYS B 1 50  ? 9.662   10.589  1.617   1.00 41.94 ? 565  CYS B CB  1 
ATOM   1137 S  SG  . CYS B 1 50  ? 10.564  11.980  2.329   1.00 41.98 ? 565  CYS B SG  1 
ATOM   1138 N  N   . HIS B 1 51  ? 7.078   13.034  1.751   1.00 36.96 ? 566  HIS B N   1 
ATOM   1139 C  CA  . HIS B 1 51  ? 6.330   13.930  2.637   1.00 37.45 ? 566  HIS B CA  1 
ATOM   1140 C  C   . HIS B 1 51  ? 5.138   13.209  3.271   1.00 38.69 ? 566  HIS B C   1 
ATOM   1141 O  O   . HIS B 1 51  ? 4.321   12.625  2.571   1.00 40.26 ? 566  HIS B O   1 
ATOM   1142 C  CB  . HIS B 1 51  ? 5.871   15.149  1.836   1.00 33.71 ? 566  HIS B CB  1 
ATOM   1143 C  CG  . HIS B 1 51  ? 4.990   16.094  2.585   1.00 34.35 ? 566  HIS B CG  1 
ATOM   1144 N  ND1 . HIS B 1 51  ? 4.000   16.820  1.967   1.00 37.21 ? 566  HIS B ND1 1 
ATOM   1145 C  CD2 . HIS B 1 51  ? 4.959   16.451  3.888   1.00 40.16 ? 566  HIS B CD2 1 
ATOM   1146 C  CE1 . HIS B 1 51  ? 3.386   17.573  2.858   1.00 39.14 ? 566  HIS B CE1 1 
ATOM   1147 N  NE2 . HIS B 1 51  ? 3.947   17.368  4.032   1.00 35.79 ? 566  HIS B NE2 1 
ATOM   1148 N  N   . VAL B 1 52  ? 5.085   13.220  4.605   1.00 40.76 ? 567  VAL B N   1 
ATOM   1149 C  CA  . VAL B 1 52  ? 3.977   12.651  5.380   1.00 40.26 ? 567  VAL B CA  1 
ATOM   1150 C  C   . VAL B 1 52  ? 3.591   13.656  6.456   1.00 41.99 ? 567  VAL B C   1 
ATOM   1151 O  O   . VAL B 1 52  ? 4.393   14.500  6.852   1.00 43.67 ? 567  VAL B O   1 
ATOM   1152 C  CB  . VAL B 1 52  ? 4.366   11.330  6.083   1.00 39.54 ? 567  VAL B CB  1 
ATOM   1153 C  CG1 . VAL B 1 52  ? 4.887   10.310  5.078   1.00 37.12 ? 567  VAL B CG1 1 
ATOM   1154 C  CG2 . VAL B 1 52  ? 5.418   11.591  7.156   1.00 31.64 ? 567  VAL B CG2 1 
ATOM   1155 N  N   . ILE B 1 53  ? 2.353   13.574  6.915   1.00 40.52 ? 568  ILE B N   1 
ATOM   1156 C  CA  . ILE B 1 53  ? 1.865   14.454  7.964   1.00 41.60 ? 568  ILE B CA  1 
ATOM   1157 C  C   . ILE B 1 53  ? 1.620   13.609  9.213   1.00 42.78 ? 568  ILE B C   1 
ATOM   1158 O  O   . ILE B 1 53  ? 0.728   12.747  9.241   1.00 43.70 ? 568  ILE B O   1 
ATOM   1159 C  CB  . ILE B 1 53  ? 0.583   15.155  7.545   1.00 42.72 ? 568  ILE B CB  1 
ATOM   1160 C  CG1 . ILE B 1 53  ? 0.865   16.013  6.303   1.00 40.03 ? 568  ILE B CG1 1 
ATOM   1161 C  CG2 . ILE B 1 53  ? 0.023   15.989  8.719   1.00 37.21 ? 568  ILE B CG2 1 
ATOM   1162 C  CD1 . ILE B 1 53  ? -0.367  16.382  5.559   1.00 41.22 ? 568  ILE B CD1 1 
ATOM   1163 N  N   . VAL B 1 54  ? 2.429   13.841  10.240  1.00 43.22 ? 569  VAL B N   1 
ATOM   1164 C  CA  . VAL B 1 54  ? 2.327   13.042  11.450  1.00 43.83 ? 569  VAL B CA  1 
ATOM   1165 C  C   . VAL B 1 54  ? 1.321   13.666  12.432  1.00 45.25 ? 569  VAL B C   1 
ATOM   1166 O  O   . VAL B 1 54  ? 1.075   14.877  12.414  1.00 47.15 ? 569  VAL B O   1 
ATOM   1167 C  CB  . VAL B 1 54  ? 3.706   12.802  12.079  1.00 42.38 ? 569  VAL B CB  1 
ATOM   1168 C  CG1 . VAL B 1 54  ? 4.701   13.767  11.536  1.00 38.91 ? 569  VAL B CG1 1 
ATOM   1169 C  CG2 . VAL B 1 54  ? 3.633   12.883  13.590  1.00 45.35 ? 569  VAL B CG2 1 
ATOM   1170 N  N   . ASP B 1 55  ? 0.706   12.823  13.260  1.00 49.61 ? 570  ASP B N   1 
ATOM   1171 C  CA  . ASP B 1 55  ? -0.237  13.300  14.298  1.00 48.79 ? 570  ASP B CA  1 
ATOM   1172 C  C   . ASP B 1 55  ? 0.471   14.293  15.219  1.00 50.15 ? 570  ASP B C   1 
ATOM   1173 O  O   . ASP B 1 55  ? 1.673   14.140  15.502  1.00 49.04 ? 570  ASP B O   1 
ATOM   1174 C  CB  . ASP B 1 55  ? -0.839  12.154  15.144  1.00 45.50 ? 570  ASP B CB  1 
ATOM   1175 C  CG  . ASP B 1 55  ? 0.217   11.423  16.022  1.00 48.31 ? 570  ASP B CG  1 
ATOM   1176 O  OD1 . ASP B 1 55  ? 0.847   10.461  15.519  1.00 56.03 ? 570  ASP B OD1 1 
ATOM   1177 O  OD2 . ASP B 1 55  ? 0.430   11.787  17.212  1.00 49.44 ? 570  ASP B OD2 1 
ATOM   1178 N  N   . PRO B 1 56  ? -0.265  15.316  15.690  1.00 52.80 ? 571  PRO B N   1 
ATOM   1179 C  CA  . PRO B 1 56  ? 0.350   16.376  16.521  1.00 52.46 ? 571  PRO B CA  1 
ATOM   1180 C  C   . PRO B 1 56  ? 1.046   15.862  17.782  1.00 52.99 ? 571  PRO B C   1 
ATOM   1181 O  O   . PRO B 1 56  ? 2.099   16.392  18.165  1.00 55.77 ? 571  PRO B O   1 
ATOM   1182 C  CB  . PRO B 1 56  ? -0.834  17.250  16.907  1.00 53.00 ? 571  PRO B CB  1 
ATOM   1183 C  CG  . PRO B 1 56  ? -1.907  16.943  15.893  1.00 54.35 ? 571  PRO B CG  1 
ATOM   1184 C  CD  . PRO B 1 56  ? -1.706  15.536  15.458  1.00 52.56 ? 571  PRO B CD  1 
ATOM   1185 N  N   . GLU B 1 57  ? 0.473   14.824  18.392  1.00 52.50 ? 572  GLU B N   1 
ATOM   1186 C  CA  . GLU B 1 57  ? 0.989   14.284  19.640  1.00 56.26 ? 572  GLU B CA  1 
ATOM   1187 C  C   . GLU B 1 57  ? 2.385   13.712  19.456  1.00 57.28 ? 572  GLU B C   1 
ATOM   1188 O  O   . GLU B 1 57  ? 3.322   14.066  20.193  1.00 60.29 ? 572  GLU B O   1 
ATOM   1189 C  CB  . GLU B 1 57  ? 0.062   13.203  20.223  1.00 60.33 ? 572  GLU B CB  1 
ATOM   1190 C  CG  . GLU B 1 57  ? -1.366  13.684  20.551  1.00 71.37 ? 572  GLU B CG  1 
ATOM   1191 C  CD  . GLU B 1 57  ? -2.268  13.844  19.301  1.00 85.91 ? 572  GLU B CD  1 
ATOM   1192 O  OE1 . GLU B 1 57  ? -2.088  13.092  18.307  1.00 90.00 ? 572  GLU B OE1 1 
ATOM   1193 O  OE2 . GLU B 1 57  ? -3.163  14.730  19.318  1.00 94.09 ? 572  GLU B OE2 1 
ATOM   1194 N  N   . HIS B 1 58  ? 2.539   12.839  18.470  1.00 57.27 ? 573  HIS B N   1 
ATOM   1195 C  CA  . HIS B 1 58  ? 3.841   12.220  18.244  1.00 57.08 ? 573  HIS B CA  1 
ATOM   1196 C  C   . HIS B 1 58  ? 4.824   13.151  17.520  1.00 56.05 ? 573  HIS B C   1 
ATOM   1197 O  O   . HIS B 1 58  ? 6.044   12.934  17.546  1.00 53.50 ? 573  HIS B O   1 
ATOM   1198 C  CB  . HIS B 1 58  ? 3.660   10.937  17.467  1.00 55.19 ? 573  HIS B CB  1 
ATOM   1199 C  CG  . HIS B 1 58  ? 2.915   9.889   18.220  1.00 55.07 ? 573  HIS B CG  1 
ATOM   1200 N  ND1 . HIS B 1 58  ? 1.541   9.903   18.357  1.00 52.80 ? 573  HIS B ND1 1 
ATOM   1201 C  CD2 . HIS B 1 58  ? 3.353   8.774   18.856  1.00 53.15 ? 573  HIS B CD2 1 
ATOM   1202 C  CE1 . HIS B 1 58  ? 1.164   8.830   19.032  1.00 56.84 ? 573  HIS B CE1 1 
ATOM   1203 N  NE2 . HIS B 1 58  ? 2.245   8.133   19.352  1.00 58.98 ? 573  HIS B NE2 1 
ATOM   1204 N  N   . TYR B 1 59  ? 4.290   14.180  16.869  1.00 56.24 ? 574  TYR B N   1 
ATOM   1205 C  CA  . TYR B 1 59  ? 5.127   15.148  16.182  1.00 58.08 ? 574  TYR B CA  1 
ATOM   1206 C  C   . TYR B 1 59  ? 6.111   15.765  17.161  1.00 58.59 ? 574  TYR B C   1 
ATOM   1207 O  O   . TYR B 1 59  ? 7.312   15.804  16.898  1.00 59.91 ? 574  TYR B O   1 
ATOM   1208 C  CB  . TYR B 1 59  ? 4.276   16.240  15.532  1.00 58.20 ? 574  TYR B CB  1 
ATOM   1209 C  CG  . TYR B 1 59  ? 5.099   17.286  14.809  1.00 60.26 ? 574  TYR B CG  1 
ATOM   1210 C  CD1 . TYR B 1 59  ? 5.711   16.999  13.600  1.00 57.62 ? 574  TYR B CD1 1 
ATOM   1211 C  CD2 . TYR B 1 59  ? 5.270   18.561  15.340  1.00 64.16 ? 574  TYR B CD2 1 
ATOM   1212 C  CE1 . TYR B 1 59  ? 6.457   17.946  12.937  1.00 60.45 ? 574  TYR B CE1 1 
ATOM   1213 C  CE2 . TYR B 1 59  ? 6.021   19.514  14.680  1.00 56.13 ? 574  TYR B CE2 1 
ATOM   1214 C  CZ  . TYR B 1 59  ? 6.607   19.196  13.480  1.00 58.66 ? 574  TYR B CZ  1 
ATOM   1215 O  OH  . TYR B 1 59  ? 7.343   20.135  12.819  1.00 60.39 ? 574  TYR B OH  1 
ATOM   1216 N  N   . GLU B 1 60  ? 5.597   16.213  18.302  1.00 59.02 ? 575  GLU B N   1 
ATOM   1217 C  CA  . GLU B 1 60  ? 6.437   16.838  19.313  1.00 62.32 ? 575  GLU B CA  1 
ATOM   1218 C  C   . GLU B 1 60  ? 7.429   15.840  19.927  1.00 60.46 ? 575  GLU B C   1 
ATOM   1219 O  O   . GLU B 1 60  ? 8.499   16.248  20.380  1.00 65.10 ? 575  GLU B O   1 
ATOM   1220 C  CB  . GLU B 1 60  ? 5.591   17.517  20.398  1.00 63.83 ? 575  GLU B CB  1 
ATOM   1221 C  CG  . GLU B 1 60  ? 5.208   16.608  21.558  1.00 75.29 ? 575  GLU B CG  1 
ATOM   1222 C  CD  . GLU B 1 60  ? 4.077   17.172  22.405  1.00 76.98 ? 575  GLU B CD  1 
ATOM   1223 O  OE1 . GLU B 1 60  ? 3.930   18.422  22.451  1.00 90.15 ? 575  GLU B OE1 1 
ATOM   1224 O  OE2 . GLU B 1 60  ? 3.341   16.353  23.024  1.00 89.83 ? 575  GLU B OE2 1 
ATOM   1225 N  N   . LEU B 1 61  ? 7.107   14.548  19.916  1.00 56.66 ? 576  LEU B N   1 
ATOM   1226 C  CA  . LEU B 1 61  ? 8.070   13.530  20.354  1.00 56.94 ? 576  LEU B CA  1 
ATOM   1227 C  C   . LEU B 1 61  ? 9.316   13.430  19.455  1.00 55.66 ? 576  LEU B C   1 
ATOM   1228 O  O   . LEU B 1 61  ? 10.324  12.885  19.869  1.00 56.25 ? 576  LEU B O   1 
ATOM   1229 C  CB  . LEU B 1 61  ? 7.418   12.138  20.451  1.00 56.36 ? 576  LEU B CB  1 
ATOM   1230 C  CG  . LEU B 1 61  ? 6.480   11.849  21.631  1.00 56.76 ? 576  LEU B CG  1 
ATOM   1231 C  CD1 . LEU B 1 61  ? 5.509   12.994  21.866  1.00 61.06 ? 576  LEU B CD1 1 
ATOM   1232 C  CD2 . LEU B 1 61  ? 5.722   10.534  21.419  1.00 55.04 ? 576  LEU B CD2 1 
ATOM   1233 N  N   . LEU B 1 62  ? 9.257   13.945  18.233  1.00 58.00 ? 577  LEU B N   1 
ATOM   1234 C  CA  . LEU B 1 62  ? 10.329  13.715  17.259  1.00 58.92 ? 577  LEU B CA  1 
ATOM   1235 C  C   . LEU B 1 62  ? 11.484  14.685  17.388  1.00 59.06 ? 577  LEU B C   1 
ATOM   1236 O  O   . LEU B 1 62  ? 11.287  15.855  17.689  1.00 58.37 ? 577  LEU B O   1 
ATOM   1237 C  CB  . LEU B 1 62  ? 9.779   13.849  15.848  1.00 57.84 ? 577  LEU B CB  1 
ATOM   1238 C  CG  . LEU B 1 62  ? 8.735   12.809  15.460  1.00 57.36 ? 577  LEU B CG  1 
ATOM   1239 C  CD1 . LEU B 1 62  ? 7.882   13.349  14.321  1.00 57.90 ? 577  LEU B CD1 1 
ATOM   1240 C  CD2 . LEU B 1 62  ? 9.427   11.495  15.098  1.00 50.79 ? 577  LEU B CD2 1 
ATOM   1241 N  N   . ASP B 1 63  ? 12.692  14.202  17.120  1.00 63.24 ? 578  ASP B N   1 
ATOM   1242 C  CA  . ASP B 1 63  ? 13.832  15.103  16.935  1.00 66.93 ? 578  ASP B CA  1 
ATOM   1243 C  C   . ASP B 1 63  ? 13.370  16.095  15.874  1.00 68.61 ? 578  ASP B C   1 
ATOM   1244 O  O   . ASP B 1 63  ? 12.856  15.672  14.840  1.00 70.99 ? 578  ASP B O   1 
ATOM   1245 C  CB  . ASP B 1 63  ? 15.073  14.346  16.448  1.00 69.19 ? 578  ASP B CB  1 
ATOM   1246 C  CG  . ASP B 1 63  ? 15.432  13.168  17.349  1.00 76.76 ? 578  ASP B CG  1 
ATOM   1247 O  OD1 . ASP B 1 63  ? 15.342  13.321  18.589  1.00 87.18 ? 578  ASP B OD1 1 
ATOM   1248 O  OD2 . ASP B 1 63  ? 15.790  12.092  16.816  1.00 80.64 ? 578  ASP B OD2 1 
ATOM   1249 N  N   . PRO B 1 64  ? 13.526  17.406  16.116  1.00 68.23 ? 579  PRO B N   1 
ATOM   1250 C  CA  . PRO B 1 64  ? 12.928  18.323  15.140  1.00 66.76 ? 579  PRO B CA  1 
ATOM   1251 C  C   . PRO B 1 64  ? 13.689  18.297  13.816  1.00 64.65 ? 579  PRO B C   1 
ATOM   1252 O  O   . PRO B 1 64  ? 14.803  17.767  13.759  1.00 61.60 ? 579  PRO B O   1 
ATOM   1253 C  CB  . PRO B 1 64  ? 13.026  19.706  15.812  1.00 67.55 ? 579  PRO B CB  1 
ATOM   1254 C  CG  . PRO B 1 64  ? 13.545  19.462  17.196  1.00 71.02 ? 579  PRO B CG  1 
ATOM   1255 C  CD  . PRO B 1 64  ? 14.231  18.124  17.188  1.00 69.55 ? 579  PRO B CD  1 
ATOM   1256 N  N   . PRO B 1 65  ? 13.079  18.842  12.749  1.00 63.35 ? 580  PRO B N   1 
ATOM   1257 C  CA  . PRO B 1 65  ? 13.726  18.750  11.449  1.00 64.16 ? 580  PRO B CA  1 
ATOM   1258 C  C   . PRO B 1 65  ? 14.981  19.591  11.383  1.00 63.10 ? 580  PRO B C   1 
ATOM   1259 O  O   . PRO B 1 65  ? 14.993  20.725  11.858  1.00 63.60 ? 580  PRO B O   1 
ATOM   1260 C  CB  . PRO B 1 65  ? 12.662  19.281  10.484  1.00 63.00 ? 580  PRO B CB  1 
ATOM   1261 C  CG  . PRO B 1 65  ? 11.791  20.151  11.302  1.00 63.08 ? 580  PRO B CG  1 
ATOM   1262 C  CD  . PRO B 1 65  ? 11.787  19.552  12.679  1.00 61.71 ? 580  PRO B CD  1 
ATOM   1263 N  N   . GLU B 1 66  ? 16.035  19.035  10.811  1.00 64.23 ? 581  GLU B N   1 
ATOM   1264 C  CA  . GLU B 1 66  ? 17.213  19.830  10.490  1.00 67.41 ? 581  GLU B CA  1 
ATOM   1265 C  C   . GLU B 1 66  ? 16.925  20.788  9.327   1.00 67.59 ? 581  GLU B C   1 
ATOM   1266 O  O   . GLU B 1 66  ? 15.876  20.693  8.679   1.00 67.50 ? 581  GLU B O   1 
ATOM   1267 C  CB  . GLU B 1 66  ? 18.387  18.928  10.147  1.00 66.63 ? 581  GLU B CB  1 
ATOM   1268 C  CG  . GLU B 1 66  ? 18.993  18.247  11.355  1.00 70.25 ? 581  GLU B CG  1 
ATOM   1269 C  CD  . GLU B 1 66  ? 20.048  17.219  10.977  1.00 76.53 ? 581  GLU B CD  1 
ATOM   1270 O  OE1 . GLU B 1 66  ? 20.578  17.283  9.842   1.00 94.61 ? 581  GLU B OE1 1 
ATOM   1271 O  OE2 . GLU B 1 66  ? 20.353  16.341  11.818  1.00 91.08 ? 581  GLU B OE2 1 
ATOM   1272 N  N   . GLU B 1 67  ? 17.861  21.706  9.075   1.00 68.46 ? 582  GLU B N   1 
ATOM   1273 C  CA  . GLU B 1 67  ? 17.649  22.808  8.118   1.00 68.19 ? 582  GLU B CA  1 
ATOM   1274 C  C   . GLU B 1 67  ? 17.358  22.321  6.691   1.00 62.96 ? 582  GLU B C   1 
ATOM   1275 O  O   . GLU B 1 67  ? 16.490  22.865  6.011   1.00 61.95 ? 582  GLU B O   1 
ATOM   1276 C  CB  . GLU B 1 67  ? 18.828  23.811  8.144   1.00 69.60 ? 582  GLU B CB  1 
ATOM   1277 C  CG  . GLU B 1 67  ? 19.060  24.453  9.561   1.00 79.03 ? 582  GLU B CG  1 
ATOM   1278 C  CD  . GLU B 1 67  ? 19.852  25.785  9.568   1.00 79.71 ? 582  GLU B CD  1 
ATOM   1279 O  OE1 . GLU B 1 67  ? 20.372  26.220  8.505   1.00 90.92 ? 582  GLU B OE1 1 
ATOM   1280 O  OE2 . GLU B 1 67  ? 19.942  26.396  10.664  1.00 86.45 ? 582  GLU B OE2 1 
ATOM   1281 N  N   . ASP B 1 68  ? 18.057  21.287  6.250   1.00 58.64 ? 583  ASP B N   1 
ATOM   1282 C  CA  . ASP B 1 68  ? 17.838  20.750  4.895   1.00 58.23 ? 583  ASP B CA  1 
ATOM   1283 C  C   . ASP B 1 68  ? 16.448  20.118  4.723   1.00 56.58 ? 583  ASP B C   1 
ATOM   1284 O  O   . ASP B 1 68  ? 15.856  20.198  3.650   1.00 54.45 ? 583  ASP B O   1 
ATOM   1285 C  CB  . ASP B 1 68  ? 18.941  19.760  4.477   1.00 57.92 ? 583  ASP B CB  1 
ATOM   1286 C  CG  . ASP B 1 68  ? 19.217  18.699  5.529   1.00 63.38 ? 583  ASP B CG  1 
ATOM   1287 O  OD1 . ASP B 1 68  ? 18.788  18.880  6.695   1.00 71.06 ? 583  ASP B OD1 1 
ATOM   1288 O  OD2 . ASP B 1 68  ? 19.887  17.694  5.195   1.00 69.79 ? 583  ASP B OD2 1 
ATOM   1289 N  N   . GLU B 1 69  ? 15.918  19.505  5.773   1.00 53.99 ? 584  GLU B N   1 
ATOM   1290 C  CA  . GLU B 1 69  ? 14.547  19.022  5.719   1.00 53.52 ? 584  GLU B CA  1 
ATOM   1291 C  C   . GLU B 1 69  ? 13.532  20.174  5.722   1.00 50.49 ? 584  GLU B C   1 
ATOM   1292 O  O   . GLU B 1 69  ? 12.576  20.156  4.950   1.00 50.85 ? 584  GLU B O   1 
ATOM   1293 C  CB  . GLU B 1 69  ? 14.241  18.055  6.862   1.00 52.77 ? 584  GLU B CB  1 
ATOM   1294 C  CG  . GLU B 1 69  ? 12.748  17.804  7.015   1.00 51.79 ? 584  GLU B CG  1 
ATOM   1295 C  CD  . GLU B 1 69  ? 12.403  16.678  7.957   1.00 53.55 ? 584  GLU B CD  1 
ATOM   1296 O  OE1 . GLU B 1 69  ? 13.305  16.148  8.655   1.00 55.48 ? 584  GLU B OE1 1 
ATOM   1297 O  OE2 . GLU B 1 69  ? 11.198  16.343  7.994   1.00 47.35 ? 584  GLU B OE2 1 
ATOM   1298 N  N   . GLU B 1 70  ? 13.722  21.155  6.601   1.00 50.04 ? 585  GLU B N   1 
ATOM   1299 C  CA  . GLU B 1 70  ? 12.846  22.329  6.617   1.00 54.12 ? 585  GLU B CA  1 
ATOM   1300 C  C   . GLU B 1 70  ? 12.838  22.979  5.226   1.00 51.73 ? 585  GLU B C   1 
ATOM   1301 O  O   . GLU B 1 70  ? 11.814  23.508  4.784   1.00 51.55 ? 585  GLU B O   1 
ATOM   1302 C  CB  . GLU B 1 70  ? 13.275  23.339  7.682   1.00 54.29 ? 585  GLU B CB  1 
ATOM   1303 C  CG  . GLU B 1 70  ? 12.803  22.999  9.101   1.00 65.60 ? 585  GLU B CG  1 
ATOM   1304 C  CD  . GLU B 1 70  ? 13.550  23.793  10.158  1.00 67.16 ? 585  GLU B CD  1 
ATOM   1305 O  OE1 . GLU B 1 70  ? 14.802  23.921  10.070  1.00 78.13 ? 585  GLU B OE1 1 
ATOM   1306 O  OE2 . GLU B 1 70  ? 12.875  24.296  11.079  1.00 80.79 ? 585  GLU B OE2 1 
ATOM   1307 N  N   . ASP B 1 71  ? 13.984  22.899  4.540   1.00 51.37 ? 586  ASP B N   1 
ATOM   1308 C  CA  . ASP B 1 71  ? 14.157  23.388  3.154   1.00 52.01 ? 586  ASP B CA  1 
ATOM   1309 C  C   . ASP B 1 71  ? 13.231  22.710  2.164   1.00 49.73 ? 586  ASP B C   1 
ATOM   1310 O  O   . ASP B 1 71  ? 12.532  23.371  1.384   1.00 48.83 ? 586  ASP B O   1 
ATOM   1311 C  CB  . ASP B 1 71  ? 15.591  23.138  2.647   1.00 53.08 ? 586  ASP B CB  1 
ATOM   1312 C  CG  . ASP B 1 71  ? 16.518  24.318  2.844   1.00 54.22 ? 586  ASP B CG  1 
ATOM   1313 O  OD1 . ASP B 1 71  ? 16.039  25.469  2.975   1.00 60.73 ? 586  ASP B OD1 1 
ATOM   1314 O  OD2 . ASP B 1 71  ? 17.746  24.072  2.830   1.00 54.05 ? 586  ASP B OD2 1 
ATOM   1315 N  N   . MET B 1 72  ? 13.284  21.385  2.165   1.00 45.37 ? 587  MET B N   1 
ATOM   1316 C  CA  . MET B 1 72  ? 12.406  20.600  1.328   1.00 45.28 ? 587  MET B CA  1 
ATOM   1317 C  C   . MET B 1 72  ? 10.937  20.823  1.674   1.00 45.05 ? 587  MET B C   1 
ATOM   1318 O  O   . MET B 1 72  ? 10.132  21.073  0.780   1.00 48.58 ? 587  MET B O   1 
ATOM   1319 C  CB  . MET B 1 72  ? 12.770  19.119  1.442   1.00 47.74 ? 587  MET B CB  1 
ATOM   1320 C  CG  . MET B 1 72  ? 14.045  18.732  0.706   1.00 48.79 ? 587  MET B CG  1 
ATOM   1321 S  SD  . MET B 1 72  ? 14.064  19.427  -0.963  1.00 48.63 ? 587  MET B SD  1 
ATOM   1322 C  CE  . MET B 1 72  ? 12.288  19.375  -1.447  1.00 51.81 ? 587  MET B CE  1 
ATOM   1323 N  N   . LEU B 1 73  ? 10.605  20.763  2.966   1.00 43.20 ? 588  LEU B N   1 
ATOM   1324 C  CA  . LEU B 1 73  ? 9.235   20.965  3.445   1.00 44.16 ? 588  LEU B CA  1 
ATOM   1325 C  C   . LEU B 1 73  ? 8.666   22.297  2.970   1.00 44.98 ? 588  LEU B C   1 
ATOM   1326 O  O   . LEU B 1 73  ? 7.486   22.412  2.656   1.00 50.24 ? 588  LEU B O   1 
ATOM   1327 C  CB  . LEU B 1 73  ? 9.189   20.889  4.980   1.00 44.17 ? 588  LEU B CB  1 
ATOM   1328 C  CG  . LEU B 1 73  ? 8.794   19.575  5.678   1.00 40.49 ? 588  LEU B CG  1 
ATOM   1329 C  CD1 . LEU B 1 73  ? 9.011   18.366  4.790   1.00 31.94 ? 588  LEU B CD1 1 
ATOM   1330 C  CD2 . LEU B 1 73  ? 9.535   19.436  7.041   1.00 40.00 ? 588  LEU B CD2 1 
ATOM   1331 N  N   . ASP B 1 74  ? 9.532   23.293  2.913   1.00 45.37 ? 589  ASP B N   1 
ATOM   1332 C  CA  . ASP B 1 74  ? 9.187   24.633  2.469   1.00 43.97 ? 589  ASP B CA  1 
ATOM   1333 C  C   . ASP B 1 74  ? 8.787   24.693  1.000   1.00 41.83 ? 589  ASP B C   1 
ATOM   1334 O  O   . ASP B 1 74  ? 8.105   25.613  0.580   1.00 41.06 ? 589  ASP B O   1 
ATOM   1335 C  CB  . ASP B 1 74  ? 10.417  25.516  2.640   1.00 47.68 ? 589  ASP B CB  1 
ATOM   1336 C  CG  . ASP B 1 74  ? 10.136  26.742  3.402   1.00 55.52 ? 589  ASP B CG  1 
ATOM   1337 O  OD1 . ASP B 1 74  ? 9.534   26.651  4.501   1.00 60.71 ? 589  ASP B OD1 1 
ATOM   1338 O  OD2 . ASP B 1 74  ? 10.544  27.801  2.889   1.00 79.90 ? 589  ASP B OD2 1 
ATOM   1339 N  N   . LEU B 1 75  ? 9.279   23.758  0.201   1.00 41.16 ? 590  LEU B N   1 
ATOM   1340 C  CA  . LEU B 1 75  ? 8.832   23.638  -1.179  1.00 40.53 ? 590  LEU B CA  1 
ATOM   1341 C  C   . LEU B 1 75  ? 7.818   22.498  -1.374  1.00 41.13 ? 590  LEU B C   1 
ATOM   1342 O  O   . LEU B 1 75  ? 7.533   22.147  -2.509  1.00 40.69 ? 590  LEU B O   1 
ATOM   1343 C  CB  . LEU B 1 75  ? 10.031  23.416  -2.099  1.00 40.67 ? 590  LEU B CB  1 
ATOM   1344 C  CG  . LEU B 1 75  ? 11.036  24.560  -2.164  1.00 41.48 ? 590  LEU B CG  1 
ATOM   1345 C  CD1 . LEU B 1 75  ? 12.246  24.178  -3.044  1.00 30.91 ? 590  LEU B CD1 1 
ATOM   1346 C  CD2 . LEU B 1 75  ? 10.352  25.810  -2.668  1.00 35.17 ? 590  LEU B CD2 1 
ATOM   1347 N  N   . ALA B 1 76  ? 7.276   21.926  -0.288  1.00 40.32 ? 591  ALA B N   1 
ATOM   1348 C  CA  . ALA B 1 76  ? 6.317   20.819  -0.401  1.00 36.52 ? 591  ALA B CA  1 
ATOM   1349 C  C   . ALA B 1 76  ? 4.905   21.339  -0.577  1.00 37.81 ? 591  ALA B C   1 
ATOM   1350 O  O   . ALA B 1 76  ? 4.443   22.220  0.152   1.00 41.42 ? 591  ALA B O   1 
ATOM   1351 C  CB  . ALA B 1 76  ? 6.364   19.907  0.805   1.00 30.25 ? 591  ALA B CB  1 
ATOM   1352 N  N   . PHE B 1 77  ? 4.212   20.770  -1.548  1.00 37.86 ? 592  PHE B N   1 
ATOM   1353 C  CA  . PHE B 1 77  ? 2.784   20.930  -1.635  1.00 38.56 ? 592  PHE B CA  1 
ATOM   1354 C  C   . PHE B 1 77  ? 2.136   20.188  -0.457  1.00 39.18 ? 592  PHE B C   1 
ATOM   1355 O  O   . PHE B 1 77  ? 2.657   19.186  0.032   1.00 40.58 ? 592  PHE B O   1 
ATOM   1356 C  CB  . PHE B 1 77  ? 2.285   20.395  -2.977  1.00 36.94 ? 592  PHE B CB  1 
ATOM   1357 C  CG  . PHE B 1 77  ? 2.739   21.210  -4.178  1.00 34.71 ? 592  PHE B CG  1 
ATOM   1358 C  CD1 . PHE B 1 77  ? 3.916   20.907  -4.840  1.00 36.83 ? 592  PHE B CD1 1 
ATOM   1359 C  CD2 . PHE B 1 77  ? 1.967   22.254  -4.661  1.00 36.62 ? 592  PHE B CD2 1 
ATOM   1360 C  CE1 . PHE B 1 77  ? 4.324   21.636  -5.954  1.00 35.96 ? 592  PHE B CE1 1 
ATOM   1361 C  CE2 . PHE B 1 77  ? 2.370   22.985  -5.772  1.00 43.44 ? 592  PHE B CE2 1 
ATOM   1362 C  CZ  . PHE B 1 77  ? 3.558   22.675  -6.414  1.00 38.41 ? 592  PHE B CZ  1 
ATOM   1363 N  N   . GLY B 1 78  ? 1.014   20.712  0.012   1.00 41.30 ? 593  GLY B N   1 
ATOM   1364 C  CA  . GLY B 1 78  ? 0.270   20.140  1.129   1.00 42.20 ? 593  GLY B CA  1 
ATOM   1365 C  C   . GLY B 1 78  ? 0.950   20.224  2.482   1.00 42.58 ? 593  GLY B C   1 
ATOM   1366 O  O   . GLY B 1 78  ? 0.637   19.448  3.394   1.00 45.68 ? 593  GLY B O   1 
ATOM   1367 N  N   . LEU B 1 79  ? 1.874   21.167  2.629   1.00 43.51 ? 594  LEU B N   1 
ATOM   1368 C  CA  . LEU B 1 79  ? 2.615   21.301  3.876   1.00 42.11 ? 594  LEU B CA  1 
ATOM   1369 C  C   . LEU B 1 79  ? 1.661   21.662  5.010   1.00 44.70 ? 594  LEU B C   1 
ATOM   1370 O  O   . LEU B 1 79  ? 0.715   22.415  4.812   1.00 46.21 ? 594  LEU B O   1 
ATOM   1371 C  CB  . LEU B 1 79  ? 3.660   22.385  3.732   1.00 42.52 ? 594  LEU B CB  1 
ATOM   1372 C  CG  . LEU B 1 79  ? 4.617   22.562  4.894   1.00 43.50 ? 594  LEU B CG  1 
ATOM   1373 C  CD1 . LEU B 1 79  ? 5.514   21.357  4.961   1.00 39.52 ? 594  LEU B CD1 1 
ATOM   1374 C  CD2 . LEU B 1 79  ? 5.403   23.819  4.666   1.00 38.04 ? 594  LEU B CD2 1 
ATOM   1375 N  N   . GLU B 1 80  ? 1.885   21.091  6.185   1.00 45.51 ? 595  GLU B N   1 
ATOM   1376 C  CA  . GLU B 1 80  ? 1.086   21.407  7.359   1.00 45.44 ? 595  GLU B CA  1 
ATOM   1377 C  C   . GLU B 1 80  ? 2.029   21.599  8.518   1.00 47.09 ? 595  GLU B C   1 
ATOM   1378 O  O   . GLU B 1 80  ? 3.231   21.405  8.362   1.00 50.05 ? 595  GLU B O   1 
ATOM   1379 C  CB  . GLU B 1 80  ? 0.095   20.288  7.650   1.00 46.78 ? 595  GLU B CB  1 
ATOM   1380 C  CG  . GLU B 1 80  ? -0.950  20.133  6.561   1.00 48.75 ? 595  GLU B CG  1 
ATOM   1381 C  CD  . GLU B 1 80  ? -2.088  19.239  6.954   1.00 47.98 ? 595  GLU B CD  1 
ATOM   1382 O  OE1 . GLU B 1 80  ? -2.172  18.837  8.135   1.00 57.57 ? 595  GLU B OE1 1 
ATOM   1383 O  OE2 . GLU B 1 80  ? -2.910  18.945  6.069   1.00 53.92 ? 595  GLU B OE2 1 
ATOM   1384 N  N   . GLU B 1 81  ? 1.500   21.972  9.681   1.00 47.99 ? 596  GLU B N   1 
ATOM   1385 C  CA  . GLU B 1 81  ? 2.342   22.191  10.859  1.00 51.74 ? 596  GLU B CA  1 
ATOM   1386 C  C   . GLU B 1 81  ? 3.167   20.962  11.247  1.00 50.34 ? 596  GLU B C   1 
ATOM   1387 O  O   . GLU B 1 81  ? 4.288   21.076  11.750  1.00 53.64 ? 596  GLU B O   1 
ATOM   1388 C  CB  . GLU B 1 81  ? 1.490   22.577  12.059  1.00 54.61 ? 596  GLU B CB  1 
ATOM   1389 C  CG  . GLU B 1 81  ? 0.547   23.753  11.844  1.00 65.97 ? 596  GLU B CG  1 
ATOM   1390 C  CD  . GLU B 1 81  ? 0.333   24.524  13.131  1.00 68.86 ? 596  GLU B CD  1 
ATOM   1391 O  OE1 . GLU B 1 81  ? 1.216   25.352  13.469  1.00 89.73 ? 596  GLU B OE1 1 
ATOM   1392 O  OE2 . GLU B 1 81  ? -0.699  24.287  13.811  1.00 89.62 ? 596  GLU B OE2 1 
ATOM   1393 N  N   . THR B 1 82  ? 2.594   19.786  11.012  1.00 48.65 ? 597  THR B N   1 
ATOM   1394 C  CA  . THR B 1 82  ? 3.194   18.521  11.423  1.00 45.33 ? 597  THR B CA  1 
ATOM   1395 C  C   . THR B 1 82  ? 3.679   17.691  10.240  1.00 44.74 ? 597  THR B C   1 
ATOM   1396 O  O   . THR B 1 82  ? 3.788   16.457  10.336  1.00 45.29 ? 597  THR B O   1 
ATOM   1397 C  CB  . THR B 1 82  ? 2.173   17.705  12.207  1.00 43.99 ? 597  THR B CB  1 
ATOM   1398 O  OG1 . THR B 1 82  ? 0.948   17.610  11.452  1.00 33.70 ? 597  THR B OG1 1 
ATOM   1399 C  CG2 . THR B 1 82  ? 1.924   18.391  13.553  1.00 40.22 ? 597  THR B CG2 1 
ATOM   1400 N  N   . SER B 1 83  ? 3.972   18.371  9.130   1.00 42.34 ? 598  SER B N   1 
ATOM   1401 C  CA  . SER B 1 83  ? 4.577   17.732  7.979   1.00 40.42 ? 598  SER B CA  1 
ATOM   1402 C  C   . SER B 1 83  ? 5.994   17.318  8.315   1.00 40.83 ? 598  SER B C   1 
ATOM   1403 O  O   . SER B 1 83  ? 6.677   17.989  9.080   1.00 44.31 ? 598  SER B O   1 
ATOM   1404 C  CB  . SER B 1 83  ? 4.585   18.678  6.787   1.00 38.43 ? 598  SER B CB  1 
ATOM   1405 O  OG  . SER B 1 83  ? 3.267   18.867  6.305   1.00 41.65 ? 598  SER B OG  1 
ATOM   1406 N  N   . ARG B 1 84  ? 6.416   16.189  7.758   1.00 42.19 ? 599  ARG B N   1 
ATOM   1407 C  CA  . ARG B 1 84  ? 7.789   15.709  7.873   1.00 40.53 ? 599  ARG B CA  1 
ATOM   1408 C  C   . ARG B 1 84  ? 8.156   14.922  6.627   1.00 41.04 ? 599  ARG B C   1 
ATOM   1409 O  O   . ARG B 1 84  ? 7.282   14.405  5.931   1.00 40.99 ? 599  ARG B O   1 
ATOM   1410 C  CB  . ARG B 1 84  ? 7.960   14.780  9.085   1.00 42.48 ? 599  ARG B CB  1 
ATOM   1411 C  CG  . ARG B 1 84  ? 7.882   15.453  10.464  1.00 46.12 ? 599  ARG B CG  1 
ATOM   1412 C  CD  . ARG B 1 84  ? 8.905   16.558  10.603  1.00 50.18 ? 599  ARG B CD  1 
ATOM   1413 N  NE  . ARG B 1 84  ? 10.252  16.021  10.584  1.00 47.18 ? 599  ARG B NE  1 
ATOM   1414 C  CZ  . ARG B 1 84  ? 10.934  15.676  11.665  1.00 56.55 ? 599  ARG B CZ  1 
ATOM   1415 N  NH1 . ARG B 1 84  ? 10.406  15.813  12.890  1.00 61.97 ? 599  ARG B NH1 1 
ATOM   1416 N  NH2 . ARG B 1 84  ? 12.160  15.192  11.513  1.00 50.90 ? 599  ARG B NH2 1 
ATOM   1417 N  N   . LEU B 1 85  ? 9.455   14.851  6.348   1.00 40.47 ? 600  LEU B N   1 
ATOM   1418 C  CA  . LEU B 1 85  ? 9.963   13.970  5.330   1.00 40.07 ? 600  LEU B CA  1 
ATOM   1419 C  C   . LEU B 1 85  ? 10.030  12.590  5.967   1.00 40.15 ? 600  LEU B C   1 
ATOM   1420 O  O   . LEU B 1 85  ? 10.764  12.370  6.921   1.00 41.68 ? 600  LEU B O   1 
ATOM   1421 C  CB  . LEU B 1 85  ? 11.342  14.425  4.847   1.00 39.69 ? 600  LEU B CB  1 
ATOM   1422 C  CG  . LEU B 1 85  ? 11.382  15.783  4.145   1.00 39.65 ? 600  LEU B CG  1 
ATOM   1423 C  CD1 . LEU B 1 85  ? 12.839  16.164  3.867   1.00 34.85 ? 600  LEU B CD1 1 
ATOM   1424 C  CD2 . LEU B 1 85  ? 10.543  15.773  2.881   1.00 31.97 ? 600  LEU B CD2 1 
ATOM   1425 N  N   . GLY B 1 86  ? 9.251   11.670  5.427   1.00 40.56 ? 601  GLY B N   1 
ATOM   1426 C  CA  . GLY B 1 86  ? 9.142   10.331  5.955   1.00 42.54 ? 601  GLY B CA  1 
ATOM   1427 C  C   . GLY B 1 86  ? 10.448  9.581   6.051   1.00 42.87 ? 601  GLY B C   1 
ATOM   1428 O  O   . GLY B 1 86  ? 10.634  8.746   6.938   1.00 48.88 ? 601  GLY B O   1 
ATOM   1429 N  N   . CYS B 1 87  ? 11.374  9.866   5.151   1.00 41.50 ? 602  CYS B N   1 
ATOM   1430 C  CA  . CYS B 1 87  ? 12.644  9.159   5.181   1.00 42.48 ? 602  CYS B CA  1 
ATOM   1431 C  C   . CYS B 1 87  ? 13.510  9.633   6.348   1.00 39.82 ? 602  CYS B C   1 
ATOM   1432 O  O   . CYS B 1 87  ? 14.484  8.977   6.688   1.00 40.85 ? 602  CYS B O   1 
ATOM   1433 C  CB  . CYS B 1 87  ? 13.386  9.382   3.869   1.00 42.29 ? 602  CYS B CB  1 
ATOM   1434 S  SG  . CYS B 1 87  ? 13.912  11.085  3.688   1.00 47.02 ? 602  CYS B SG  1 
ATOM   1435 N  N   . GLN B 1 88  ? 13.161  10.780  6.931   1.00 40.77 ? 603  GLN B N   1 
ATOM   1436 C  CA  . GLN B 1 88  ? 13.902  11.364  8.050   1.00 43.27 ? 603  GLN B CA  1 
ATOM   1437 C  C   . GLN B 1 88  ? 13.290  11.103  9.429   1.00 44.76 ? 603  GLN B C   1 
ATOM   1438 O  O   . GLN B 1 88  ? 13.912  11.413  10.436  1.00 47.49 ? 603  GLN B O   1 
ATOM   1439 C  CB  . GLN B 1 88  ? 14.034  12.885  7.863   1.00 43.42 ? 603  GLN B CB  1 
ATOM   1440 C  CG  . GLN B 1 88  ? 14.832  13.287  6.657   1.00 47.36 ? 603  GLN B CG  1 
ATOM   1441 C  CD  . GLN B 1 88  ? 16.243  12.737  6.698   1.00 49.44 ? 603  GLN B CD  1 
ATOM   1442 O  OE1 . GLN B 1 88  ? 17.026  13.089  7.577   1.00 58.27 ? 603  GLN B OE1 1 
ATOM   1443 N  NE2 . GLN B 1 88  ? 16.577  11.871  5.743   1.00 43.46 ? 603  GLN B NE2 1 
ATOM   1444 N  N   . VAL B 1 89  ? 12.074  10.567  9.483   1.00 46.40 ? 604  VAL B N   1 
ATOM   1445 C  CA  . VAL B 1 89  ? 11.481  10.204  10.769  1.00 43.52 ? 604  VAL B CA  1 
ATOM   1446 C  C   . VAL B 1 89  ? 11.684  8.715   10.972  1.00 42.70 ? 604  VAL B C   1 
ATOM   1447 O  O   . VAL B 1 89  ? 11.128  7.892   10.248  1.00 44.25 ? 604  VAL B O   1 
ATOM   1448 C  CB  . VAL B 1 89  ? 10.004  10.676  10.945  1.00 42.32 ? 604  VAL B CB  1 
ATOM   1449 C  CG1 . VAL B 1 89  ? 9.415   11.198  9.663   1.00 42.51 ? 604  VAL B CG1 1 
ATOM   1450 C  CG2 . VAL B 1 89  ? 9.142   9.585   11.550  1.00 38.75 ? 604  VAL B CG2 1 
ATOM   1451 N  N   . LEU B 1 90  ? 12.548  8.398   11.933  1.00 44.64 ? 605  LEU B N   1 
ATOM   1452 C  CA  . LEU B 1 90  ? 12.972  7.028   12.235  1.00 47.57 ? 605  LEU B CA  1 
ATOM   1453 C  C   . LEU B 1 90  ? 12.290  6.492   13.498  1.00 47.80 ? 605  LEU B C   1 
ATOM   1454 O  O   . LEU B 1 90  ? 12.130  7.210   14.485  1.00 47.08 ? 605  LEU B O   1 
ATOM   1455 C  CB  . LEU B 1 90  ? 14.493  6.976   12.432  1.00 46.98 ? 605  LEU B CB  1 
ATOM   1456 C  CG  . LEU B 1 90  ? 15.347  7.488   11.267  1.00 51.13 ? 605  LEU B CG  1 
ATOM   1457 C  CD1 . LEU B 1 90  ? 16.796  7.492   11.656  1.00 49.93 ? 605  LEU B CD1 1 
ATOM   1458 C  CD2 . LEU B 1 90  ? 15.146  6.640   10.004  1.00 51.97 ? 605  LEU B CD2 1 
ATOM   1459 N  N   . LEU B 1 91  ? 11.893  5.227   13.463  1.00 51.19 ? 606  LEU B N   1 
ATOM   1460 C  CA  . LEU B 1 91  ? 11.157  4.642   14.571  1.00 53.52 ? 606  LEU B CA  1 
ATOM   1461 C  C   . LEU B 1 91  ? 12.034  4.431   15.807  1.00 55.59 ? 606  LEU B C   1 
ATOM   1462 O  O   . LEU B 1 91  ? 13.202  3.998   15.723  1.00 52.43 ? 606  LEU B O   1 
ATOM   1463 C  CB  . LEU B 1 91  ? 10.492  3.326   14.167  1.00 53.52 ? 606  LEU B CB  1 
ATOM   1464 C  CG  . LEU B 1 91  ? 9.312   3.466   13.210  1.00 52.69 ? 606  LEU B CG  1 
ATOM   1465 C  CD1 . LEU B 1 91  ? 8.603   2.120   13.090  1.00 43.71 ? 606  LEU B CD1 1 
ATOM   1466 C  CD2 . LEU B 1 91  ? 8.351   4.579   13.667  1.00 43.86 ? 606  LEU B CD2 1 
ATOM   1467 N  N   . ARG B 1 92  ? 11.434  4.803   16.938  1.00 59.03 ? 607  ARG B N   1 
ATOM   1468 C  CA  . ARG B 1 92  ? 11.945  4.573   18.283  1.00 60.73 ? 607  ARG B CA  1 
ATOM   1469 C  C   . ARG B 1 92  ? 10.768  4.002   19.080  1.00 61.60 ? 607  ARG B C   1 
ATOM   1470 O  O   . ARG B 1 92  ? 9.600   4.140   18.671  1.00 63.41 ? 607  ARG B O   1 
ATOM   1471 C  CB  . ARG B 1 92  ? 12.411  5.895   18.904  1.00 61.63 ? 607  ARG B CB  1 
ATOM   1472 C  CG  . ARG B 1 92  ? 13.917  6.134   18.807  1.00 66.33 ? 607  ARG B CG  1 
ATOM   1473 C  CD  . ARG B 1 92  ? 14.334  7.624   18.669  1.00 68.27 ? 607  ARG B CD  1 
ATOM   1474 N  NE  . ARG B 1 92  ? 13.248  8.623   18.725  1.00 75.57 ? 607  ARG B NE  1 
ATOM   1475 C  CZ  . ARG B 1 92  ? 12.799  9.251   19.819  1.00 73.82 ? 607  ARG B CZ  1 
ATOM   1476 N  NH1 . ARG B 1 92  ? 13.303  8.990   21.024  1.00 86.19 ? 607  ARG B NH1 1 
ATOM   1477 N  NH2 . ARG B 1 92  ? 11.823  10.149  19.706  1.00 63.64 ? 607  ARG B NH2 1 
ATOM   1478 N  N   . LYS B 1 93  ? 11.059  3.361   20.209  1.00 61.82 ? 608  LYS B N   1 
ATOM   1479 C  CA  . LYS B 1 93  ? 10.002  2.714   20.988  1.00 61.04 ? 608  LYS B CA  1 
ATOM   1480 C  C   . LYS B 1 93  ? 8.945   3.702   21.512  1.00 59.08 ? 608  LYS B C   1 
ATOM   1481 O  O   . LYS B 1 93  ? 7.767   3.350   21.601  1.00 59.22 ? 608  LYS B O   1 
ATOM   1482 C  CB  . LYS B 1 93  ? 10.591  1.836   22.108  1.00 62.13 ? 608  LYS B CB  1 
ATOM   1483 C  CG  . LYS B 1 93  ? 11.150  0.487   21.588  1.00 66.49 ? 608  LYS B CG  1 
ATOM   1484 C  CD  . LYS B 1 93  ? 11.276  -0.564  22.688  1.00 66.51 ? 608  LYS B CD  1 
ATOM   1485 C  CE  . LYS B 1 93  ? 12.094  -1.779  22.211  1.00 72.02 ? 608  LYS B CE  1 
ATOM   1486 N  NZ  . LYS B 1 93  ? 12.035  -2.932  23.178  1.00 71.59 ? 608  LYS B NZ  1 
ATOM   1487 N  N   . ASP B 1 94  ? 9.343   4.939   21.801  1.00 65.03 ? 609  ASP B N   1 
ATOM   1488 C  CA  . ASP B 1 94  ? 8.401   5.966   22.296  1.00 68.40 ? 609  ASP B CA  1 
ATOM   1489 C  C   . ASP B 1 94  ? 7.484   6.590   21.220  1.00 70.62 ? 609  ASP B C   1 
ATOM   1490 O  O   . ASP B 1 94  ? 6.629   7.426   21.535  1.00 73.55 ? 609  ASP B O   1 
ATOM   1491 C  CB  . ASP B 1 94  ? 9.154   7.071   23.070  1.00 72.76 ? 609  ASP B CB  1 
ATOM   1492 C  CG  . ASP B 1 94  ? 10.278  7.723   22.254  1.00 82.81 ? 609  ASP B CG  1 
ATOM   1493 O  OD1 . ASP B 1 94  ? 11.100  6.983   21.668  1.00 94.56 ? 609  ASP B OD1 1 
ATOM   1494 O  OD2 . ASP B 1 94  ? 10.348  8.975   22.215  1.00 89.94 ? 609  ASP B OD2 1 
ATOM   1495 N  N   . LEU B 1 95  ? 7.658   6.193   19.960  1.00 71.64 ? 610  LEU B N   1 
ATOM   1496 C  CA  . LEU B 1 95  ? 6.800   6.680   18.874  1.00 69.19 ? 610  LEU B CA  1 
ATOM   1497 C  C   . LEU B 1 95  ? 5.713   5.672   18.491  1.00 68.84 ? 610  LEU B C   1 
ATOM   1498 O  O   . LEU B 1 95  ? 4.883   5.965   17.636  1.00 67.72 ? 610  LEU B O   1 
ATOM   1499 C  CB  . LEU B 1 95  ? 7.644   7.032   17.640  1.00 71.13 ? 610  LEU B CB  1 
ATOM   1500 C  CG  . LEU B 1 95  ? 8.582   8.238   17.742  1.00 67.46 ? 610  LEU B CG  1 
ATOM   1501 C  CD1 . LEU B 1 95  ? 9.299   8.444   16.414  1.00 64.30 ? 610  LEU B CD1 1 
ATOM   1502 C  CD2 . LEU B 1 95  ? 7.825   9.497   18.151  1.00 70.62 ? 610  LEU B CD2 1 
ATOM   1503 N  N   . ASP B 1 96  ? 5.722   4.491   19.111  1.00 66.95 ? 611  ASP B N   1 
ATOM   1504 C  CA  . ASP B 1 96  ? 4.643   3.514   18.949  1.00 63.89 ? 611  ASP B CA  1 
ATOM   1505 C  C   . ASP B 1 96  ? 3.280   4.222   18.988  1.00 59.22 ? 611  ASP B C   1 
ATOM   1506 O  O   . ASP B 1 96  ? 3.066   5.132   19.787  1.00 54.91 ? 611  ASP B O   1 
ATOM   1507 C  CB  . ASP B 1 96  ? 4.731   2.440   20.049  1.00 65.78 ? 611  ASP B CB  1 
ATOM   1508 C  CG  . ASP B 1 96  ? 3.755   1.274   19.829  1.00 68.38 ? 611  ASP B CG  1 
ATOM   1509 O  OD1 . ASP B 1 96  ? 2.527   1.492   19.770  1.00 72.68 ? 611  ASP B OD1 1 
ATOM   1510 O  OD2 . ASP B 1 96  ? 4.223   0.119   19.725  1.00 79.79 ? 611  ASP B OD2 1 
ATOM   1511 N  N   . GLY B 1 97  ? 2.370   3.808   18.111  1.00 57.78 ? 612  GLY B N   1 
ATOM   1512 C  CA  . GLY B 1 97  ? 1.078   4.479   17.967  1.00 57.67 ? 612  GLY B CA  1 
ATOM   1513 C  C   . GLY B 1 97  ? 1.140   5.740   17.114  1.00 57.50 ? 612  GLY B C   1 
ATOM   1514 O  O   . GLY B 1 97  ? 0.153   6.465   17.003  1.00 56.47 ? 612  GLY B O   1 
ATOM   1515 N  N   . ILE B 1 98  ? 2.293   6.009   16.497  1.00 58.31 ? 613  ILE B N   1 
ATOM   1516 C  CA  . ILE B 1 98  ? 2.425   7.151   15.588  1.00 53.26 ? 613  ILE B CA  1 
ATOM   1517 C  C   . ILE B 1 98  ? 1.488   6.988   14.415  1.00 53.26 ? 613  ILE B C   1 
ATOM   1518 O  O   . ILE B 1 98  ? 1.310   5.881   13.894  1.00 54.84 ? 613  ILE B O   1 
ATOM   1519 C  CB  . ILE B 1 98  ? 3.839   7.310   15.032  1.00 52.45 ? 613  ILE B CB  1 
ATOM   1520 C  CG1 . ILE B 1 98  ? 3.952   8.647   14.295  1.00 48.45 ? 613  ILE B CG1 1 
ATOM   1521 C  CG2 . ILE B 1 98  ? 4.208   6.106   14.137  1.00 45.49 ? 613  ILE B CG2 1 
ATOM   1522 C  CD1 . ILE B 1 98  ? 5.350   9.194   14.274  1.00 45.61 ? 613  ILE B CD1 1 
ATOM   1523 N  N   . ARG B 1 99  ? 0.900   8.102   14.009  1.00 50.31 ? 614  ARG B N   1 
ATOM   1524 C  CA  . ARG B 1 99  ? -0.096  8.106   12.976  1.00 51.86 ? 614  ARG B CA  1 
ATOM   1525 C  C   . ARG B 1 99  ? 0.366   9.063   11.859  1.00 49.24 ? 614  ARG B C   1 
ATOM   1526 O  O   . ARG B 1 99  ? 0.493   10.272  12.084  1.00 47.42 ? 614  ARG B O   1 
ATOM   1527 C  CB  . ARG B 1 99  ? -1.445  8.516   13.579  1.00 51.75 ? 614  ARG B CB  1 
ATOM   1528 C  CG  . ARG B 1 99  ? -2.618  7.637   13.143  1.00 65.71 ? 614  ARG B CG  1 
ATOM   1529 C  CD  . ARG B 1 99  ? -3.528  7.229   14.316  1.00 66.28 ? 614  ARG B CD  1 
ATOM   1530 N  NE  . ARG B 1 99  ? -2.804  6.466   15.351  1.00 78.99 ? 614  ARG B NE  1 
ATOM   1531 C  CZ  . ARG B 1 99  ? -3.167  5.282   15.855  1.00 74.50 ? 614  ARG B CZ  1 
ATOM   1532 N  NH1 . ARG B 1 99  ? -4.266  4.653   15.457  1.00 78.47 ? 614  ARG B NH1 1 
ATOM   1533 N  NH2 . ARG B 1 99  ? -2.416  4.715   16.785  1.00 74.16 ? 614  ARG B NH2 1 
ATOM   1534 N  N   . VAL B 1 100 ? 0.637   8.506   10.670  1.00 43.39 ? 615  VAL B N   1 
ATOM   1535 C  CA  . VAL B 1 100 ? 1.135   9.287   9.529   1.00 44.09 ? 615  VAL B CA  1 
ATOM   1536 C  C   . VAL B 1 100 ? 0.074   9.324   8.457   1.00 40.98 ? 615  VAL B C   1 
ATOM   1537 O  O   . VAL B 1 100 ? -0.520  8.311   8.140   1.00 41.35 ? 615  VAL B O   1 
ATOM   1538 C  CB  . VAL B 1 100 ? 2.470   8.734   8.920   1.00 41.31 ? 615  VAL B CB  1 
ATOM   1539 C  CG1 . VAL B 1 100 ? 3.671   9.349   9.619   1.00 47.94 ? 615  VAL B CG1 1 
ATOM   1540 C  CG2 . VAL B 1 100 ? 2.533   7.240   9.003   1.00 44.48 ? 615  VAL B CG2 1 
ATOM   1541 N  N   . ARG B 1 101 ? -0.169  10.499  7.909   1.00 42.34 ? 616  ARG B N   1 
ATOM   1542 C  CA  . ARG B 1 101 ? -1.027  10.619  6.760   1.00 45.24 ? 616  ARG B CA  1 
ATOM   1543 C  C   . ARG B 1 101 ? -0.194  11.051  5.550   1.00 42.80 ? 616  ARG B C   1 
ATOM   1544 O  O   . ARG B 1 101 ? 0.764   11.807  5.679   1.00 43.58 ? 616  ARG B O   1 
ATOM   1545 C  CB  . ARG B 1 101 ? -2.125  11.625  7.043   1.00 45.49 ? 616  ARG B CB  1 
ATOM   1546 C  CG  . ARG B 1 101 ? -3.063  11.857  5.856   1.00 52.39 ? 616  ARG B CG  1 
ATOM   1547 C  CD  . ARG B 1 101 ? -4.316  12.646  6.277   1.00 60.30 ? 616  ARG B CD  1 
ATOM   1548 N  NE  . ARG B 1 101 ? -4.018  13.660  7.307   1.00 69.09 ? 616  ARG B NE  1 
ATOM   1549 C  CZ  . ARG B 1 101 ? -3.826  14.968  7.088   1.00 75.62 ? 616  ARG B CZ  1 
ATOM   1550 N  NH1 . ARG B 1 101 ? -3.900  15.491  5.858   1.00 72.89 ? 616  ARG B NH1 1 
ATOM   1551 N  NH2 . ARG B 1 101 ? -3.564  15.774  8.116   1.00 76.98 ? 616  ARG B NH2 1 
ATOM   1552 N  N   . ILE B 1 102 ? -0.550  10.534  4.385   1.00 42.44 ? 617  ILE B N   1 
ATOM   1553 C  CA  . ILE B 1 102 ? 0.169   10.836  3.172   1.00 46.17 ? 617  ILE B CA  1 
ATOM   1554 C  C   . ILE B 1 102 ? -0.664  11.803  2.378   1.00 47.39 ? 617  ILE B C   1 
ATOM   1555 O  O   . ILE B 1 102 ? -1.724  11.440  1.887   1.00 51.12 ? 617  ILE B O   1 
ATOM   1556 C  CB  . ILE B 1 102 ? 0.416   9.584   2.338   1.00 45.85 ? 617  ILE B CB  1 
ATOM   1557 C  CG1 . ILE B 1 102 ? 1.260   8.600   3.159   1.00 42.00 ? 617  ILE B CG1 1 
ATOM   1558 C  CG2 . ILE B 1 102 ? 1.050   9.980   0.978   1.00 41.29 ? 617  ILE B CG2 1 
ATOM   1559 C  CD1 . ILE B 1 102 ? 1.581   7.323   2.441   1.00 46.51 ? 617  ILE B CD1 1 
ATOM   1560 N  N   . PRO B 1 103 ? -0.190  13.040  2.228   1.00 48.83 ? 618  PRO B N   1 
ATOM   1561 C  CA  . PRO B 1 103 ? -1.037  14.032  1.591   1.00 51.10 ? 618  PRO B CA  1 
ATOM   1562 C  C   . PRO B 1 103 ? -1.228  13.706  0.122   1.00 55.98 ? 618  PRO B C   1 
ATOM   1563 O  O   . PRO B 1 103 ? -0.241  13.494  -0.611  1.00 58.57 ? 618  PRO B O   1 
ATOM   1564 C  CB  . PRO B 1 103 ? -0.252  15.327  1.749   1.00 49.83 ? 618  PRO B CB  1 
ATOM   1565 C  CG  . PRO B 1 103 ? 1.128   14.915  1.891   1.00 51.86 ? 618  PRO B CG  1 
ATOM   1566 C  CD  . PRO B 1 103 ? 1.125   13.584  2.574   1.00 49.59 ? 618  PRO B CD  1 
ATOM   1567 O  OXT . PRO B 1 103 ? -2.380  13.633  -0.338  1.00 57.50 ? 618  PRO B OXT 1 
HETATM 1568 FE FE1 . FES C 2 .   ? -6.136  -7.626  1.070   1.00 52.67 ? 619  FES A FE1 1 
HETATM 1569 FE FE2 . FES C 2 .   ? -4.753  -6.525  3.302   1.00 53.10 ? 619  FES A FE2 1 
HETATM 1570 S  S1  . FES C 2 .   ? -4.702  -8.523  2.419   1.00 50.78 ? 619  FES A S1  1 
HETATM 1571 S  S2  . FES C 2 .   ? -6.358  -5.700  2.092   1.00 48.37 ? 619  FES A S2  1 
HETATM 1572 FE FE1 . FES D 2 .   ? 12.700  11.683  1.888   1.00 43.98 ? 619  FES B FE1 1 
HETATM 1573 FE FE2 . FES D 2 .   ? 13.544  12.350  -1.025  1.00 47.29 ? 619  FES B FE2 1 
HETATM 1574 S  S1  . FES D 2 .   ? 12.908  10.506  0.069   1.00 47.93 ? 619  FES B S1  1 
HETATM 1575 S  S2  . FES D 2 .   ? 13.502  13.485  0.865   1.00 50.26 ? 619  FES B S2  1 
HETATM 1576 O  O   . HOH E 3 .   ? 0.587   0.730   -11.586 1.00 39.38 ? 2001 HOH A O   1 
HETATM 1577 O  O   . HOH E 3 .   ? 0.679   -0.126  -17.132 1.00 53.44 ? 2002 HOH A O   1 
# 
loop_
_pdbx_poly_seq_scheme.asym_id 
_pdbx_poly_seq_scheme.entity_id 
_pdbx_poly_seq_scheme.seq_id 
_pdbx_poly_seq_scheme.mon_id 
_pdbx_poly_seq_scheme.ndb_seq_num 
_pdbx_poly_seq_scheme.pdb_seq_num 
_pdbx_poly_seq_scheme.auth_seq_num 
_pdbx_poly_seq_scheme.pdb_mon_id 
_pdbx_poly_seq_scheme.auth_mon_id 
_pdbx_poly_seq_scheme.pdb_strand_id 
_pdbx_poly_seq_scheme.pdb_ins_code 
_pdbx_poly_seq_scheme.hetero 
A 1 1   GLY 1   516 516 GLY GLY A . n 
A 1 2   THR 2   517 517 THR THR A . n 
A 1 3   GLY 3   518 518 GLY GLY A . n 
A 1 4   ILE 4   519 519 ILE ILE A . n 
A 1 5   LYS 5   520 520 LYS LYS A . n 
A 1 6   VAL 6   521 521 VAL VAL A . n 
A 1 7   PHE 7   522 522 PHE PHE A . n 
A 1 8   PHE 8   523 523 PHE PHE A . n 
A 1 9   VAL 9   524 524 VAL VAL A . n 
A 1 10  THR 10  525 525 THR THR A . n 
A 1 11  PRO 11  526 526 PRO PRO A . n 
A 1 12  GLU 12  527 527 GLU GLU A . n 
A 1 13  GLY 13  528 528 GLY GLY A . n 
A 1 14  ARG 14  529 529 ARG ARG A . n 
A 1 15  GLU 15  530 530 GLU GLU A . n 
A 1 16  ILE 16  531 531 ILE ILE A . n 
A 1 17  MET 17  532 532 MET MET A . n 
A 1 18  ILE 18  533 533 ILE ILE A . n 
A 1 19  GLU 19  534 534 GLU GLU A . n 
A 1 20  GLY 20  535 535 GLY GLY A . n 
A 1 21  ASN 21  536 536 ASN ASN A . n 
A 1 22  GLU 22  537 537 GLU GLU A . n 
A 1 23  GLY 23  538 538 GLY GLY A . n 
A 1 24  ASP 24  539 539 ASP ASP A . n 
A 1 25  SER 25  540 540 SER SER A . n 
A 1 26  ILE 26  541 541 ILE ILE A . n 
A 1 27  LEU 27  542 542 LEU LEU A . n 
A 1 28  ASP 28  543 543 ASP ASP A . n 
A 1 29  LEU 29  544 544 LEU LEU A . n 
A 1 30  ALA 30  545 545 ALA ALA A . n 
A 1 31  HIS 31  546 546 HIS HIS A . n 
A 1 32  ALA 32  547 547 ALA ALA A . n 
A 1 33  ASN 33  548 548 ASN ASN A . n 
A 1 34  ASN 34  549 549 ASN ASN A . n 
A 1 35  ILE 35  550 550 ILE ILE A . n 
A 1 36  ASP 36  551 551 ASP ASP A . n 
A 1 37  LEU 37  552 552 LEU LEU A . n 
A 1 38  GLU 38  553 553 GLU GLU A . n 
A 1 39  GLY 39  554 554 GLY GLY A . n 
A 1 40  ALA 40  555 555 ALA ALA A . n 
A 1 41  CYS 41  556 556 CYS CYS A . n 
A 1 42  GLU 42  557 557 GLU GLU A . n 
A 1 43  GLY 43  558 558 GLY GLY A . n 
A 1 44  SER 44  559 559 SER SER A . n 
A 1 45  VAL 45  560 560 VAL VAL A . n 
A 1 46  ALA 46  561 561 ALA ALA A . n 
A 1 47  CYS 47  562 562 CYS CYS A . n 
A 1 48  SER 48  563 563 SER SER A . n 
A 1 49  THR 49  564 564 THR THR A . n 
A 1 50  CYS 50  565 565 CYS CYS A . n 
A 1 51  HIS 51  566 566 HIS HIS A . n 
A 1 52  VAL 52  567 567 VAL VAL A . n 
A 1 53  ILE 53  568 568 ILE ILE A . n 
A 1 54  VAL 54  569 569 VAL VAL A . n 
A 1 55  ASP 55  570 570 ASP ASP A . n 
A 1 56  PRO 56  571 571 PRO PRO A . n 
A 1 57  GLU 57  572 572 GLU GLU A . n 
A 1 58  HIS 58  573 573 HIS HIS A . n 
A 1 59  TYR 59  574 574 TYR TYR A . n 
A 1 60  GLU 60  575 575 GLU GLU A . n 
A 1 61  LEU 61  576 576 LEU LEU A . n 
A 1 62  LEU 62  577 577 LEU LEU A . n 
A 1 63  ASP 63  578 578 ASP ASP A . n 
A 1 64  PRO 64  579 579 PRO PRO A . n 
A 1 65  PRO 65  580 580 PRO PRO A . n 
A 1 66  GLU 66  581 581 GLU GLU A . n 
A 1 67  GLU 67  582 582 GLU GLU A . n 
A 1 68  ASP 68  583 583 ASP ASP A . n 
A 1 69  GLU 69  584 584 GLU GLU A . n 
A 1 70  GLU 70  585 585 GLU GLU A . n 
A 1 71  ASP 71  586 586 ASP ASP A . n 
A 1 72  MET 72  587 587 MET MET A . n 
A 1 73  LEU 73  588 588 LEU LEU A . n 
A 1 74  ASP 74  589 589 ASP ASP A . n 
A 1 75  LEU 75  590 590 LEU LEU A . n 
A 1 76  ALA 76  591 591 ALA ALA A . n 
A 1 77  PHE 77  592 592 PHE PHE A . n 
A 1 78  GLY 78  593 593 GLY GLY A . n 
A 1 79  LEU 79  594 594 LEU LEU A . n 
A 1 80  GLU 80  595 595 GLU GLU A . n 
A 1 81  GLU 81  596 596 GLU GLU A . n 
A 1 82  THR 82  597 597 THR THR A . n 
A 1 83  SER 83  598 598 SER SER A . n 
A 1 84  ARG 84  599 599 ARG ARG A . n 
A 1 85  LEU 85  600 600 LEU LEU A . n 
A 1 86  GLY 86  601 601 GLY GLY A . n 
A 1 87  CYS 87  602 602 CYS CYS A . n 
A 1 88  GLN 88  603 603 GLN GLN A . n 
A 1 89  VAL 89  604 604 VAL VAL A . n 
A 1 90  LEU 90  605 605 LEU LEU A . n 
A 1 91  LEU 91  606 606 LEU LEU A . n 
A 1 92  ARG 92  607 607 ARG ARG A . n 
A 1 93  LYS 93  608 608 LYS LYS A . n 
A 1 94  ASP 94  609 609 ASP ASP A . n 
A 1 95  LEU 95  610 610 LEU LEU A . n 
A 1 96  ASP 96  611 611 ASP ASP A . n 
A 1 97  GLY 97  612 612 GLY GLY A . n 
A 1 98  ILE 98  613 613 ILE ILE A . n 
A 1 99  ARG 99  614 614 ARG ARG A . n 
A 1 100 VAL 100 615 615 VAL VAL A . n 
A 1 101 ARG 101 616 616 ARG ARG A . n 
A 1 102 ILE 102 617 617 ILE ILE A . n 
A 1 103 PRO 103 618 618 PRO PRO A . n 
B 1 1   GLY 1   516 ?   ?   ?   B . n 
B 1 2   THR 2   517 ?   ?   ?   B . n 
B 1 3   GLY 3   518 518 GLY GLY B . n 
B 1 4   ILE 4   519 519 ILE ILE B . n 
B 1 5   LYS 5   520 520 LYS LYS B . n 
B 1 6   VAL 6   521 521 VAL VAL B . n 
B 1 7   PHE 7   522 522 PHE PHE B . n 
B 1 8   PHE 8   523 523 PHE PHE B . n 
B 1 9   VAL 9   524 524 VAL VAL B . n 
B 1 10  THR 10  525 525 THR THR B . n 
B 1 11  PRO 11  526 526 PRO PRO B . n 
B 1 12  GLU 12  527 527 GLU GLU B . n 
B 1 13  GLY 13  528 528 GLY GLY B . n 
B 1 14  ARG 14  529 529 ARG ARG B . n 
B 1 15  GLU 15  530 530 GLU GLU B . n 
B 1 16  ILE 16  531 531 ILE ILE B . n 
B 1 17  MET 17  532 532 MET MET B . n 
B 1 18  ILE 18  533 533 ILE ILE B . n 
B 1 19  GLU 19  534 534 GLU GLU B . n 
B 1 20  GLY 20  535 535 GLY GLY B . n 
B 1 21  ASN 21  536 536 ASN ASN B . n 
B 1 22  GLU 22  537 537 GLU GLU B . n 
B 1 23  GLY 23  538 538 GLY GLY B . n 
B 1 24  ASP 24  539 539 ASP ASP B . n 
B 1 25  SER 25  540 540 SER SER B . n 
B 1 26  ILE 26  541 541 ILE ILE B . n 
B 1 27  LEU 27  542 542 LEU LEU B . n 
B 1 28  ASP 28  543 543 ASP ASP B . n 
B 1 29  LEU 29  544 544 LEU LEU B . n 
B 1 30  ALA 30  545 545 ALA ALA B . n 
B 1 31  HIS 31  546 546 HIS HIS B . n 
B 1 32  ALA 32  547 547 ALA ALA B . n 
B 1 33  ASN 33  548 548 ASN ASN B . n 
B 1 34  ASN 34  549 549 ASN ASN B . n 
B 1 35  ILE 35  550 550 ILE ILE B . n 
B 1 36  ASP 36  551 551 ASP ASP B . n 
B 1 37  LEU 37  552 552 LEU LEU B . n 
B 1 38  GLU 38  553 553 GLU GLU B . n 
B 1 39  GLY 39  554 554 GLY GLY B . n 
B 1 40  ALA 40  555 555 ALA ALA B . n 
B 1 41  CYS 41  556 556 CYS CYS B . n 
B 1 42  GLU 42  557 557 GLU GLU B . n 
B 1 43  GLY 43  558 558 GLY GLY B . n 
B 1 44  SER 44  559 559 SER SER B . n 
B 1 45  VAL 45  560 560 VAL VAL B . n 
B 1 46  ALA 46  561 561 ALA ALA B . n 
B 1 47  CYS 47  562 562 CYS CYS B . n 
B 1 48  SER 48  563 563 SER SER B . n 
B 1 49  THR 49  564 564 THR THR B . n 
B 1 50  CYS 50  565 565 CYS CYS B . n 
B 1 51  HIS 51  566 566 HIS HIS B . n 
B 1 52  VAL 52  567 567 VAL VAL B . n 
B 1 53  ILE 53  568 568 ILE ILE B . n 
B 1 54  VAL 54  569 569 VAL VAL B . n 
B 1 55  ASP 55  570 570 ASP ASP B . n 
B 1 56  PRO 56  571 571 PRO PRO B . n 
B 1 57  GLU 57  572 572 GLU GLU B . n 
B 1 58  HIS 58  573 573 HIS HIS B . n 
B 1 59  TYR 59  574 574 TYR TYR B . n 
B 1 60  GLU 60  575 575 GLU GLU B . n 
B 1 61  LEU 61  576 576 LEU LEU B . n 
B 1 62  LEU 62  577 577 LEU LEU B . n 
B 1 63  ASP 63  578 578 ASP ASP B . n 
B 1 64  PRO 64  579 579 PRO PRO B . n 
B 1 65  PRO 65  580 580 PRO PRO B . n 
B 1 66  GLU 66  581 581 GLU GLU B . n 
B 1 67  GLU 67  582 582 GLU GLU B . n 
B 1 68  ASP 68  583 583 ASP ASP B . n 
B 1 69  GLU 69  584 584 GLU GLU B . n 
B 1 70  GLU 70  585 585 GLU GLU B . n 
B 1 71  ASP 71  586 586 ASP ASP B . n 
B 1 72  MET 72  587 587 MET MET B . n 
B 1 73  LEU 73  588 588 LEU LEU B . n 
B 1 74  ASP 74  589 589 ASP ASP B . n 
B 1 75  LEU 75  590 590 LEU LEU B . n 
B 1 76  ALA 76  591 591 ALA ALA B . n 
B 1 77  PHE 77  592 592 PHE PHE B . n 
B 1 78  GLY 78  593 593 GLY GLY B . n 
B 1 79  LEU 79  594 594 LEU LEU B . n 
B 1 80  GLU 80  595 595 GLU GLU B . n 
B 1 81  GLU 81  596 596 GLU GLU B . n 
B 1 82  THR 82  597 597 THR THR B . n 
B 1 83  SER 83  598 598 SER SER B . n 
B 1 84  ARG 84  599 599 ARG ARG B . n 
B 1 85  LEU 85  600 600 LEU LEU B . n 
B 1 86  GLY 86  601 601 GLY GLY B . n 
B 1 87  CYS 87  602 602 CYS CYS B . n 
B 1 88  GLN 88  603 603 GLN GLN B . n 
B 1 89  VAL 89  604 604 VAL VAL B . n 
B 1 90  LEU 90  605 605 LEU LEU B . n 
B 1 91  LEU 91  606 606 LEU LEU B . n 
B 1 92  ARG 92  607 607 ARG ARG B . n 
B 1 93  LYS 93  608 608 LYS LYS B . n 
B 1 94  ASP 94  609 609 ASP ASP B . n 
B 1 95  LEU 95  610 610 LEU LEU B . n 
B 1 96  ASP 96  611 611 ASP ASP B . n 
B 1 97  GLY 97  612 612 GLY GLY B . n 
B 1 98  ILE 98  613 613 ILE ILE B . n 
B 1 99  ARG 99  614 614 ARG ARG B . n 
B 1 100 VAL 100 615 615 VAL VAL B . n 
B 1 101 ARG 101 616 616 ARG ARG B . n 
B 1 102 ILE 102 617 617 ILE ILE B . n 
B 1 103 PRO 103 618 618 PRO PRO B . n 
# 
loop_
_pdbx_nonpoly_scheme.asym_id 
_pdbx_nonpoly_scheme.entity_id 
_pdbx_nonpoly_scheme.mon_id 
_pdbx_nonpoly_scheme.ndb_seq_num 
_pdbx_nonpoly_scheme.pdb_seq_num 
_pdbx_nonpoly_scheme.auth_seq_num 
_pdbx_nonpoly_scheme.pdb_mon_id 
_pdbx_nonpoly_scheme.auth_mon_id 
_pdbx_nonpoly_scheme.pdb_strand_id 
_pdbx_nonpoly_scheme.pdb_ins_code 
C 2 FES 1 619  619  FES FES A . 
D 2 FES 1 619  619  FES FES B . 
E 3 HOH 1 2001 2001 HOH HOH A . 
E 3 HOH 2 2002 2002 HOH HOH A . 
# 
loop_
_pdbx_struct_assembly.id 
_pdbx_struct_assembly.details 
_pdbx_struct_assembly.method_details 
_pdbx_struct_assembly.oligomeric_details 
_pdbx_struct_assembly.oligomeric_count 
1 author_defined_assembly ? monomeric 1 
2 author_defined_assembly ? monomeric 1 
# 
loop_
_pdbx_struct_assembly_gen.assembly_id 
_pdbx_struct_assembly_gen.oper_expression 
_pdbx_struct_assembly_gen.asym_id_list 
1 1 A,C,E 
2 1 B,D   
# 
_pdbx_struct_oper_list.id                   1 
_pdbx_struct_oper_list.type                 'identity operation' 
_pdbx_struct_oper_list.name                 1_555 
_pdbx_struct_oper_list.symmetry_operation   x,y,z 
_pdbx_struct_oper_list.matrix[1][1]         1.0000000000 
_pdbx_struct_oper_list.matrix[1][2]         0.0000000000 
_pdbx_struct_oper_list.matrix[1][3]         0.0000000000 
_pdbx_struct_oper_list.vector[1]            0.0000000000 
_pdbx_struct_oper_list.matrix[2][1]         0.0000000000 
_pdbx_struct_oper_list.matrix[2][2]         1.0000000000 
_pdbx_struct_oper_list.matrix[2][3]         0.0000000000 
_pdbx_struct_oper_list.vector[2]            0.0000000000 
_pdbx_struct_oper_list.matrix[3][1]         0.0000000000 
_pdbx_struct_oper_list.matrix[3][2]         0.0000000000 
_pdbx_struct_oper_list.matrix[3][3]         1.0000000000 
_pdbx_struct_oper_list.vector[3]            0.0000000000 
# 
loop_
_pdbx_struct_conn_angle.id 
_pdbx_struct_conn_angle.ptnr1_label_atom_id 
_pdbx_struct_conn_angle.ptnr1_label_alt_id 
_pdbx_struct_conn_angle.ptnr1_label_asym_id 
_pdbx_struct_conn_angle.ptnr1_label_comp_id 
_pdbx_struct_conn_angle.ptnr1_label_seq_id 
_pdbx_struct_conn_angle.ptnr1_auth_atom_id 
_pdbx_struct_conn_angle.ptnr1_auth_asym_id 
_pdbx_struct_conn_angle.ptnr1_auth_comp_id 
_pdbx_struct_conn_angle.ptnr1_auth_seq_id 
_pdbx_struct_conn_angle.ptnr1_PDB_ins_code 
_pdbx_struct_conn_angle.ptnr1_symmetry 
_pdbx_struct_conn_angle.ptnr2_label_atom_id 
_pdbx_struct_conn_angle.ptnr2_label_alt_id 
_pdbx_struct_conn_angle.ptnr2_label_asym_id 
_pdbx_struct_conn_angle.ptnr2_label_comp_id 
_pdbx_struct_conn_angle.ptnr2_label_seq_id 
_pdbx_struct_conn_angle.ptnr2_auth_atom_id 
_pdbx_struct_conn_angle.ptnr2_auth_asym_id 
_pdbx_struct_conn_angle.ptnr2_auth_comp_id 
_pdbx_struct_conn_angle.ptnr2_auth_seq_id 
_pdbx_struct_conn_angle.ptnr2_PDB_ins_code 
_pdbx_struct_conn_angle.ptnr2_symmetry 
_pdbx_struct_conn_angle.ptnr3_label_atom_id 
_pdbx_struct_conn_angle.ptnr3_label_alt_id 
_pdbx_struct_conn_angle.ptnr3_label_asym_id 
_pdbx_struct_conn_angle.ptnr3_label_comp_id 
_pdbx_struct_conn_angle.ptnr3_label_seq_id 
_pdbx_struct_conn_angle.ptnr3_auth_atom_id 
_pdbx_struct_conn_angle.ptnr3_auth_asym_id 
_pdbx_struct_conn_angle.ptnr3_auth_comp_id 
_pdbx_struct_conn_angle.ptnr3_auth_seq_id 
_pdbx_struct_conn_angle.ptnr3_PDB_ins_code 
_pdbx_struct_conn_angle.ptnr3_symmetry 
_pdbx_struct_conn_angle.value 
_pdbx_struct_conn_angle.value_esd 
1  SG ? A CYS 41 ? A CYS 556 ? 1_555 FE2 ? C FES . ? A FES 619 ? 1_555 S1 ? C FES .  ? A FES 619 ? 1_555 106.4 ? 
2  SG ? A CYS 41 ? A CYS 556 ? 1_555 FE2 ? C FES . ? A FES 619 ? 1_555 S2 ? C FES .  ? A FES 619 ? 1_555 96.9  ? 
3  S1 ? C FES .  ? A FES 619 ? 1_555 FE2 ? C FES . ? A FES 619 ? 1_555 S2 ? C FES .  ? A FES 619 ? 1_555 98.0  ? 
4  SG ? A CYS 41 ? A CYS 556 ? 1_555 FE2 ? C FES . ? A FES 619 ? 1_555 SG ? A CYS 47 ? A CYS 562 ? 1_555 113.8 ? 
5  S1 ? C FES .  ? A FES 619 ? 1_555 FE2 ? C FES . ? A FES 619 ? 1_555 SG ? A CYS 47 ? A CYS 562 ? 1_555 112.7 ? 
6  S2 ? C FES .  ? A FES 619 ? 1_555 FE2 ? C FES . ? A FES 619 ? 1_555 SG ? A CYS 47 ? A CYS 562 ? 1_555 126.2 ? 
7  SG ? A CYS 50 ? A CYS 565 ? 1_555 FE1 ? C FES . ? A FES 619 ? 1_555 S1 ? C FES .  ? A FES 619 ? 1_555 111.6 ? 
8  SG ? A CYS 50 ? A CYS 565 ? 1_555 FE1 ? C FES . ? A FES 619 ? 1_555 S2 ? C FES .  ? A FES 619 ? 1_555 105.9 ? 
9  S1 ? C FES .  ? A FES 619 ? 1_555 FE1 ? C FES . ? A FES 619 ? 1_555 S2 ? C FES .  ? A FES 619 ? 1_555 98.1  ? 
10 SG ? A CYS 50 ? A CYS 565 ? 1_555 FE1 ? C FES . ? A FES 619 ? 1_555 SG ? A CYS 87 ? A CYS 602 ? 1_555 99.6  ? 
11 S1 ? C FES .  ? A FES 619 ? 1_555 FE1 ? C FES . ? A FES 619 ? 1_555 SG ? A CYS 87 ? A CYS 602 ? 1_555 126.9 ? 
12 S2 ? C FES .  ? A FES 619 ? 1_555 FE1 ? C FES . ? A FES 619 ? 1_555 SG ? A CYS 87 ? A CYS 602 ? 1_555 113.7 ? 
13 SG ? B CYS 41 ? B CYS 556 ? 1_555 FE2 ? D FES . ? B FES 619 ? 1_555 S1 ? D FES .  ? B FES 619 ? 1_555 111.7 ? 
14 SG ? B CYS 41 ? B CYS 556 ? 1_555 FE2 ? D FES . ? B FES 619 ? 1_555 S2 ? D FES .  ? B FES 619 ? 1_555 103.5 ? 
15 S1 ? D FES .  ? B FES 619 ? 1_555 FE2 ? D FES . ? B FES 619 ? 1_555 S2 ? D FES .  ? B FES 619 ? 1_555 90.0  ? 
16 SG ? B CYS 41 ? B CYS 556 ? 1_555 FE2 ? D FES . ? B FES 619 ? 1_555 SG ? B CYS 47 ? B CYS 562 ? 1_555 111.7 ? 
17 S1 ? D FES .  ? B FES 619 ? 1_555 FE2 ? D FES . ? B FES 619 ? 1_555 SG ? B CYS 47 ? B CYS 562 ? 1_555 120.0 ? 
18 S2 ? D FES .  ? B FES 619 ? 1_555 FE2 ? D FES . ? B FES 619 ? 1_555 SG ? B CYS 47 ? B CYS 562 ? 1_555 117.2 ? 
19 SG ? B CYS 50 ? B CYS 565 ? 1_555 FE1 ? D FES . ? B FES 619 ? 1_555 S1 ? D FES .  ? B FES 619 ? 1_555 109.4 ? 
20 SG ? B CYS 50 ? B CYS 565 ? 1_555 FE1 ? D FES . ? B FES 619 ? 1_555 S2 ? D FES .  ? B FES 619 ? 1_555 109.4 ? 
21 S1 ? D FES .  ? B FES 619 ? 1_555 FE1 ? D FES . ? B FES 619 ? 1_555 S2 ? D FES .  ? B FES 619 ? 1_555 91.1  ? 
22 SG ? B CYS 50 ? B CYS 565 ? 1_555 FE1 ? D FES . ? B FES 619 ? 1_555 SG ? B CYS 87 ? B CYS 602 ? 1_555 113.5 ? 
23 S1 ? D FES .  ? B FES 619 ? 1_555 FE1 ? D FES . ? B FES 619 ? 1_555 SG ? B CYS 87 ? B CYS 602 ? 1_555 118.3 ? 
24 S2 ? D FES .  ? B FES 619 ? 1_555 FE1 ? D FES . ? B FES 619 ? 1_555 SG ? B CYS 87 ? B CYS 602 ? 1_555 112.9 ? 
# 
loop_
_pdbx_audit_revision_history.ordinal 
_pdbx_audit_revision_history.data_content_type 
_pdbx_audit_revision_history.major_revision 
_pdbx_audit_revision_history.minor_revision 
_pdbx_audit_revision_history.revision_date 
1 'Structure model' 1 0 2010-08-25 
2 'Structure model' 1 1 2011-05-19 
3 'Structure model' 1 2 2011-07-13 
4 'Structure model' 1 3 2019-01-30 
5 'Structure model' 1 4 2019-04-03 
6 'Structure model' 1 5 2019-10-09 
7 'Structure model' 1 6 2023-12-13 
# 
_pdbx_audit_revision_details.ordinal             1 
_pdbx_audit_revision_details.revision_ordinal    1 
_pdbx_audit_revision_details.data_content_type   'Structure model' 
_pdbx_audit_revision_details.provider            repository 
_pdbx_audit_revision_details.type                'Initial release' 
_pdbx_audit_revision_details.description         ? 
_pdbx_audit_revision_details.details             ? 
# 
loop_
_pdbx_audit_revision_group.ordinal 
_pdbx_audit_revision_group.revision_ordinal 
_pdbx_audit_revision_group.data_content_type 
_pdbx_audit_revision_group.group 
1  2 'Structure model' 'Version format compliance' 
2  3 'Structure model' 'Version format compliance' 
3  4 'Structure model' 'Data collection'           
4  4 'Structure model' 'Experimental preparation'  
5  5 'Structure model' 'Data collection'           
6  5 'Structure model' 'Experimental preparation'  
7  6 'Structure model' 'Data collection'           
8  6 'Structure model' 'Derived calculations'      
9  6 'Structure model' Other                       
10 7 'Structure model' 'Data collection'           
11 7 'Structure model' 'Database references'       
12 7 'Structure model' 'Derived calculations'      
13 7 'Structure model' 'Refinement description'    
# 
loop_
_pdbx_audit_revision_category.ordinal 
_pdbx_audit_revision_category.revision_ordinal 
_pdbx_audit_revision_category.data_content_type 
_pdbx_audit_revision_category.category 
1  4 'Structure model' exptl_crystal_grow            
2  5 'Structure model' exptl_crystal_grow            
3  6 'Structure model' pdbx_database_status          
4  6 'Structure model' pdbx_struct_assembly          
5  6 'Structure model' pdbx_struct_assembly_gen      
6  6 'Structure model' pdbx_struct_assembly_prop     
7  7 'Structure model' chem_comp_atom                
8  7 'Structure model' chem_comp_bond                
9  7 'Structure model' database_2                    
10 7 'Structure model' pdbx_initial_refinement_model 
11 7 'Structure model' pdbx_struct_conn_angle        
12 7 'Structure model' struct_conn                   
13 7 'Structure model' struct_site                   
# 
loop_
_pdbx_audit_revision_item.ordinal 
_pdbx_audit_revision_item.revision_ordinal 
_pdbx_audit_revision_item.data_content_type 
_pdbx_audit_revision_item.item 
1  4 'Structure model' '_exptl_crystal_grow.method'                  
2  5 'Structure model' '_exptl_crystal_grow.temp'                    
3  6 'Structure model' '_pdbx_database_status.status_code_sf'        
4  7 'Structure model' '_database_2.pdbx_DOI'                        
5  7 'Structure model' '_database_2.pdbx_database_accession'         
6  7 'Structure model' '_pdbx_struct_conn_angle.ptnr1_auth_seq_id'   
7  7 'Structure model' '_pdbx_struct_conn_angle.ptnr1_label_seq_id'  
8  7 'Structure model' '_pdbx_struct_conn_angle.ptnr2_label_atom_id' 
9  7 'Structure model' '_pdbx_struct_conn_angle.ptnr3_auth_seq_id'   
10 7 'Structure model' '_pdbx_struct_conn_angle.ptnr3_label_seq_id'  
11 7 'Structure model' '_pdbx_struct_conn_angle.value'               
12 7 'Structure model' '_struct_conn.pdbx_dist_value'                
13 7 'Structure model' '_struct_conn.ptnr1_auth_comp_id'             
14 7 'Structure model' '_struct_conn.ptnr1_auth_seq_id'              
15 7 'Structure model' '_struct_conn.ptnr1_label_asym_id'            
16 7 'Structure model' '_struct_conn.ptnr1_label_atom_id'            
17 7 'Structure model' '_struct_conn.ptnr1_label_comp_id'            
18 7 'Structure model' '_struct_conn.ptnr1_label_seq_id'             
19 7 'Structure model' '_struct_conn.ptnr2_auth_comp_id'             
20 7 'Structure model' '_struct_conn.ptnr2_auth_seq_id'              
21 7 'Structure model' '_struct_conn.ptnr2_label_asym_id'            
22 7 'Structure model' '_struct_conn.ptnr2_label_atom_id'            
23 7 'Structure model' '_struct_conn.ptnr2_label_comp_id'            
24 7 'Structure model' '_struct_conn.ptnr2_label_seq_id'             
25 7 'Structure model' '_struct_site.pdbx_auth_asym_id'              
26 7 'Structure model' '_struct_site.pdbx_auth_comp_id'              
27 7 'Structure model' '_struct_site.pdbx_auth_seq_id'               
# 
loop_
_software.name 
_software.classification 
_software.version 
_software.citation_id 
_software.pdbx_ordinal 
_software.date 
_software.type 
_software.location 
_software.language 
XDS            'data reduction' .        ? 1 ? ? ? ? 
XSCALE         'data scaling'   .        ? 2 ? ? ? ? 
SWISS-MODELLER phasing          .        ? 3 ? ? ? ? 
PHASER         phasing          .        ? 4 ? ? ? ? 
REFMAC         refinement       5.2.0019 ? 5 ? ? ? ? 
# 
_pdbx_validate_torsion.id              1 
_pdbx_validate_torsion.PDB_model_num   1 
_pdbx_validate_torsion.auth_comp_id    GLU 
_pdbx_validate_torsion.auth_asym_id    B 
_pdbx_validate_torsion.auth_seq_id     557 
_pdbx_validate_torsion.PDB_ins_code    ? 
_pdbx_validate_torsion.label_alt_id    ? 
_pdbx_validate_torsion.phi             36.26 
_pdbx_validate_torsion.psi             69.05 
# 
loop_
_pdbx_unobs_or_zero_occ_residues.id 
_pdbx_unobs_or_zero_occ_residues.PDB_model_num 
_pdbx_unobs_or_zero_occ_residues.polymer_flag 
_pdbx_unobs_or_zero_occ_residues.occupancy_flag 
_pdbx_unobs_or_zero_occ_residues.auth_asym_id 
_pdbx_unobs_or_zero_occ_residues.auth_comp_id 
_pdbx_unobs_or_zero_occ_residues.auth_seq_id 
_pdbx_unobs_or_zero_occ_residues.PDB_ins_code 
_pdbx_unobs_or_zero_occ_residues.label_asym_id 
_pdbx_unobs_or_zero_occ_residues.label_comp_id 
_pdbx_unobs_or_zero_occ_residues.label_seq_id 
1 1 Y 1 B GLY 516 ? B GLY 1 
2 1 Y 1 B THR 517 ? B THR 2 
# 
loop_
_chem_comp_atom.comp_id 
_chem_comp_atom.atom_id 
_chem_comp_atom.type_symbol 
_chem_comp_atom.pdbx_aromatic_flag 
_chem_comp_atom.pdbx_stereo_config 
_chem_comp_atom.pdbx_ordinal 
ALA N    N  N N 1   
ALA CA   C  N S 2   
ALA C    C  N N 3   
ALA O    O  N N 4   
ALA CB   C  N N 5   
ALA OXT  O  N N 6   
ALA H    H  N N 7   
ALA H2   H  N N 8   
ALA HA   H  N N 9   
ALA HB1  H  N N 10  
ALA HB2  H  N N 11  
ALA HB3  H  N N 12  
ALA HXT  H  N N 13  
ARG N    N  N N 14  
ARG CA   C  N S 15  
ARG C    C  N N 16  
ARG O    O  N N 17  
ARG CB   C  N N 18  
ARG CG   C  N N 19  
ARG CD   C  N N 20  
ARG NE   N  N N 21  
ARG CZ   C  N N 22  
ARG NH1  N  N N 23  
ARG NH2  N  N N 24  
ARG OXT  O  N N 25  
ARG H    H  N N 26  
ARG H2   H  N N 27  
ARG HA   H  N N 28  
ARG HB2  H  N N 29  
ARG HB3  H  N N 30  
ARG HG2  H  N N 31  
ARG HG3  H  N N 32  
ARG HD2  H  N N 33  
ARG HD3  H  N N 34  
ARG HE   H  N N 35  
ARG HH11 H  N N 36  
ARG HH12 H  N N 37  
ARG HH21 H  N N 38  
ARG HH22 H  N N 39  
ARG HXT  H  N N 40  
ASN N    N  N N 41  
ASN CA   C  N S 42  
ASN C    C  N N 43  
ASN O    O  N N 44  
ASN CB   C  N N 45  
ASN CG   C  N N 46  
ASN OD1  O  N N 47  
ASN ND2  N  N N 48  
ASN OXT  O  N N 49  
ASN H    H  N N 50  
ASN H2   H  N N 51  
ASN HA   H  N N 52  
ASN HB2  H  N N 53  
ASN HB3  H  N N 54  
ASN HD21 H  N N 55  
ASN HD22 H  N N 56  
ASN HXT  H  N N 57  
ASP N    N  N N 58  
ASP CA   C  N S 59  
ASP C    C  N N 60  
ASP O    O  N N 61  
ASP CB   C  N N 62  
ASP CG   C  N N 63  
ASP OD1  O  N N 64  
ASP OD2  O  N N 65  
ASP OXT  O  N N 66  
ASP H    H  N N 67  
ASP H2   H  N N 68  
ASP HA   H  N N 69  
ASP HB2  H  N N 70  
ASP HB3  H  N N 71  
ASP HD2  H  N N 72  
ASP HXT  H  N N 73  
CYS N    N  N N 74  
CYS CA   C  N R 75  
CYS C    C  N N 76  
CYS O    O  N N 77  
CYS CB   C  N N 78  
CYS SG   S  N N 79  
CYS OXT  O  N N 80  
CYS H    H  N N 81  
CYS H2   H  N N 82  
CYS HA   H  N N 83  
CYS HB2  H  N N 84  
CYS HB3  H  N N 85  
CYS HG   H  N N 86  
CYS HXT  H  N N 87  
FES FE1  FE N N 88  
FES FE2  FE N N 89  
FES S1   S  N N 90  
FES S2   S  N N 91  
GLN N    N  N N 92  
GLN CA   C  N S 93  
GLN C    C  N N 94  
GLN O    O  N N 95  
GLN CB   C  N N 96  
GLN CG   C  N N 97  
GLN CD   C  N N 98  
GLN OE1  O  N N 99  
GLN NE2  N  N N 100 
GLN OXT  O  N N 101 
GLN H    H  N N 102 
GLN H2   H  N N 103 
GLN HA   H  N N 104 
GLN HB2  H  N N 105 
GLN HB3  H  N N 106 
GLN HG2  H  N N 107 
GLN HG3  H  N N 108 
GLN HE21 H  N N 109 
GLN HE22 H  N N 110 
GLN HXT  H  N N 111 
GLU N    N  N N 112 
GLU CA   C  N S 113 
GLU C    C  N N 114 
GLU O    O  N N 115 
GLU CB   C  N N 116 
GLU CG   C  N N 117 
GLU CD   C  N N 118 
GLU OE1  O  N N 119 
GLU OE2  O  N N 120 
GLU OXT  O  N N 121 
GLU H    H  N N 122 
GLU H2   H  N N 123 
GLU HA   H  N N 124 
GLU HB2  H  N N 125 
GLU HB3  H  N N 126 
GLU HG2  H  N N 127 
GLU HG3  H  N N 128 
GLU HE2  H  N N 129 
GLU HXT  H  N N 130 
GLY N    N  N N 131 
GLY CA   C  N N 132 
GLY C    C  N N 133 
GLY O    O  N N 134 
GLY OXT  O  N N 135 
GLY H    H  N N 136 
GLY H2   H  N N 137 
GLY HA2  H  N N 138 
GLY HA3  H  N N 139 
GLY HXT  H  N N 140 
HIS N    N  N N 141 
HIS CA   C  N S 142 
HIS C    C  N N 143 
HIS O    O  N N 144 
HIS CB   C  N N 145 
HIS CG   C  Y N 146 
HIS ND1  N  Y N 147 
HIS CD2  C  Y N 148 
HIS CE1  C  Y N 149 
HIS NE2  N  Y N 150 
HIS OXT  O  N N 151 
HIS H    H  N N 152 
HIS H2   H  N N 153 
HIS HA   H  N N 154 
HIS HB2  H  N N 155 
HIS HB3  H  N N 156 
HIS HD1  H  N N 157 
HIS HD2  H  N N 158 
HIS HE1  H  N N 159 
HIS HE2  H  N N 160 
HIS HXT  H  N N 161 
HOH O    O  N N 162 
HOH H1   H  N N 163 
HOH H2   H  N N 164 
ILE N    N  N N 165 
ILE CA   C  N S 166 
ILE C    C  N N 167 
ILE O    O  N N 168 
ILE CB   C  N S 169 
ILE CG1  C  N N 170 
ILE CG2  C  N N 171 
ILE CD1  C  N N 172 
ILE OXT  O  N N 173 
ILE H    H  N N 174 
ILE H2   H  N N 175 
ILE HA   H  N N 176 
ILE HB   H  N N 177 
ILE HG12 H  N N 178 
ILE HG13 H  N N 179 
ILE HG21 H  N N 180 
ILE HG22 H  N N 181 
ILE HG23 H  N N 182 
ILE HD11 H  N N 183 
ILE HD12 H  N N 184 
ILE HD13 H  N N 185 
ILE HXT  H  N N 186 
LEU N    N  N N 187 
LEU CA   C  N S 188 
LEU C    C  N N 189 
LEU O    O  N N 190 
LEU CB   C  N N 191 
LEU CG   C  N N 192 
LEU CD1  C  N N 193 
LEU CD2  C  N N 194 
LEU OXT  O  N N 195 
LEU H    H  N N 196 
LEU H2   H  N N 197 
LEU HA   H  N N 198 
LEU HB2  H  N N 199 
LEU HB3  H  N N 200 
LEU HG   H  N N 201 
LEU HD11 H  N N 202 
LEU HD12 H  N N 203 
LEU HD13 H  N N 204 
LEU HD21 H  N N 205 
LEU HD22 H  N N 206 
LEU HD23 H  N N 207 
LEU HXT  H  N N 208 
LYS N    N  N N 209 
LYS CA   C  N S 210 
LYS C    C  N N 211 
LYS O    O  N N 212 
LYS CB   C  N N 213 
LYS CG   C  N N 214 
LYS CD   C  N N 215 
LYS CE   C  N N 216 
LYS NZ   N  N N 217 
LYS OXT  O  N N 218 
LYS H    H  N N 219 
LYS H2   H  N N 220 
LYS HA   H  N N 221 
LYS HB2  H  N N 222 
LYS HB3  H  N N 223 
LYS HG2  H  N N 224 
LYS HG3  H  N N 225 
LYS HD2  H  N N 226 
LYS HD3  H  N N 227 
LYS HE2  H  N N 228 
LYS HE3  H  N N 229 
LYS HZ1  H  N N 230 
LYS HZ2  H  N N 231 
LYS HZ3  H  N N 232 
LYS HXT  H  N N 233 
MET N    N  N N 234 
MET CA   C  N S 235 
MET C    C  N N 236 
MET O    O  N N 237 
MET CB   C  N N 238 
MET CG   C  N N 239 
MET SD   S  N N 240 
MET CE   C  N N 241 
MET OXT  O  N N 242 
MET H    H  N N 243 
MET H2   H  N N 244 
MET HA   H  N N 245 
MET HB2  H  N N 246 
MET HB3  H  N N 247 
MET HG2  H  N N 248 
MET HG3  H  N N 249 
MET HE1  H  N N 250 
MET HE2  H  N N 251 
MET HE3  H  N N 252 
MET HXT  H  N N 253 
PHE N    N  N N 254 
PHE CA   C  N S 255 
PHE C    C  N N 256 
PHE O    O  N N 257 
PHE CB   C  N N 258 
PHE CG   C  Y N 259 
PHE CD1  C  Y N 260 
PHE CD2  C  Y N 261 
PHE CE1  C  Y N 262 
PHE CE2  C  Y N 263 
PHE CZ   C  Y N 264 
PHE OXT  O  N N 265 
PHE H    H  N N 266 
PHE H2   H  N N 267 
PHE HA   H  N N 268 
PHE HB2  H  N N 269 
PHE HB3  H  N N 270 
PHE HD1  H  N N 271 
PHE HD2  H  N N 272 
PHE HE1  H  N N 273 
PHE HE2  H  N N 274 
PHE HZ   H  N N 275 
PHE HXT  H  N N 276 
PRO N    N  N N 277 
PRO CA   C  N S 278 
PRO C    C  N N 279 
PRO O    O  N N 280 
PRO CB   C  N N 281 
PRO CG   C  N N 282 
PRO CD   C  N N 283 
PRO OXT  O  N N 284 
PRO H    H  N N 285 
PRO HA   H  N N 286 
PRO HB2  H  N N 287 
PRO HB3  H  N N 288 
PRO HG2  H  N N 289 
PRO HG3  H  N N 290 
PRO HD2  H  N N 291 
PRO HD3  H  N N 292 
PRO HXT  H  N N 293 
SER N    N  N N 294 
SER CA   C  N S 295 
SER C    C  N N 296 
SER O    O  N N 297 
SER CB   C  N N 298 
SER OG   O  N N 299 
SER OXT  O  N N 300 
SER H    H  N N 301 
SER H2   H  N N 302 
SER HA   H  N N 303 
SER HB2  H  N N 304 
SER HB3  H  N N 305 
SER HG   H  N N 306 
SER HXT  H  N N 307 
THR N    N  N N 308 
THR CA   C  N S 309 
THR C    C  N N 310 
THR O    O  N N 311 
THR CB   C  N R 312 
THR OG1  O  N N 313 
THR CG2  C  N N 314 
THR OXT  O  N N 315 
THR H    H  N N 316 
THR H2   H  N N 317 
THR HA   H  N N 318 
THR HB   H  N N 319 
THR HG1  H  N N 320 
THR HG21 H  N N 321 
THR HG22 H  N N 322 
THR HG23 H  N N 323 
THR HXT  H  N N 324 
TYR N    N  N N 325 
TYR CA   C  N S 326 
TYR C    C  N N 327 
TYR O    O  N N 328 
TYR CB   C  N N 329 
TYR CG   C  Y N 330 
TYR CD1  C  Y N 331 
TYR CD2  C  Y N 332 
TYR CE1  C  Y N 333 
TYR CE2  C  Y N 334 
TYR CZ   C  Y N 335 
TYR OH   O  N N 336 
TYR OXT  O  N N 337 
TYR H    H  N N 338 
TYR H2   H  N N 339 
TYR HA   H  N N 340 
TYR HB2  H  N N 341 
TYR HB3  H  N N 342 
TYR HD1  H  N N 343 
TYR HD2  H  N N 344 
TYR HE1  H  N N 345 
TYR HE2  H  N N 346 
TYR HH   H  N N 347 
TYR HXT  H  N N 348 
VAL N    N  N N 349 
VAL CA   C  N S 350 
VAL C    C  N N 351 
VAL O    O  N N 352 
VAL CB   C  N N 353 
VAL CG1  C  N N 354 
VAL CG2  C  N N 355 
VAL OXT  O  N N 356 
VAL H    H  N N 357 
VAL H2   H  N N 358 
VAL HA   H  N N 359 
VAL HB   H  N N 360 
VAL HG11 H  N N 361 
VAL HG12 H  N N 362 
VAL HG13 H  N N 363 
VAL HG21 H  N N 364 
VAL HG22 H  N N 365 
VAL HG23 H  N N 366 
VAL HXT  H  N N 367 
# 
loop_
_chem_comp_bond.comp_id 
_chem_comp_bond.atom_id_1 
_chem_comp_bond.atom_id_2 
_chem_comp_bond.value_order 
_chem_comp_bond.pdbx_aromatic_flag 
_chem_comp_bond.pdbx_stereo_config 
_chem_comp_bond.pdbx_ordinal 
ALA N   CA   sing N N 1   
ALA N   H    sing N N 2   
ALA N   H2   sing N N 3   
ALA CA  C    sing N N 4   
ALA CA  CB   sing N N 5   
ALA CA  HA   sing N N 6   
ALA C   O    doub N N 7   
ALA C   OXT  sing N N 8   
ALA CB  HB1  sing N N 9   
ALA CB  HB2  sing N N 10  
ALA CB  HB3  sing N N 11  
ALA OXT HXT  sing N N 12  
ARG N   CA   sing N N 13  
ARG N   H    sing N N 14  
ARG N   H2   sing N N 15  
ARG CA  C    sing N N 16  
ARG CA  CB   sing N N 17  
ARG CA  HA   sing N N 18  
ARG C   O    doub N N 19  
ARG C   OXT  sing N N 20  
ARG CB  CG   sing N N 21  
ARG CB  HB2  sing N N 22  
ARG CB  HB3  sing N N 23  
ARG CG  CD   sing N N 24  
ARG CG  HG2  sing N N 25  
ARG CG  HG3  sing N N 26  
ARG CD  NE   sing N N 27  
ARG CD  HD2  sing N N 28  
ARG CD  HD3  sing N N 29  
ARG NE  CZ   sing N N 30  
ARG NE  HE   sing N N 31  
ARG CZ  NH1  sing N N 32  
ARG CZ  NH2  doub N N 33  
ARG NH1 HH11 sing N N 34  
ARG NH1 HH12 sing N N 35  
ARG NH2 HH21 sing N N 36  
ARG NH2 HH22 sing N N 37  
ARG OXT HXT  sing N N 38  
ASN N   CA   sing N N 39  
ASN N   H    sing N N 40  
ASN N   H2   sing N N 41  
ASN CA  C    sing N N 42  
ASN CA  CB   sing N N 43  
ASN CA  HA   sing N N 44  
ASN C   O    doub N N 45  
ASN C   OXT  sing N N 46  
ASN CB  CG   sing N N 47  
ASN CB  HB2  sing N N 48  
ASN CB  HB3  sing N N 49  
ASN CG  OD1  doub N N 50  
ASN CG  ND2  sing N N 51  
ASN ND2 HD21 sing N N 52  
ASN ND2 HD22 sing N N 53  
ASN OXT HXT  sing N N 54  
ASP N   CA   sing N N 55  
ASP N   H    sing N N 56  
ASP N   H2   sing N N 57  
ASP CA  C    sing N N 58  
ASP CA  CB   sing N N 59  
ASP CA  HA   sing N N 60  
ASP C   O    doub N N 61  
ASP C   OXT  sing N N 62  
ASP CB  CG   sing N N 63  
ASP CB  HB2  sing N N 64  
ASP CB  HB3  sing N N 65  
ASP CG  OD1  doub N N 66  
ASP CG  OD2  sing N N 67  
ASP OD2 HD2  sing N N 68  
ASP OXT HXT  sing N N 69  
CYS N   CA   sing N N 70  
CYS N   H    sing N N 71  
CYS N   H2   sing N N 72  
CYS CA  C    sing N N 73  
CYS CA  CB   sing N N 74  
CYS CA  HA   sing N N 75  
CYS C   O    doub N N 76  
CYS C   OXT  sing N N 77  
CYS CB  SG   sing N N 78  
CYS CB  HB2  sing N N 79  
CYS CB  HB3  sing N N 80  
CYS SG  HG   sing N N 81  
CYS OXT HXT  sing N N 82  
FES FE1 S1   sing N N 83  
FES FE1 S2   sing N N 84  
FES FE2 S1   sing N N 85  
FES FE2 S2   sing N N 86  
GLN N   CA   sing N N 87  
GLN N   H    sing N N 88  
GLN N   H2   sing N N 89  
GLN CA  C    sing N N 90  
GLN CA  CB   sing N N 91  
GLN CA  HA   sing N N 92  
GLN C   O    doub N N 93  
GLN C   OXT  sing N N 94  
GLN CB  CG   sing N N 95  
GLN CB  HB2  sing N N 96  
GLN CB  HB3  sing N N 97  
GLN CG  CD   sing N N 98  
GLN CG  HG2  sing N N 99  
GLN CG  HG3  sing N N 100 
GLN CD  OE1  doub N N 101 
GLN CD  NE2  sing N N 102 
GLN NE2 HE21 sing N N 103 
GLN NE2 HE22 sing N N 104 
GLN OXT HXT  sing N N 105 
GLU N   CA   sing N N 106 
GLU N   H    sing N N 107 
GLU N   H2   sing N N 108 
GLU CA  C    sing N N 109 
GLU CA  CB   sing N N 110 
GLU CA  HA   sing N N 111 
GLU C   O    doub N N 112 
GLU C   OXT  sing N N 113 
GLU CB  CG   sing N N 114 
GLU CB  HB2  sing N N 115 
GLU CB  HB3  sing N N 116 
GLU CG  CD   sing N N 117 
GLU CG  HG2  sing N N 118 
GLU CG  HG3  sing N N 119 
GLU CD  OE1  doub N N 120 
GLU CD  OE2  sing N N 121 
GLU OE2 HE2  sing N N 122 
GLU OXT HXT  sing N N 123 
GLY N   CA   sing N N 124 
GLY N   H    sing N N 125 
GLY N   H2   sing N N 126 
GLY CA  C    sing N N 127 
GLY CA  HA2  sing N N 128 
GLY CA  HA3  sing N N 129 
GLY C   O    doub N N 130 
GLY C   OXT  sing N N 131 
GLY OXT HXT  sing N N 132 
HIS N   CA   sing N N 133 
HIS N   H    sing N N 134 
HIS N   H2   sing N N 135 
HIS CA  C    sing N N 136 
HIS CA  CB   sing N N 137 
HIS CA  HA   sing N N 138 
HIS C   O    doub N N 139 
HIS C   OXT  sing N N 140 
HIS CB  CG   sing N N 141 
HIS CB  HB2  sing N N 142 
HIS CB  HB3  sing N N 143 
HIS CG  ND1  sing Y N 144 
HIS CG  CD2  doub Y N 145 
HIS ND1 CE1  doub Y N 146 
HIS ND1 HD1  sing N N 147 
HIS CD2 NE2  sing Y N 148 
HIS CD2 HD2  sing N N 149 
HIS CE1 NE2  sing Y N 150 
HIS CE1 HE1  sing N N 151 
HIS NE2 HE2  sing N N 152 
HIS OXT HXT  sing N N 153 
HOH O   H1   sing N N 154 
HOH O   H2   sing N N 155 
ILE N   CA   sing N N 156 
ILE N   H    sing N N 157 
ILE N   H2   sing N N 158 
ILE CA  C    sing N N 159 
ILE CA  CB   sing N N 160 
ILE CA  HA   sing N N 161 
ILE C   O    doub N N 162 
ILE C   OXT  sing N N 163 
ILE CB  CG1  sing N N 164 
ILE CB  CG2  sing N N 165 
ILE CB  HB   sing N N 166 
ILE CG1 CD1  sing N N 167 
ILE CG1 HG12 sing N N 168 
ILE CG1 HG13 sing N N 169 
ILE CG2 HG21 sing N N 170 
ILE CG2 HG22 sing N N 171 
ILE CG2 HG23 sing N N 172 
ILE CD1 HD11 sing N N 173 
ILE CD1 HD12 sing N N 174 
ILE CD1 HD13 sing N N 175 
ILE OXT HXT  sing N N 176 
LEU N   CA   sing N N 177 
LEU N   H    sing N N 178 
LEU N   H2   sing N N 179 
LEU CA  C    sing N N 180 
LEU CA  CB   sing N N 181 
LEU CA  HA   sing N N 182 
LEU C   O    doub N N 183 
LEU C   OXT  sing N N 184 
LEU CB  CG   sing N N 185 
LEU CB  HB2  sing N N 186 
LEU CB  HB3  sing N N 187 
LEU CG  CD1  sing N N 188 
LEU CG  CD2  sing N N 189 
LEU CG  HG   sing N N 190 
LEU CD1 HD11 sing N N 191 
LEU CD1 HD12 sing N N 192 
LEU CD1 HD13 sing N N 193 
LEU CD2 HD21 sing N N 194 
LEU CD2 HD22 sing N N 195 
LEU CD2 HD23 sing N N 196 
LEU OXT HXT  sing N N 197 
LYS N   CA   sing N N 198 
LYS N   H    sing N N 199 
LYS N   H2   sing N N 200 
LYS CA  C    sing N N 201 
LYS CA  CB   sing N N 202 
LYS CA  HA   sing N N 203 
LYS C   O    doub N N 204 
LYS C   OXT  sing N N 205 
LYS CB  CG   sing N N 206 
LYS CB  HB2  sing N N 207 
LYS CB  HB3  sing N N 208 
LYS CG  CD   sing N N 209 
LYS CG  HG2  sing N N 210 
LYS CG  HG3  sing N N 211 
LYS CD  CE   sing N N 212 
LYS CD  HD2  sing N N 213 
LYS CD  HD3  sing N N 214 
LYS CE  NZ   sing N N 215 
LYS CE  HE2  sing N N 216 
LYS CE  HE3  sing N N 217 
LYS NZ  HZ1  sing N N 218 
LYS NZ  HZ2  sing N N 219 
LYS NZ  HZ3  sing N N 220 
LYS OXT HXT  sing N N 221 
MET N   CA   sing N N 222 
MET N   H    sing N N 223 
MET N   H2   sing N N 224 
MET CA  C    sing N N 225 
MET CA  CB   sing N N 226 
MET CA  HA   sing N N 227 
MET C   O    doub N N 228 
MET C   OXT  sing N N 229 
MET CB  CG   sing N N 230 
MET CB  HB2  sing N N 231 
MET CB  HB3  sing N N 232 
MET CG  SD   sing N N 233 
MET CG  HG2  sing N N 234 
MET CG  HG3  sing N N 235 
MET SD  CE   sing N N 236 
MET CE  HE1  sing N N 237 
MET CE  HE2  sing N N 238 
MET CE  HE3  sing N N 239 
MET OXT HXT  sing N N 240 
PHE N   CA   sing N N 241 
PHE N   H    sing N N 242 
PHE N   H2   sing N N 243 
PHE CA  C    sing N N 244 
PHE CA  CB   sing N N 245 
PHE CA  HA   sing N N 246 
PHE C   O    doub N N 247 
PHE C   OXT  sing N N 248 
PHE CB  CG   sing N N 249 
PHE CB  HB2  sing N N 250 
PHE CB  HB3  sing N N 251 
PHE CG  CD1  doub Y N 252 
PHE CG  CD2  sing Y N 253 
PHE CD1 CE1  sing Y N 254 
PHE CD1 HD1  sing N N 255 
PHE CD2 CE2  doub Y N 256 
PHE CD2 HD2  sing N N 257 
PHE CE1 CZ   doub Y N 258 
PHE CE1 HE1  sing N N 259 
PHE CE2 CZ   sing Y N 260 
PHE CE2 HE2  sing N N 261 
PHE CZ  HZ   sing N N 262 
PHE OXT HXT  sing N N 263 
PRO N   CA   sing N N 264 
PRO N   CD   sing N N 265 
PRO N   H    sing N N 266 
PRO CA  C    sing N N 267 
PRO CA  CB   sing N N 268 
PRO CA  HA   sing N N 269 
PRO C   O    doub N N 270 
PRO C   OXT  sing N N 271 
PRO CB  CG   sing N N 272 
PRO CB  HB2  sing N N 273 
PRO CB  HB3  sing N N 274 
PRO CG  CD   sing N N 275 
PRO CG  HG2  sing N N 276 
PRO CG  HG3  sing N N 277 
PRO CD  HD2  sing N N 278 
PRO CD  HD3  sing N N 279 
PRO OXT HXT  sing N N 280 
SER N   CA   sing N N 281 
SER N   H    sing N N 282 
SER N   H2   sing N N 283 
SER CA  C    sing N N 284 
SER CA  CB   sing N N 285 
SER CA  HA   sing N N 286 
SER C   O    doub N N 287 
SER C   OXT  sing N N 288 
SER CB  OG   sing N N 289 
SER CB  HB2  sing N N 290 
SER CB  HB3  sing N N 291 
SER OG  HG   sing N N 292 
SER OXT HXT  sing N N 293 
THR N   CA   sing N N 294 
THR N   H    sing N N 295 
THR N   H2   sing N N 296 
THR CA  C    sing N N 297 
THR CA  CB   sing N N 298 
THR CA  HA   sing N N 299 
THR C   O    doub N N 300 
THR C   OXT  sing N N 301 
THR CB  OG1  sing N N 302 
THR CB  CG2  sing N N 303 
THR CB  HB   sing N N 304 
THR OG1 HG1  sing N N 305 
THR CG2 HG21 sing N N 306 
THR CG2 HG22 sing N N 307 
THR CG2 HG23 sing N N 308 
THR OXT HXT  sing N N 309 
TYR N   CA   sing N N 310 
TYR N   H    sing N N 311 
TYR N   H2   sing N N 312 
TYR CA  C    sing N N 313 
TYR CA  CB   sing N N 314 
TYR CA  HA   sing N N 315 
TYR C   O    doub N N 316 
TYR C   OXT  sing N N 317 
TYR CB  CG   sing N N 318 
TYR CB  HB2  sing N N 319 
TYR CB  HB3  sing N N 320 
TYR CG  CD1  doub Y N 321 
TYR CG  CD2  sing Y N 322 
TYR CD1 CE1  sing Y N 323 
TYR CD1 HD1  sing N N 324 
TYR CD2 CE2  doub Y N 325 
TYR CD2 HD2  sing N N 326 
TYR CE1 CZ   doub Y N 327 
TYR CE1 HE1  sing N N 328 
TYR CE2 CZ   sing Y N 329 
TYR CE2 HE2  sing N N 330 
TYR CZ  OH   sing N N 331 
TYR OH  HH   sing N N 332 
TYR OXT HXT  sing N N 333 
VAL N   CA   sing N N 334 
VAL N   H    sing N N 335 
VAL N   H2   sing N N 336 
VAL CA  C    sing N N 337 
VAL CA  CB   sing N N 338 
VAL CA  HA   sing N N 339 
VAL C   O    doub N N 340 
VAL C   OXT  sing N N 341 
VAL CB  CG1  sing N N 342 
VAL CB  CG2  sing N N 343 
VAL CB  HB   sing N N 344 
VAL CG1 HG11 sing N N 345 
VAL CG1 HG12 sing N N 346 
VAL CG1 HG13 sing N N 347 
VAL CG2 HG21 sing N N 348 
VAL CG2 HG22 sing N N 349 
VAL CG2 HG23 sing N N 350 
VAL OXT HXT  sing N N 351 
# 
loop_
_pdbx_entity_nonpoly.entity_id 
_pdbx_entity_nonpoly.name 
_pdbx_entity_nonpoly.comp_id 
2 'FE2/S2 (INORGANIC) CLUSTER' FES 
3 water                        HOH 
# 
loop_
_pdbx_initial_refinement_model.id 
_pdbx_initial_refinement_model.entity_id_list 
_pdbx_initial_refinement_model.type 
_pdbx_initial_refinement_model.source_name 
_pdbx_initial_refinement_model.accession_code 
_pdbx_initial_refinement_model.details 
1 ? 'experimental model' PDB 1E6E 'PDB ENTRIES 1E6E,1AYF,1L6V,2BT6' 
2 ? 'experimental model' PDB 1AYF 'PDB ENTRIES 1E6E,1AYF,1L6V,2BT6' 
3 ? 'experimental model' PDB 1L6V 'PDB ENTRIES 1E6E,1AYF,1L6V,2BT6' 
4 ? 'experimental model' PDB 2BT6 'PDB ENTRIES 1E6E,1AYF,1L6V,2BT6' 
# 
